data_9O06
#
_entry.id   9O06
#
_cell.length_a   217.417
_cell.length_b   70.319
_cell.length_c   143.284
_cell.angle_alpha   90.000
_cell.angle_beta   104.632
_cell.angle_gamma   90.000
#
_symmetry.space_group_name_H-M   'C 1 2 1'
#
loop_
_entity.id
_entity.type
_entity.pdbx_description
1 polymer 'Major histocompatibility complex class I-related gene protein'
2 polymer Beta-2-microglobulin
3 polymer TCR-alpha
4 polymer TCR-beta
5 non-polymer (7,8-dimethyl-2,4-dioxo-3,4-dihydrobenzo[g]pteridin-10(2H)-yl)acetaldehyde
6 non-polymer GLYCEROL
7 non-polymer 'SODIUM ION'
8 water water
#
loop_
_entity_poly.entity_id
_entity_poly.type
_entity_poly.pdbx_seq_one_letter_code
_entity_poly.pdbx_strand_id
1 'polypeptide(L)'
;MRTHSLRYFRLGVSDPIHGVPEFISVGYVDSHPITTYDSVTRQKEPRAPWMAENLAPDHWERYTQLLRGWQQMFKVELKR
LQRHYNHSGSHTYQRMIGCELLEDGSTTGFLQYAYDGQDFLIFNKDTLSWLAVDNVAHTIKQAWEANQHELLYQKNWLEE
ECIAWLKRFLEYGKDTLQRTEPPLVRVNRKETFPGVTALFCKAHGFYPPEIYMTWMKNGEEIVQEIDYGDILPSGDGTYQ
AWASIELDPQSSNLYSCHVEHSGVHMVLQVP
;
A,C
2 'polypeptide(L)'
;MIQRTPKIQVYSRHPAENGKSNFLNCYVSGFHPSDIEVDLLKNGERIEKVEHSDLSFSKDWSFYLLYYTEFTPTEKDEYA
CRVNHVTLSQPKIVKWDRDM
;
B,F
3 'polypeptide(L)'
;MGQNIDQPTEMTATEGAIVQINCTYQTSGFNGLFWYQQHAGEAPTFLSYNVLDGLEEKGRFSSFLSRSKGYSYLLLKELQ
MKDSASYLCAVKDSNYQLIWGAGTKLIIKPDIQNPDPAVYQLRDSKSSDKSVCLFTDFDSQTNVSQSKDSDVYITDKCVL
DMRSMDFKSNSAVAWSNKSDFACANAFNNSIIPEDTFFPSPESS
;
D,G
4 'polypeptide(L)'
;MNAGVTQTPKFQVLKTGQSMTLQCAQDMNHNSMYWYRQDPGMGLRLIYYSASEGTTDKGEVPNGYNVSRLNKREFSLRLE
SAAPSQTSVYFCASSVWTGEGSGELFFGEGSRLTVLEDLKNVFPPEVAVFEPSEAEISHTQKATLVCLATGFYPDHVELS
WWVNGKEVHSGVCTDPQPLKEQPALNDSRYALSSRLRVSATFWQNPRNHFRCQVQFYGLSENDEWTQDRAKPVTQIVSAE
AWGRAD
;
E,H
#
loop_
_chem_comp.id
_chem_comp.type
_chem_comp.name
_chem_comp.formula
A1B7N non-polymer (7,8-dimethyl-2,4-dioxo-3,4-dihydrobenzo[g]pteridin-10(2H)-yl)acetaldehyde 'C14 H12 N4 O3'
GOL non-polymer GLYCEROL 'C3 H8 O3'
NA non-polymer 'SODIUM ION' 'Na 1'
#
# COMPACT_ATOMS: atom_id res chain seq x y z
N MET A 1 65.23 -2.03 10.45
CA MET A 1 64.94 -3.38 10.93
C MET A 1 65.55 -4.41 10.00
N ARG A 2 65.27 -5.69 10.28
CA ARG A 2 65.52 -6.73 9.29
C ARG A 2 64.38 -6.74 8.28
N THR A 3 64.59 -7.48 7.18
CA THR A 3 63.50 -7.68 6.21
C THR A 3 62.34 -8.44 6.86
N HIS A 4 61.12 -7.99 6.59
CA HIS A 4 59.92 -8.63 7.12
C HIS A 4 58.92 -8.75 5.98
N SER A 5 58.01 -9.71 6.11
CA SER A 5 57.02 -9.91 5.06
C SER A 5 55.69 -10.29 5.66
N LEU A 6 54.63 -10.07 4.87
CA LEU A 6 53.27 -10.49 5.18
C LEU A 6 52.75 -11.23 3.95
N ARG A 7 52.16 -12.40 4.13
N ARG A 7 52.16 -12.41 4.16
CA ARG A 7 51.58 -13.07 2.98
CA ARG A 7 51.64 -13.23 3.07
C ARG A 7 50.40 -13.94 3.38
C ARG A 7 50.29 -13.81 3.47
N TYR A 8 49.40 -13.98 2.49
CA TYR A 8 48.20 -14.79 2.67
C TYR A 8 48.17 -15.86 1.58
N PHE A 9 47.88 -17.09 1.98
CA PHE A 9 47.74 -18.22 1.08
C PHE A 9 46.29 -18.71 1.07
N ARG A 10 45.86 -19.23 -0.09
CA ARG A 10 44.61 -19.96 -0.20
C ARG A 10 44.86 -21.30 -0.87
N LEU A 11 44.19 -22.33 -0.37
CA LEU A 11 44.18 -23.65 -1.02
C LEU A 11 42.75 -24.10 -1.27
N GLY A 12 42.46 -24.49 -2.50
CA GLY A 12 41.19 -25.11 -2.85
C GLY A 12 41.40 -26.49 -3.45
N VAL A 13 40.58 -27.45 -3.02
CA VAL A 13 40.67 -28.83 -3.47
C VAL A 13 39.32 -29.22 -4.07
N SER A 14 39.34 -29.80 -5.27
CA SER A 14 38.08 -29.95 -5.99
C SER A 14 37.26 -31.15 -5.55
N ASP A 15 37.90 -32.24 -5.11
CA ASP A 15 37.16 -33.43 -4.69
C ASP A 15 37.82 -34.04 -3.46
N PRO A 16 37.83 -33.32 -2.34
CA PRO A 16 38.63 -33.75 -1.19
C PRO A 16 38.08 -35.03 -0.55
N ILE A 17 38.99 -35.76 0.09
CA ILE A 17 38.63 -36.94 0.87
C ILE A 17 37.71 -36.53 2.02
N HIS A 18 37.08 -37.51 2.66
CA HIS A 18 36.13 -37.24 3.74
C HIS A 18 36.80 -36.50 4.89
N GLY A 19 36.17 -35.41 5.34
CA GLY A 19 36.65 -34.59 6.43
C GLY A 19 37.69 -33.56 6.05
N VAL A 20 38.46 -33.80 5.00
CA VAL A 20 39.48 -32.83 4.57
C VAL A 20 38.78 -31.60 3.98
N PRO A 21 39.18 -30.39 4.37
CA PRO A 21 38.45 -29.19 3.91
C PRO A 21 38.68 -28.93 2.44
N GLU A 22 37.65 -28.42 1.77
CA GLU A 22 37.87 -28.04 0.38
C GLU A 22 38.59 -26.70 0.28
N PHE A 23 38.63 -25.90 1.35
CA PHE A 23 39.25 -24.57 1.29
C PHE A 23 39.96 -24.27 2.59
N ILE A 24 41.19 -23.75 2.49
CA ILE A 24 42.01 -23.38 3.64
C ILE A 24 42.71 -22.07 3.32
N SER A 25 42.71 -21.12 4.26
CA SER A 25 43.47 -19.89 4.08
C SER A 25 44.30 -19.59 5.33
N VAL A 26 45.62 -19.39 5.15
CA VAL A 26 46.53 -19.08 6.25
C VAL A 26 47.30 -17.82 5.91
N GLY A 27 47.45 -16.92 6.89
CA GLY A 27 48.33 -15.77 6.78
C GLY A 27 49.61 -15.99 7.57
N TYR A 28 50.69 -15.31 7.15
CA TYR A 28 52.00 -15.41 7.79
C TYR A 28 52.61 -14.03 7.92
N VAL A 29 53.24 -13.76 9.05
CA VAL A 29 54.23 -12.68 9.12
C VAL A 29 55.59 -13.36 9.34
N ASP A 30 56.51 -13.16 8.40
CA ASP A 30 57.79 -13.88 8.37
C ASP A 30 57.44 -15.37 8.34
N SER A 31 58.01 -16.21 9.20
CA SER A 31 57.69 -17.63 9.23
CA SER A 31 57.69 -17.63 9.22
C SER A 31 56.59 -17.97 10.22
N HIS A 32 55.96 -16.97 10.82
CA HIS A 32 54.94 -17.18 11.84
C HIS A 32 53.55 -17.20 11.22
N PRO A 33 52.77 -18.27 11.38
CA PRO A 33 51.34 -18.18 11.03
C PRO A 33 50.64 -17.20 11.96
N ILE A 34 49.79 -16.34 11.38
CA ILE A 34 49.06 -15.36 12.17
C ILE A 34 47.55 -15.61 12.15
N THR A 35 47.01 -16.19 11.08
CA THR A 35 45.57 -16.36 10.95
CA THR A 35 45.58 -16.39 11.01
C THR A 35 45.29 -17.66 10.22
N THR A 36 44.11 -18.23 10.46
CA THR A 36 43.69 -19.43 9.75
C THR A 36 42.17 -19.40 9.57
N TYR A 37 41.73 -20.02 8.47
CA TYR A 37 40.32 -20.15 8.09
C TYR A 37 40.20 -21.43 7.27
N ASP A 38 39.18 -22.24 7.53
CA ASP A 38 38.87 -23.28 6.57
C ASP A 38 37.35 -23.49 6.42
N SER A 39 36.99 -24.30 5.43
CA SER A 39 35.59 -24.49 5.07
C SER A 39 34.86 -25.36 6.08
N VAL A 40 35.57 -25.97 7.02
CA VAL A 40 34.91 -26.73 8.07
C VAL A 40 34.50 -25.82 9.24
N THR A 41 35.47 -25.07 9.77
CA THR A 41 35.15 -24.17 10.88
C THR A 41 34.35 -22.96 10.42
N ARG A 42 34.61 -22.48 9.20
CA ARG A 42 33.97 -21.28 8.65
C ARG A 42 34.23 -20.05 9.53
N GLN A 43 35.36 -20.06 10.26
CA GLN A 43 35.73 -18.94 11.13
C GLN A 43 37.18 -18.56 10.86
N LYS A 44 37.45 -17.26 10.81
CA LYS A 44 38.81 -16.79 10.80
C LYS A 44 39.28 -16.64 12.24
N GLU A 45 40.43 -17.26 12.55
CA GLU A 45 40.90 -17.34 13.93
C GLU A 45 42.38 -16.98 14.02
N PRO A 46 42.80 -16.34 15.11
CA PRO A 46 44.23 -16.06 15.28
C PRO A 46 45.05 -17.32 15.45
N ARG A 47 46.26 -17.27 14.92
CA ARG A 47 47.25 -18.33 15.12
C ARG A 47 48.47 -17.84 15.88
N ALA A 48 48.55 -16.55 16.20
CA ALA A 48 49.60 -16.01 17.04
C ALA A 48 48.96 -15.24 18.19
N PRO A 49 49.46 -15.41 19.42
CA PRO A 49 48.85 -14.71 20.55
C PRO A 49 48.96 -13.21 20.47
N TRP A 50 50.02 -12.70 19.85
CA TRP A 50 50.13 -11.26 19.69
C TRP A 50 49.18 -10.72 18.62
N MET A 51 48.58 -11.58 17.79
CA MET A 51 47.49 -11.13 16.94
C MET A 51 46.17 -11.13 17.71
N ALA A 52 45.89 -12.24 18.41
CA ALA A 52 44.68 -12.34 19.23
C ALA A 52 44.55 -11.15 20.18
N GLU A 53 45.66 -10.81 20.84
CA GLU A 53 45.64 -9.82 21.91
C GLU A 53 45.44 -8.39 21.39
N ASN A 54 45.58 -8.16 20.09
CA ASN A 54 45.62 -6.80 19.57
C ASN A 54 44.51 -6.48 18.57
N LEU A 55 43.71 -7.46 18.17
CA LEU A 55 42.64 -7.26 17.21
C LEU A 55 41.33 -7.66 17.89
N ALA A 56 40.42 -6.69 18.02
CA ALA A 56 39.15 -6.90 18.71
C ALA A 56 38.26 -7.87 17.94
N PRO A 57 37.23 -8.42 18.60
CA PRO A 57 36.37 -9.41 17.92
C PRO A 57 35.72 -8.91 16.64
N ASP A 58 35.44 -7.61 16.53
CA ASP A 58 34.82 -7.09 15.31
CA ASP A 58 34.83 -7.08 15.31
C ASP A 58 35.70 -7.32 14.08
N HIS A 59 37.03 -7.35 14.28
CA HIS A 59 37.95 -7.63 13.19
C HIS A 59 37.81 -9.06 12.71
N TRP A 60 37.83 -10.03 13.64
CA TRP A 60 37.68 -11.43 13.26
C TRP A 60 36.30 -11.71 12.66
N GLU A 61 35.28 -10.98 13.09
CA GLU A 61 33.95 -11.14 12.52
C GLU A 61 33.89 -10.65 11.08
N ARG A 62 34.46 -9.47 10.82
CA ARG A 62 34.48 -8.91 9.48
C ARG A 62 35.19 -9.83 8.50
N TYR A 63 36.41 -10.29 8.84
CA TYR A 63 37.17 -11.04 7.87
C TYR A 63 36.70 -12.48 7.78
N THR A 64 36.00 -12.97 8.80
CA THR A 64 35.26 -14.23 8.67
C THR A 64 34.21 -14.13 7.57
N GLN A 65 33.47 -13.02 7.52
CA GLN A 65 32.48 -12.84 6.46
C GLN A 65 33.16 -12.78 5.10
N LEU A 66 34.25 -12.01 5.00
CA LEU A 66 34.94 -11.88 3.73
C LEU A 66 35.50 -13.23 3.28
N LEU A 67 36.01 -14.04 4.22
CA LEU A 67 36.60 -15.30 3.81
C LEU A 67 35.54 -16.30 3.36
N ARG A 68 34.35 -16.23 3.94
CA ARG A 68 33.29 -17.06 3.43
C ARG A 68 32.98 -16.68 1.98
N GLY A 69 33.06 -15.39 1.66
CA GLY A 69 32.89 -14.96 0.29
C GLY A 69 34.02 -15.43 -0.61
N TRP A 70 35.27 -15.29 -0.14
CA TRP A 70 36.43 -15.71 -0.91
C TRP A 70 36.45 -17.22 -1.11
N GLN A 71 35.99 -17.97 -0.10
CA GLN A 71 35.86 -19.41 -0.26
C GLN A 71 34.97 -19.76 -1.44
N GLN A 72 33.76 -19.18 -1.51
CA GLN A 72 32.87 -19.50 -2.61
C GLN A 72 33.49 -19.12 -3.95
N MET A 73 34.16 -17.95 -4.01
CA MET A 73 34.81 -17.51 -5.23
C MET A 73 35.89 -18.48 -5.68
N PHE A 74 36.69 -19.00 -4.73
CA PHE A 74 37.74 -19.93 -5.07
C PHE A 74 37.16 -21.21 -5.69
N LYS A 75 36.07 -21.71 -5.10
CA LYS A 75 35.40 -22.88 -5.66
C LYS A 75 34.93 -22.63 -7.10
N VAL A 76 34.35 -21.45 -7.36
CA VAL A 76 33.90 -21.13 -8.72
C VAL A 76 35.08 -21.13 -9.68
N GLU A 77 36.19 -20.49 -9.27
CA GLU A 77 37.36 -20.38 -10.14
C GLU A 77 37.99 -21.75 -10.39
N LEU A 78 38.13 -22.59 -9.35
CA LEU A 78 38.65 -23.94 -9.57
C LEU A 78 37.73 -24.76 -10.46
N LYS A 79 36.42 -24.67 -10.24
CA LYS A 79 35.49 -25.37 -11.12
C LYS A 79 35.74 -25.00 -12.58
N ARG A 80 35.93 -23.69 -12.85
CA ARG A 80 36.16 -23.24 -14.23
C ARG A 80 37.48 -23.77 -14.77
N LEU A 81 38.53 -23.74 -13.96
CA LEU A 81 39.82 -24.26 -14.41
C LEU A 81 39.73 -25.74 -14.77
N GLN A 82 39.20 -26.56 -13.87
CA GLN A 82 39.21 -27.99 -14.14
C GLN A 82 38.32 -28.34 -15.34
N ARG A 83 37.26 -27.56 -15.56
CA ARG A 83 36.46 -27.72 -16.76
C ARG A 83 37.27 -27.42 -18.02
N HIS A 84 38.08 -26.35 -18.00
CA HIS A 84 38.80 -25.97 -19.21
C HIS A 84 40.03 -26.83 -19.44
N TYR A 85 40.64 -27.36 -18.38
CA TYR A 85 41.67 -28.38 -18.56
C TYR A 85 41.10 -29.71 -18.98
N ASN A 86 39.77 -29.91 -18.84
CA ASN A 86 39.12 -31.18 -19.13
C ASN A 86 39.69 -32.28 -18.24
N HIS A 87 39.84 -31.96 -16.94
CA HIS A 87 40.45 -32.84 -15.94
C HIS A 87 39.40 -33.48 -15.05
N SER A 88 39.55 -34.77 -14.82
CA SER A 88 38.75 -35.50 -13.85
C SER A 88 39.53 -35.69 -12.55
N GLY A 89 38.82 -36.11 -11.51
CA GLY A 89 39.42 -36.36 -10.21
C GLY A 89 39.60 -35.09 -9.40
N SER A 90 40.43 -35.21 -8.35
CA SER A 90 40.69 -34.08 -7.46
C SER A 90 41.89 -33.28 -7.94
N HIS A 91 41.73 -31.96 -7.96
CA HIS A 91 42.79 -31.05 -8.37
C HIS A 91 42.80 -29.87 -7.42
N THR A 92 43.93 -29.15 -7.37
CA THR A 92 44.12 -28.11 -6.37
C THR A 92 44.30 -26.77 -7.03
N TYR A 93 43.97 -25.73 -6.29
CA TYR A 93 44.08 -24.36 -6.76
C TYR A 93 44.64 -23.57 -5.59
N GLN A 94 45.59 -22.68 -5.87
CA GLN A 94 46.28 -21.98 -4.80
C GLN A 94 46.55 -20.54 -5.19
N ARG A 95 46.49 -19.69 -4.19
CA ARG A 95 46.78 -18.28 -4.32
C ARG A 95 47.80 -17.88 -3.24
N MET A 96 48.68 -16.96 -3.59
CA MET A 96 49.54 -16.34 -2.59
CA MET A 96 49.57 -16.34 -2.60
C MET A 96 49.68 -14.86 -2.90
N ILE A 97 49.41 -14.03 -1.91
CA ILE A 97 49.56 -12.58 -2.04
C ILE A 97 50.37 -12.11 -0.84
N GLY A 98 51.17 -11.07 -1.04
CA GLY A 98 51.80 -10.44 0.11
C GLY A 98 52.81 -9.38 -0.31
N CYS A 99 53.63 -8.97 0.67
CA CYS A 99 54.53 -7.86 0.45
C CYS A 99 55.73 -8.02 1.38
N GLU A 100 56.80 -7.29 1.08
CA GLU A 100 57.98 -7.29 1.93
C GLU A 100 58.45 -5.86 2.17
N LEU A 101 58.84 -5.58 3.39
CA LEU A 101 59.50 -4.35 3.78
C LEU A 101 60.97 -4.69 4.00
N LEU A 102 61.84 -4.22 3.12
CA LEU A 102 63.25 -4.55 3.16
C LEU A 102 63.99 -3.71 4.19
N GLU A 103 65.15 -4.23 4.62
CA GLU A 103 66.09 -3.52 5.49
C GLU A 103 66.26 -2.05 5.13
N ASP A 104 66.72 -1.79 3.91
CA ASP A 104 66.98 -0.44 3.41
C ASP A 104 65.70 0.41 3.24
N GLY A 105 64.50 -0.14 3.45
CA GLY A 105 63.28 0.61 3.35
C GLY A 105 62.51 0.42 2.05
N SER A 106 63.12 -0.24 1.06
CA SER A 106 62.44 -0.59 -0.17
C SER A 106 61.36 -1.64 0.11
N THR A 107 60.43 -1.79 -0.84
CA THR A 107 59.33 -2.73 -0.68
C THR A 107 59.19 -3.59 -1.93
N THR A 108 58.65 -4.78 -1.74
CA THR A 108 58.26 -5.64 -2.85
C THR A 108 56.82 -6.08 -2.64
N GLY A 109 56.19 -6.53 -3.71
CA GLY A 109 54.79 -6.90 -3.67
C GLY A 109 54.50 -7.96 -4.71
N PHE A 110 53.68 -8.95 -4.37
CA PHE A 110 53.53 -10.10 -5.25
C PHE A 110 52.15 -10.70 -5.11
N LEU A 111 51.70 -11.36 -6.17
CA LEU A 111 50.40 -12.00 -6.24
C LEU A 111 50.47 -13.04 -7.34
N GLN A 112 50.14 -14.28 -7.03
CA GLN A 112 50.21 -15.30 -8.06
C GLN A 112 49.30 -16.45 -7.68
N TYR A 113 49.08 -17.34 -8.65
CA TYR A 113 48.16 -18.46 -8.53
C TYR A 113 48.84 -19.73 -9.03
N ALA A 114 48.33 -20.86 -8.55
CA ALA A 114 48.82 -22.15 -8.99
C ALA A 114 47.67 -23.11 -9.18
N TYR A 115 47.83 -23.99 -10.16
CA TYR A 115 46.94 -25.12 -10.37
C TYR A 115 47.77 -26.40 -10.27
N ASP A 116 47.33 -27.30 -9.39
CA ASP A 116 48.06 -28.53 -9.11
C ASP A 116 49.51 -28.25 -8.70
N GLY A 117 49.70 -27.18 -7.93
CA GLY A 117 51.00 -26.85 -7.38
C GLY A 117 52.02 -26.32 -8.37
N GLN A 118 51.58 -25.88 -9.54
CA GLN A 118 52.48 -25.27 -10.53
C GLN A 118 51.99 -23.88 -10.85
N ASP A 119 52.93 -22.94 -11.06
CA ASP A 119 52.59 -21.58 -11.46
C ASP A 119 51.49 -21.60 -12.52
N PHE A 120 50.47 -20.78 -12.32
CA PHE A 120 49.38 -20.65 -13.27
C PHE A 120 49.28 -19.23 -13.81
N LEU A 121 49.13 -18.24 -12.94
CA LEU A 121 49.14 -16.83 -13.33
C LEU A 121 49.96 -16.06 -12.32
N ILE A 122 50.76 -15.11 -12.82
CA ILE A 122 51.63 -14.30 -11.98
C ILE A 122 51.42 -12.83 -12.29
N PHE A 123 51.09 -12.03 -11.28
CA PHE A 123 50.81 -10.62 -11.50
C PHE A 123 52.11 -9.82 -11.58
N ASN A 124 52.16 -8.90 -12.55
CA ASN A 124 53.24 -7.93 -12.67
C ASN A 124 52.62 -6.56 -12.38
N LYS A 125 52.85 -6.03 -11.18
CA LYS A 125 52.20 -4.79 -10.77
C LYS A 125 52.87 -3.55 -11.34
N ASP A 126 53.90 -3.70 -12.17
CA ASP A 126 54.56 -2.58 -12.81
C ASP A 126 54.08 -2.40 -14.24
N THR A 127 54.04 -3.49 -14.99
CA THR A 127 53.40 -3.46 -16.30
C THR A 127 51.90 -3.66 -16.22
N LEU A 128 51.36 -3.93 -15.02
CA LEU A 128 49.92 -4.11 -14.81
C LEU A 128 49.35 -5.18 -15.75
N SER A 129 49.87 -6.39 -15.60
CA SER A 129 49.50 -7.48 -16.50
C SER A 129 49.65 -8.80 -15.77
N TRP A 130 49.09 -9.85 -16.38
CA TRP A 130 49.18 -11.19 -15.84
C TRP A 130 49.98 -12.07 -16.78
N LEU A 131 50.95 -12.80 -16.22
CA LEU A 131 51.72 -13.77 -16.99
C LEU A 131 51.01 -15.12 -16.94
N ALA A 132 50.68 -15.66 -18.10
CA ALA A 132 49.98 -16.93 -18.24
C ALA A 132 50.95 -18.00 -18.71
N VAL A 133 50.86 -19.19 -18.10
CA VAL A 133 51.76 -20.28 -18.46
C VAL A 133 51.20 -21.20 -19.52
N ASP A 134 49.89 -21.14 -19.78
CA ASP A 134 49.32 -22.01 -20.79
C ASP A 134 48.01 -21.39 -21.26
N ASN A 135 47.30 -22.08 -22.14
CA ASN A 135 46.17 -21.44 -22.80
C ASN A 135 44.92 -21.39 -21.93
N VAL A 136 44.81 -22.24 -20.91
CA VAL A 136 43.78 -22.05 -19.90
C VAL A 136 44.04 -20.77 -19.12
N ALA A 137 45.28 -20.60 -18.66
CA ALA A 137 45.67 -19.35 -17.98
C ALA A 137 45.46 -18.16 -18.90
N HIS A 138 45.79 -18.32 -20.18
CA HIS A 138 45.68 -17.21 -21.13
C HIS A 138 44.25 -16.73 -21.26
N THR A 139 43.29 -17.66 -21.25
CA THR A 139 41.88 -17.27 -21.26
C THR A 139 41.53 -16.43 -20.03
N ILE A 140 42.05 -16.82 -18.85
CA ILE A 140 41.75 -16.07 -17.63
C ILE A 140 42.45 -14.72 -17.65
N LYS A 141 43.68 -14.68 -18.17
CA LYS A 141 44.41 -13.42 -18.28
C LYS A 141 43.60 -12.39 -19.07
N GLN A 142 43.07 -12.79 -20.23
CA GLN A 142 42.26 -11.88 -21.03
C GLN A 142 41.10 -11.30 -20.22
N ALA A 143 40.37 -12.16 -19.50
CA ALA A 143 39.24 -11.68 -18.71
C ALA A 143 39.71 -10.76 -17.59
N TRP A 144 40.79 -11.10 -16.90
CA TRP A 144 41.23 -10.26 -15.79
C TRP A 144 41.80 -8.95 -16.29
N GLU A 145 42.51 -8.95 -17.41
CA GLU A 145 43.10 -7.71 -17.89
C GLU A 145 42.08 -6.80 -18.56
N ALA A 146 40.90 -7.31 -18.92
CA ALA A 146 39.84 -6.44 -19.43
C ALA A 146 39.32 -5.49 -18.36
N ASN A 147 39.62 -5.77 -17.10
CA ASN A 147 39.13 -5.01 -15.95
C ASN A 147 40.29 -4.16 -15.41
N GLN A 148 40.61 -3.07 -16.12
CA GLN A 148 41.80 -2.32 -15.77
C GLN A 148 41.75 -1.81 -14.32
N HIS A 149 40.57 -1.43 -13.84
CA HIS A 149 40.44 -0.93 -12.48
C HIS A 149 40.87 -1.96 -11.45
N GLU A 150 40.65 -3.24 -11.73
CA GLU A 150 41.04 -4.25 -10.78
CA GLU A 150 41.05 -4.28 -10.81
C GLU A 150 42.56 -4.41 -10.73
N LEU A 151 43.24 -4.24 -11.87
CA LEU A 151 44.69 -4.24 -11.86
C LEU A 151 45.20 -3.07 -11.05
N LEU A 152 44.61 -1.88 -11.26
CA LEU A 152 45.05 -0.72 -10.50
C LEU A 152 44.81 -0.93 -9.02
N TYR A 153 43.67 -1.52 -8.67
CA TYR A 153 43.36 -1.79 -7.27
C TYR A 153 44.44 -2.68 -6.62
N GLN A 154 44.90 -3.71 -7.32
CA GLN A 154 45.86 -4.63 -6.72
CA GLN A 154 45.87 -4.63 -6.71
C GLN A 154 47.23 -3.99 -6.60
N LYS A 155 47.63 -3.19 -7.58
CA LYS A 155 48.86 -2.43 -7.43
C LYS A 155 48.82 -1.58 -6.17
N ASN A 156 47.73 -0.85 -5.96
CA ASN A 156 47.66 -0.01 -4.76
C ASN A 156 47.65 -0.86 -3.50
N TRP A 157 46.91 -1.98 -3.50
CA TRP A 157 46.89 -2.79 -2.28
C TRP A 157 48.26 -3.36 -1.98
N LEU A 158 48.98 -3.82 -3.00
CA LEU A 158 50.29 -4.43 -2.77
C LEU A 158 51.30 -3.39 -2.28
N GLU A 159 51.30 -2.21 -2.90
CA GLU A 159 52.33 -1.23 -2.58
C GLU A 159 52.02 -0.41 -1.33
N GLU A 160 50.75 -0.14 -1.03
CA GLU A 160 50.41 0.75 0.08
C GLU A 160 49.72 0.02 1.22
N GLU A 161 48.60 -0.66 0.95
CA GLU A 161 47.84 -1.28 2.02
C GLU A 161 48.63 -2.39 2.69
N CYS A 162 49.14 -3.33 1.89
CA CYS A 162 49.83 -4.49 2.44
C CYS A 162 50.98 -4.06 3.34
N ILE A 163 51.72 -3.04 2.93
CA ILE A 163 52.87 -2.57 3.71
C ILE A 163 52.40 -1.90 5.01
N ALA A 164 51.27 -1.19 4.96
CA ALA A 164 50.76 -0.55 6.16
C ALA A 164 50.27 -1.59 7.16
N TRP A 165 49.63 -2.66 6.67
CA TRP A 165 49.22 -3.74 7.56
C TRP A 165 50.45 -4.45 8.13
N LEU A 166 51.45 -4.70 7.29
CA LEU A 166 52.66 -5.37 7.77
C LEU A 166 53.30 -4.61 8.92
N LYS A 167 53.45 -3.28 8.77
CA LYS A 167 54.03 -2.48 9.85
C LYS A 167 53.19 -2.56 11.11
N ARG A 168 51.88 -2.67 10.96
CA ARG A 168 51.00 -2.75 12.13
C ARG A 168 51.19 -4.08 12.86
N PHE A 169 51.27 -5.20 12.13
CA PHE A 169 51.46 -6.49 12.78
C PHE A 169 52.86 -6.61 13.35
N LEU A 170 53.85 -6.06 12.64
CA LEU A 170 55.22 -6.06 13.15
CA LEU A 170 55.22 -6.07 13.15
C LEU A 170 55.29 -5.41 14.52
N GLU A 171 54.53 -4.33 14.72
CA GLU A 171 54.50 -3.70 16.03
C GLU A 171 53.82 -4.61 17.04
N TYR A 172 52.64 -5.15 16.69
CA TYR A 172 51.95 -6.11 17.55
C TYR A 172 52.90 -7.20 18.05
N GLY A 173 53.67 -7.79 17.14
CA GLY A 173 54.50 -8.90 17.53
C GLY A 173 55.97 -8.59 17.76
N LYS A 174 56.29 -7.33 18.12
CA LYS A 174 57.69 -6.89 18.10
C LYS A 174 58.56 -7.74 19.02
N ASP A 175 58.05 -8.13 20.20
CA ASP A 175 58.85 -8.94 21.11
C ASP A 175 59.24 -10.27 20.50
N THR A 176 58.37 -10.85 19.67
CA THR A 176 58.71 -12.07 18.96
C THR A 176 59.55 -11.77 17.72
N LEU A 177 59.01 -10.94 16.82
CA LEU A 177 59.53 -10.82 15.47
C LEU A 177 60.86 -10.09 15.41
N GLN A 178 61.12 -9.19 16.35
CA GLN A 178 62.30 -8.35 16.25
C GLN A 178 63.40 -8.78 17.22
N ARG A 179 63.23 -9.89 17.93
CA ARG A 179 64.26 -10.38 18.84
C ARG A 179 65.35 -11.09 18.06
N THR A 180 66.47 -11.35 18.75
CA THR A 180 67.59 -12.11 18.18
C THR A 180 68.07 -13.11 19.21
N GLU A 181 68.11 -14.38 18.83
CA GLU A 181 68.76 -15.42 19.63
C GLU A 181 69.92 -15.94 18.80
N PRO A 182 71.16 -15.64 19.17
CA PRO A 182 72.29 -16.00 18.32
C PRO A 182 72.49 -17.51 18.30
N PRO A 183 73.10 -18.04 17.26
CA PRO A 183 73.28 -19.50 17.18
C PRO A 183 74.39 -19.99 18.11
N LEU A 184 74.19 -21.20 18.59
CA LEU A 184 75.23 -22.02 19.22
C LEU A 184 75.78 -22.93 18.14
N VAL A 185 77.08 -22.86 17.89
CA VAL A 185 77.68 -23.47 16.71
C VAL A 185 78.82 -24.36 17.15
N ARG A 186 78.92 -25.56 16.55
CA ARG A 186 79.96 -26.51 16.92
C ARG A 186 80.38 -27.26 15.66
N VAL A 187 81.52 -27.95 15.74
CA VAL A 187 82.01 -28.78 14.65
C VAL A 187 82.29 -30.18 15.19
N ASN A 188 81.91 -31.19 14.42
CA ASN A 188 82.32 -32.55 14.75
C ASN A 188 82.61 -33.34 13.47
N ARG A 189 83.15 -34.54 13.65
CA ARG A 189 83.58 -35.40 12.56
C ARG A 189 82.66 -36.62 12.44
N LYS A 190 82.32 -36.97 11.21
CA LYS A 190 81.46 -38.12 10.94
C LYS A 190 81.82 -38.79 9.62
N THR A 197 84.70 -39.73 5.68
CA THR A 197 84.96 -38.83 6.81
C THR A 197 84.72 -37.37 6.42
N ALA A 198 83.80 -36.70 7.11
CA ALA A 198 83.45 -35.34 6.76
C ALA A 198 83.30 -34.50 8.01
N LEU A 199 83.57 -33.20 7.87
CA LEU A 199 83.36 -32.24 8.94
C LEU A 199 81.94 -31.71 8.88
N PHE A 200 81.23 -31.77 10.00
CA PHE A 200 79.87 -31.24 10.11
C PHE A 200 79.88 -30.01 11.02
N CYS A 201 79.45 -28.89 10.47
CA CYS A 201 79.28 -27.66 11.23
C CYS A 201 77.80 -27.52 11.56
N LYS A 202 77.47 -27.41 12.85
CA LYS A 202 76.08 -27.45 13.30
C LYS A 202 75.76 -26.23 14.15
N ALA A 203 74.62 -25.58 13.84
CA ALA A 203 74.14 -24.43 14.59
C ALA A 203 72.74 -24.73 15.11
N HIS A 204 72.43 -24.24 16.31
CA HIS A 204 71.09 -24.41 16.84
C HIS A 204 70.76 -23.28 17.82
N GLY A 205 69.49 -23.24 18.20
CA GLY A 205 68.98 -22.25 19.12
C GLY A 205 68.89 -20.83 18.59
N PHE A 206 68.90 -20.62 17.27
CA PHE A 206 68.90 -19.26 16.77
C PHE A 206 67.51 -18.84 16.27
N TYR A 207 67.29 -17.51 16.26
CA TYR A 207 66.12 -16.78 15.74
C TYR A 207 66.66 -15.41 15.35
N PRO A 208 66.28 -14.87 14.18
CA PRO A 208 65.34 -15.40 13.17
C PRO A 208 65.94 -16.61 12.44
N PRO A 209 65.13 -17.29 11.61
CA PRO A 209 65.65 -18.48 10.90
C PRO A 209 66.71 -18.16 9.84
N GLU A 210 66.76 -16.96 9.29
CA GLU A 210 67.73 -16.65 8.24
C GLU A 210 69.15 -16.73 8.79
N ILE A 211 69.96 -17.61 8.19
CA ILE A 211 71.33 -17.86 8.64
C ILE A 211 72.12 -18.32 7.43
N TYR A 212 73.41 -17.99 7.40
CA TYR A 212 74.31 -18.42 6.33
C TYR A 212 75.47 -19.18 6.95
N MET A 213 75.59 -20.46 6.60
CA MET A 213 76.71 -21.29 7.03
C MET A 213 77.44 -21.78 5.79
N THR A 214 78.77 -21.86 5.89
CA THR A 214 79.56 -22.35 4.77
C THR A 214 80.91 -22.80 5.30
N TRP A 215 81.63 -23.52 4.45
CA TRP A 215 82.96 -24.02 4.75
C TRP A 215 83.98 -23.35 3.83
N MET A 216 85.11 -22.96 4.39
CA MET A 216 86.20 -22.38 3.64
C MET A 216 87.40 -23.31 3.73
N LYS A 217 88.10 -23.48 2.61
CA LYS A 217 89.28 -24.32 2.50
C LYS A 217 90.48 -23.41 2.25
N ASN A 218 91.37 -23.32 3.24
CA ASN A 218 92.56 -22.46 3.18
C ASN A 218 92.20 -21.01 2.90
N GLY A 219 91.07 -20.54 3.43
CA GLY A 219 90.62 -19.19 3.18
C GLY A 219 89.93 -18.96 1.86
N GLU A 220 89.64 -20.02 1.10
CA GLU A 220 88.89 -19.91 -0.15
C GLU A 220 87.59 -20.67 -0.03
N GLU A 221 86.53 -20.14 -0.62
CA GLU A 221 85.21 -20.73 -0.47
C GLU A 221 85.03 -21.85 -1.48
N ILE A 222 85.03 -23.08 -0.99
CA ILE A 222 84.57 -24.21 -1.78
C ILE A 222 83.08 -24.04 -2.06
N VAL A 223 82.64 -24.44 -3.24
CA VAL A 223 81.25 -24.18 -3.65
C VAL A 223 80.52 -25.50 -3.89
N GLN A 224 80.87 -26.16 -5.00
CA GLN A 224 80.30 -27.46 -5.38
C GLN A 224 80.86 -28.62 -4.55
N GLU A 225 81.49 -28.33 -3.41
CA GLU A 225 82.00 -29.35 -2.52
C GLU A 225 81.32 -29.34 -1.16
N ILE A 226 80.40 -28.41 -0.90
CA ILE A 226 79.76 -28.27 0.40
C ILE A 226 78.36 -28.86 0.34
N ASP A 227 78.02 -29.67 1.33
CA ASP A 227 76.66 -30.16 1.50
C ASP A 227 75.95 -29.24 2.49
N TYR A 228 74.83 -28.66 2.07
CA TYR A 228 74.09 -27.68 2.86
C TYR A 228 72.82 -28.31 3.41
N GLY A 229 72.71 -28.35 4.74
CA GLY A 229 71.48 -28.76 5.37
C GLY A 229 70.41 -27.67 5.33
N ASP A 230 69.16 -28.09 5.53
CA ASP A 230 68.04 -27.16 5.57
C ASP A 230 67.93 -26.50 6.94
N ILE A 231 67.49 -25.24 6.94
CA ILE A 231 67.17 -24.58 8.20
C ILE A 231 65.89 -25.21 8.75
N LEU A 232 65.96 -25.78 9.95
CA LEU A 232 64.86 -26.60 10.44
C LEU A 232 64.30 -26.07 11.76
N PRO A 233 62.98 -26.11 11.93
CA PRO A 233 62.37 -25.68 13.20
C PRO A 233 62.68 -26.68 14.30
N SER A 234 63.09 -26.16 15.46
CA SER A 234 63.40 -27.04 16.58
C SER A 234 62.20 -27.39 17.44
N GLY A 235 61.08 -26.65 17.32
CA GLY A 235 59.91 -26.90 18.13
C GLY A 235 59.63 -25.85 19.19
N ASP A 236 60.66 -25.15 19.67
CA ASP A 236 60.53 -24.17 20.73
C ASP A 236 60.54 -22.75 20.23
N GLY A 237 60.49 -22.55 18.91
CA GLY A 237 60.54 -21.23 18.34
C GLY A 237 61.88 -20.83 17.76
N THR A 238 62.93 -21.62 18.02
CA THR A 238 64.24 -21.39 17.43
C THR A 238 64.50 -22.42 16.35
N TYR A 239 65.62 -22.25 15.65
CA TYR A 239 65.93 -23.07 14.48
C TYR A 239 67.32 -23.70 14.62
N GLN A 240 67.60 -24.67 13.74
CA GLN A 240 68.90 -25.33 13.66
C GLN A 240 69.22 -25.62 12.20
N ALA A 241 70.51 -25.75 11.91
CA ALA A 241 70.97 -26.00 10.55
C ALA A 241 72.39 -26.57 10.62
N TRP A 242 72.88 -27.03 9.47
CA TRP A 242 74.22 -27.58 9.39
C TRP A 242 74.74 -27.43 7.96
N ALA A 243 76.05 -27.65 7.83
CA ALA A 243 76.73 -27.72 6.54
C ALA A 243 77.92 -28.64 6.73
N SER A 244 78.18 -29.51 5.76
CA SER A 244 79.25 -30.49 5.88
C SER A 244 80.20 -30.40 4.69
N ILE A 245 81.44 -30.78 4.92
CA ILE A 245 82.46 -30.77 3.88
C ILE A 245 83.34 -32.00 4.04
N GLU A 246 83.66 -32.65 2.92
CA GLU A 246 84.39 -33.91 2.94
C GLU A 246 85.89 -33.67 3.01
N LEU A 247 86.57 -34.46 3.84
CA LEU A 247 88.01 -34.29 4.07
C LEU A 247 88.83 -34.99 2.99
N ASP A 248 89.93 -34.34 2.60
CA ASP A 248 90.92 -34.96 1.73
C ASP A 248 91.99 -35.63 2.58
N PRO A 249 92.13 -36.96 2.54
CA PRO A 249 93.14 -37.64 3.36
C PRO A 249 94.54 -37.60 2.79
N GLN A 250 94.74 -37.01 1.60
CA GLN A 250 96.04 -37.05 0.94
C GLN A 250 96.86 -35.77 1.14
N SER A 251 96.24 -34.69 1.61
CA SER A 251 96.94 -33.44 1.85
C SER A 251 96.22 -32.69 2.95
N SER A 252 96.99 -32.11 3.88
CA SER A 252 96.39 -31.32 4.95
C SER A 252 95.80 -30.03 4.39
N ASN A 253 94.74 -29.56 5.04
CA ASN A 253 94.15 -28.29 4.70
C ASN A 253 93.61 -27.67 5.97
N LEU A 254 93.55 -26.34 5.98
CA LEU A 254 92.94 -25.61 7.08
C LEU A 254 91.49 -25.34 6.70
N TYR A 255 90.57 -26.07 7.32
CA TYR A 255 89.15 -25.88 7.12
C TYR A 255 88.59 -24.95 8.18
N SER A 256 87.60 -24.15 7.80
CA SER A 256 86.98 -23.27 8.77
C SER A 256 85.50 -23.14 8.44
N CYS A 257 84.66 -23.23 9.46
CA CYS A 257 83.24 -23.01 9.29
C CYS A 257 82.91 -21.55 9.55
N HIS A 258 82.04 -20.99 8.70
CA HIS A 258 81.69 -19.58 8.71
C HIS A 258 80.18 -19.48 8.85
N VAL A 259 79.72 -18.76 9.87
CA VAL A 259 78.29 -18.61 10.12
C VAL A 259 77.99 -17.12 10.19
N GLU A 260 76.98 -16.68 9.44
CA GLU A 260 76.53 -15.30 9.51
C GLU A 260 75.09 -15.29 9.97
N HIS A 261 74.79 -14.46 10.96
CA HIS A 261 73.45 -14.42 11.51
C HIS A 261 73.18 -13.04 12.07
N SER A 262 72.19 -12.36 11.50
CA SER A 262 71.64 -11.11 12.02
C SER A 262 72.74 -10.08 12.33
N GLY A 263 73.58 -9.81 11.34
CA GLY A 263 74.65 -8.84 11.50
C GLY A 263 75.91 -9.29 12.24
N VAL A 264 76.06 -10.57 12.57
CA VAL A 264 77.22 -11.05 13.32
C VAL A 264 77.85 -12.21 12.55
N HIS A 265 79.18 -12.17 12.40
CA HIS A 265 79.92 -13.20 11.70
CA HIS A 265 79.90 -13.21 11.70
C HIS A 265 80.75 -14.01 12.69
N MET A 266 80.80 -15.32 12.48
CA MET A 266 81.51 -16.21 13.39
C MET A 266 82.35 -17.17 12.57
N VAL A 267 83.57 -17.48 13.06
CA VAL A 267 84.49 -18.40 12.38
C VAL A 267 84.95 -19.46 13.37
N LEU A 268 84.82 -20.73 12.99
CA LEU A 268 85.34 -21.84 13.78
C LEU A 268 86.43 -22.52 12.95
N GLN A 269 87.68 -22.36 13.36
CA GLN A 269 88.82 -23.02 12.74
C GLN A 269 88.96 -24.43 13.29
N VAL A 270 89.08 -25.41 12.40
CA VAL A 270 89.28 -26.80 12.80
C VAL A 270 90.80 -27.03 12.89
N PRO A 271 91.34 -27.30 14.08
CA PRO A 271 92.78 -27.52 14.24
C PRO A 271 93.23 -28.79 13.55
N MET B 1 49.66 -33.79 -13.89
CA MET B 1 49.81 -33.35 -12.51
C MET B 1 51.16 -33.78 -11.92
N ILE B 2 52.10 -32.85 -11.85
CA ILE B 2 53.38 -33.12 -11.21
C ILE B 2 53.15 -33.22 -9.71
N GLN B 3 53.21 -34.43 -9.17
CA GLN B 3 53.15 -34.64 -7.74
C GLN B 3 54.55 -34.68 -7.16
N ARG B 4 54.73 -34.11 -5.98
CA ARG B 4 56.03 -33.97 -5.36
C ARG B 4 56.07 -34.77 -4.07
N THR B 5 57.11 -35.60 -3.92
CA THR B 5 57.24 -36.51 -2.81
C THR B 5 57.82 -35.78 -1.58
N PRO B 6 57.39 -36.15 -0.38
CA PRO B 6 57.84 -35.43 0.80
C PRO B 6 59.32 -35.67 1.11
N LYS B 7 60.00 -34.62 1.54
CA LYS B 7 61.30 -34.72 2.17
C LYS B 7 61.08 -34.91 3.66
N ILE B 8 61.81 -35.85 4.25
CA ILE B 8 61.58 -36.29 5.62
C ILE B 8 62.89 -36.17 6.39
N GLN B 9 62.91 -35.33 7.42
CA GLN B 9 64.10 -35.23 8.26
C GLN B 9 63.69 -35.40 9.72
N VAL B 10 64.50 -36.16 10.44
CA VAL B 10 64.25 -36.57 11.82
C VAL B 10 65.44 -36.16 12.68
N TYR B 11 65.16 -35.56 13.82
CA TYR B 11 66.20 -34.88 14.57
C TYR B 11 65.59 -34.47 15.90
N SER B 12 66.45 -34.27 16.89
CA SER B 12 66.02 -33.82 18.21
C SER B 12 66.06 -32.30 18.30
N ARG B 13 65.24 -31.76 19.19
CA ARG B 13 65.20 -30.32 19.41
C ARG B 13 66.58 -29.78 19.81
N HIS B 14 67.23 -30.42 20.79
CA HIS B 14 68.56 -30.07 21.25
C HIS B 14 69.54 -31.20 20.90
N PRO B 15 70.84 -30.90 20.85
CA PRO B 15 71.83 -31.99 20.80
C PRO B 15 71.55 -33.01 21.88
N ALA B 16 71.35 -34.26 21.48
CA ALA B 16 70.82 -35.26 22.39
C ALA B 16 71.90 -35.77 23.33
N GLU B 17 71.45 -36.21 24.51
CA GLU B 17 72.32 -36.73 25.55
C GLU B 17 71.51 -37.76 26.32
N ASN B 18 72.09 -38.95 26.53
CA ASN B 18 71.33 -40.06 27.07
C ASN B 18 70.84 -39.75 28.48
N GLY B 19 69.55 -40.01 28.72
CA GLY B 19 68.97 -39.74 30.02
C GLY B 19 68.57 -38.30 30.26
N LYS B 20 68.56 -37.48 29.22
CA LYS B 20 68.12 -36.09 29.30
C LYS B 20 66.87 -35.93 28.45
N SER B 21 65.83 -35.34 29.04
CA SER B 21 64.59 -35.16 28.31
C SER B 21 64.82 -34.27 27.09
N ASN B 22 64.11 -34.58 26.01
CA ASN B 22 64.30 -33.88 24.74
C ASN B 22 62.97 -33.95 23.97
N PHE B 23 63.00 -33.55 22.70
CA PHE B 23 61.87 -33.71 21.79
C PHE B 23 62.36 -34.31 20.49
N LEU B 24 61.67 -35.36 20.02
CA LEU B 24 61.96 -35.93 18.70
C LEU B 24 61.10 -35.24 17.65
N ASN B 25 61.73 -34.58 16.68
CA ASN B 25 61.04 -33.90 15.59
C ASN B 25 61.08 -34.70 14.31
N CYS B 26 59.98 -34.66 13.56
CA CYS B 26 59.97 -35.15 12.18
C CYS B 26 59.39 -34.04 11.32
N TYR B 27 60.25 -33.43 10.51
CA TYR B 27 59.87 -32.31 9.66
C TYR B 27 59.70 -32.84 8.25
N VAL B 28 58.48 -32.70 7.73
CA VAL B 28 58.10 -33.24 6.44
C VAL B 28 57.73 -32.07 5.57
N SER B 29 58.38 -31.94 4.41
CA SER B 29 58.27 -30.71 3.62
C SER B 29 58.32 -31.02 2.13
N GLY B 30 58.00 -29.99 1.36
CA GLY B 30 58.17 -30.02 -0.09
C GLY B 30 57.24 -30.94 -0.84
N PHE B 31 56.18 -31.44 -0.20
CA PHE B 31 55.28 -32.38 -0.86
C PHE B 31 54.06 -31.66 -1.43
N HIS B 32 53.38 -32.33 -2.37
CA HIS B 32 52.16 -31.85 -3.02
C HIS B 32 51.48 -33.03 -3.70
N PRO B 33 50.15 -33.24 -3.52
CA PRO B 33 49.17 -32.42 -2.78
C PRO B 33 49.28 -32.56 -1.27
N SER B 34 48.31 -32.05 -0.52
CA SER B 34 48.54 -31.83 0.91
C SER B 34 48.23 -33.02 1.80
N ASP B 35 47.50 -34.03 1.32
CA ASP B 35 47.15 -35.16 2.17
CA ASP B 35 47.15 -35.16 2.17
C ASP B 35 48.41 -35.96 2.51
N ILE B 36 48.63 -36.22 3.79
CA ILE B 36 49.83 -36.93 4.21
C ILE B 36 49.56 -37.57 5.56
N GLU B 37 50.18 -38.73 5.80
CA GLU B 37 50.08 -39.45 7.06
C GLU B 37 51.47 -39.63 7.64
N VAL B 38 51.64 -39.22 8.90
CA VAL B 38 52.93 -39.22 9.58
C VAL B 38 52.76 -39.88 10.94
N ASP B 39 53.63 -40.83 11.26
CA ASP B 39 53.71 -41.43 12.59
C ASP B 39 55.15 -41.42 13.05
N LEU B 40 55.34 -41.23 14.35
CA LEU B 40 56.65 -41.41 14.97
C LEU B 40 56.72 -42.79 15.60
N LEU B 41 57.87 -43.44 15.48
CA LEU B 41 58.05 -44.81 15.97
C LEU B 41 59.05 -44.83 17.12
N LYS B 42 58.73 -45.64 18.13
CA LYS B 42 59.68 -46.04 19.16
C LYS B 42 59.85 -47.55 19.05
N ASN B 43 61.04 -47.98 18.61
CA ASN B 43 61.36 -49.40 18.43
C ASN B 43 60.48 -50.07 17.38
N GLY B 44 59.94 -49.28 16.45
CA GLY B 44 58.99 -49.80 15.50
C GLY B 44 57.55 -49.76 15.95
N GLU B 45 57.27 -49.26 17.15
CA GLU B 45 55.92 -49.08 17.63
C GLU B 45 55.53 -47.61 17.53
N ARG B 46 54.31 -47.36 17.04
CA ARG B 46 53.84 -45.99 16.89
C ARG B 46 53.66 -45.32 18.25
N ILE B 47 54.31 -44.16 18.41
CA ILE B 47 54.15 -43.39 19.63
C ILE B 47 52.76 -42.78 19.68
N GLU B 48 52.14 -42.79 20.85
CA GLU B 48 50.76 -42.35 20.98
C GLU B 48 50.67 -40.83 21.11
N LYS B 49 51.29 -40.27 22.14
CA LYS B 49 51.21 -38.84 22.41
C LYS B 49 52.15 -38.11 21.45
N VAL B 50 51.64 -37.80 20.26
CA VAL B 50 52.42 -37.15 19.21
C VAL B 50 51.69 -35.91 18.76
N GLU B 51 52.38 -34.77 18.73
CA GLU B 51 51.82 -33.50 18.32
C GLU B 51 52.28 -33.15 16.91
N HIS B 52 51.59 -32.17 16.31
CA HIS B 52 52.02 -31.67 15.01
C HIS B 52 51.48 -30.27 14.78
N SER B 53 52.29 -29.46 14.11
CA SER B 53 51.87 -28.14 13.69
C SER B 53 50.75 -28.24 12.65
N ASP B 54 50.04 -27.14 12.46
CA ASP B 54 49.10 -27.04 11.36
C ASP B 54 49.83 -27.11 10.03
N LEU B 55 49.13 -27.65 9.01
CA LEU B 55 49.62 -27.62 7.64
C LEU B 55 50.09 -26.22 7.28
N SER B 56 51.27 -26.12 6.70
CA SER B 56 51.90 -24.85 6.39
C SER B 56 52.19 -24.78 4.90
N PHE B 57 52.29 -23.55 4.37
CA PHE B 57 52.38 -23.32 2.93
C PHE B 57 53.71 -22.67 2.56
N SER B 58 54.39 -23.22 1.55
CA SER B 58 55.64 -22.64 1.06
C SER B 58 55.41 -21.81 -0.20
N LYS B 59 56.38 -20.92 -0.46
CA LYS B 59 56.34 -20.08 -1.64
C LYS B 59 56.23 -20.89 -2.92
N ASP B 60 56.90 -22.05 -2.98
CA ASP B 60 56.93 -22.81 -4.22
C ASP B 60 55.69 -23.67 -4.41
N TRP B 61 54.66 -23.43 -3.60
CA TRP B 61 53.34 -24.04 -3.60
C TRP B 61 53.31 -25.41 -2.92
N SER B 62 54.43 -25.93 -2.42
CA SER B 62 54.39 -27.17 -1.66
C SER B 62 54.04 -26.90 -0.20
N PHE B 63 53.92 -27.97 0.57
CA PHE B 63 53.45 -27.91 1.94
C PHE B 63 54.51 -28.47 2.88
N TYR B 64 54.40 -28.09 4.15
CA TYR B 64 55.26 -28.69 5.16
C TYR B 64 54.51 -28.78 6.48
N LEU B 65 55.09 -29.58 7.38
CA LEU B 65 54.52 -29.97 8.67
CA LEU B 65 54.56 -29.76 8.71
C LEU B 65 55.67 -30.35 9.60
N LEU B 66 55.49 -30.14 10.91
CA LEU B 66 56.42 -30.61 11.93
C LEU B 66 55.66 -31.51 12.89
N TYR B 67 56.08 -32.77 12.97
CA TYR B 67 55.55 -33.71 13.95
C TYR B 67 56.61 -33.89 15.03
N TYR B 68 56.17 -33.98 16.29
CA TYR B 68 57.11 -34.00 17.39
C TYR B 68 56.51 -34.72 18.58
N THR B 69 57.39 -35.23 19.45
CA THR B 69 56.96 -35.80 20.72
C THR B 69 58.10 -35.73 21.71
N GLU B 70 57.76 -35.50 22.98
CA GLU B 70 58.76 -35.43 24.02
C GLU B 70 59.30 -36.82 24.34
N PHE B 71 60.59 -36.89 24.62
CA PHE B 71 61.21 -38.17 24.89
C PHE B 71 62.53 -37.97 25.61
N THR B 72 62.99 -39.04 26.23
CA THR B 72 64.31 -39.09 26.83
C THR B 72 65.09 -40.17 26.10
N PRO B 73 66.11 -39.83 25.33
CA PRO B 73 66.84 -40.85 24.57
C PRO B 73 67.66 -41.77 25.47
N THR B 74 67.70 -43.05 25.10
CA THR B 74 68.57 -44.04 25.71
C THR B 74 69.40 -44.71 24.63
N GLU B 75 70.47 -45.38 25.04
CA GLU B 75 71.34 -46.05 24.08
C GLU B 75 70.63 -47.17 23.32
N LYS B 76 69.58 -47.76 23.90
CA LYS B 76 68.94 -48.95 23.34
C LYS B 76 67.72 -48.64 22.47
N ASP B 77 66.92 -47.64 22.83
CA ASP B 77 65.68 -47.37 22.10
C ASP B 77 65.97 -46.72 20.76
N GLU B 78 65.43 -47.29 19.70
CA GLU B 78 65.56 -46.76 18.35
C GLU B 78 64.27 -46.05 17.92
N TYR B 79 64.41 -44.88 17.30
CA TYR B 79 63.28 -44.02 16.97
C TYR B 79 63.20 -43.77 15.46
N ALA B 80 62.00 -43.53 14.96
CA ALA B 80 61.80 -43.38 13.52
C ALA B 80 60.57 -42.55 13.22
N CYS B 81 60.48 -42.10 11.96
CA CYS B 81 59.33 -41.36 11.45
C CYS B 81 58.83 -42.06 10.19
N ARG B 82 57.55 -42.42 10.18
CA ARG B 82 56.94 -43.15 9.08
C ARG B 82 55.92 -42.25 8.38
N VAL B 83 56.07 -42.08 7.07
CA VAL B 83 55.29 -41.13 6.28
C VAL B 83 54.63 -41.84 5.11
N ASN B 84 53.38 -41.52 4.84
CA ASN B 84 52.70 -42.05 3.67
C ASN B 84 52.07 -40.91 2.88
N HIS B 85 52.07 -41.06 1.54
CA HIS B 85 51.70 -40.00 0.62
C HIS B 85 51.35 -40.66 -0.71
N VAL B 86 50.59 -39.93 -1.55
CA VAL B 86 50.22 -40.51 -2.85
C VAL B 86 51.46 -40.81 -3.68
N THR B 87 52.53 -40.03 -3.53
CA THR B 87 53.76 -40.25 -4.26
C THR B 87 54.53 -41.49 -3.81
N LEU B 88 54.10 -42.16 -2.75
CA LEU B 88 54.83 -43.27 -2.17
C LEU B 88 54.02 -44.54 -2.30
N SER B 89 54.60 -45.57 -2.92
CA SER B 89 53.87 -46.81 -3.13
C SER B 89 53.75 -47.63 -1.86
N GLN B 90 54.68 -47.44 -0.92
CA GLN B 90 54.63 -48.04 0.41
C GLN B 90 55.11 -46.98 1.39
N PRO B 91 54.71 -47.08 2.65
CA PRO B 91 55.18 -46.10 3.64
C PRO B 91 56.70 -46.07 3.69
N LYS B 92 57.25 -44.88 3.86
CA LYS B 92 58.69 -44.67 3.90
C LYS B 92 59.10 -44.36 5.33
N ILE B 93 60.05 -45.13 5.85
CA ILE B 93 60.51 -44.98 7.22
C ILE B 93 61.91 -44.38 7.20
N VAL B 94 62.08 -43.29 7.94
CA VAL B 94 63.37 -42.66 8.15
C VAL B 94 63.71 -42.78 9.63
N LYS B 95 64.82 -43.43 9.93
CA LYS B 95 65.25 -43.62 11.31
C LYS B 95 65.95 -42.35 11.82
N TRP B 96 65.89 -42.17 13.14
CA TRP B 96 66.61 -41.05 13.78
C TRP B 96 68.09 -41.41 13.85
N ASP B 97 68.92 -40.67 13.13
CA ASP B 97 70.36 -40.88 13.09
C ASP B 97 71.02 -39.94 14.09
N ARG B 98 71.50 -40.48 15.20
CA ARG B 98 72.16 -39.67 16.22
C ARG B 98 73.62 -39.39 15.84
N MET C 1 -11.30 -1.34 -23.05
CA MET C 1 -12.33 -0.55 -23.73
C MET C 1 -11.88 0.89 -23.92
N ARG C 2 -12.76 1.70 -24.50
CA ARG C 2 -12.56 3.14 -24.59
C ARG C 2 -13.13 3.77 -23.33
N THR C 3 -13.28 5.10 -23.32
CA THR C 3 -13.88 5.77 -22.18
CA THR C 3 -13.88 5.79 -22.18
C THR C 3 -15.40 5.72 -22.26
N HIS C 4 -16.03 5.30 -21.17
CA HIS C 4 -17.49 5.24 -21.10
C HIS C 4 -18.00 5.96 -19.86
N SER C 5 -19.27 6.34 -19.87
CA SER C 5 -19.81 7.09 -18.74
C SER C 5 -21.29 6.82 -18.55
N LEU C 6 -21.74 6.98 -17.31
CA LEU C 6 -23.15 6.88 -16.95
C LEU C 6 -23.50 8.13 -16.17
N ARG C 7 -24.58 8.81 -16.52
CA ARG C 7 -24.95 9.99 -15.77
CA ARG C 7 -24.96 9.96 -15.74
C ARG C 7 -26.46 10.16 -15.80
N TYR C 8 -27.00 10.74 -14.73
CA TYR C 8 -28.41 11.04 -14.58
C TYR C 8 -28.58 12.54 -14.36
N PHE C 9 -29.49 13.16 -15.11
CA PHE C 9 -29.83 14.56 -14.91
C PHE C 9 -31.23 14.68 -14.31
N ARG C 10 -31.43 15.75 -13.55
CA ARG C 10 -32.77 16.19 -13.12
C ARG C 10 -32.95 17.65 -13.49
N LEU C 11 -34.16 18.00 -13.93
CA LEU C 11 -34.49 19.39 -14.20
C LEU C 11 -35.82 19.69 -13.52
N GLY C 12 -35.82 20.70 -12.66
CA GLY C 12 -37.02 21.17 -12.01
C GLY C 12 -37.31 22.60 -12.43
N VAL C 13 -38.57 22.87 -12.75
CA VAL C 13 -39.00 24.21 -13.16
C VAL C 13 -40.15 24.62 -12.25
N SER C 14 -40.02 25.78 -11.63
CA SER C 14 -41.12 26.30 -10.82
C SER C 14 -42.09 27.06 -11.73
N ASP C 15 -43.37 27.00 -11.36
CA ASP C 15 -44.46 27.63 -12.10
C ASP C 15 -44.22 27.52 -13.61
N PRO C 16 -44.21 26.31 -14.17
CA PRO C 16 -43.92 26.16 -15.59
C PRO C 16 -45.11 26.58 -16.43
N ILE C 17 -44.83 27.13 -17.61
CA ILE C 17 -45.88 27.47 -18.56
C ILE C 17 -46.46 26.17 -19.11
N HIS C 18 -47.62 26.25 -19.76
CA HIS C 18 -48.23 25.09 -20.39
C HIS C 18 -47.23 24.38 -21.28
N GLY C 19 -47.13 23.06 -21.12
CA GLY C 19 -46.31 22.23 -21.96
C GLY C 19 -44.94 21.91 -21.41
N VAL C 20 -44.50 22.62 -20.37
CA VAL C 20 -43.22 22.36 -19.73
C VAL C 20 -43.50 21.55 -18.46
N PRO C 21 -43.06 20.29 -18.38
CA PRO C 21 -43.19 19.54 -17.13
C PRO C 21 -42.51 20.24 -15.98
N GLU C 22 -43.06 20.05 -14.79
CA GLU C 22 -42.44 20.60 -13.59
C GLU C 22 -41.13 19.89 -13.26
N PHE C 23 -40.98 18.61 -13.64
CA PHE C 23 -39.81 17.80 -13.29
C PHE C 23 -39.55 16.82 -14.43
N ILE C 24 -38.29 16.71 -14.81
CA ILE C 24 -37.83 15.78 -15.85
C ILE C 24 -36.54 15.14 -15.34
N SER C 25 -36.34 13.85 -15.63
CA SER C 25 -35.08 13.20 -15.30
C SER C 25 -34.74 12.20 -16.40
N VAL C 26 -33.52 12.27 -16.90
CA VAL C 26 -33.07 11.44 -18.00
C VAL C 26 -31.72 10.83 -17.61
N GLY C 27 -31.51 9.57 -17.97
CA GLY C 27 -30.23 8.92 -17.83
C GLY C 27 -29.61 8.66 -19.18
N TYR C 28 -28.27 8.68 -19.22
CA TYR C 28 -27.44 8.46 -20.41
C TYR C 28 -26.34 7.46 -20.11
N VAL C 29 -26.07 6.59 -21.07
CA VAL C 29 -24.79 5.89 -21.17
C VAL C 29 -24.08 6.45 -22.40
N ASP C 30 -22.90 7.02 -22.19
CA ASP C 30 -22.19 7.76 -23.24
C ASP C 30 -23.18 8.79 -23.80
N SER C 31 -23.40 8.83 -25.11
CA SER C 31 -24.26 9.83 -25.72
C SER C 31 -25.68 9.33 -25.91
N HIS C 32 -26.00 8.12 -25.41
CA HIS C 32 -27.31 7.53 -25.66
C HIS C 32 -28.21 7.69 -24.45
N PRO C 33 -29.43 8.22 -24.63
CA PRO C 33 -30.40 8.20 -23.54
C PRO C 33 -30.80 6.76 -23.24
N ILE C 34 -30.92 6.44 -21.95
CA ILE C 34 -31.29 5.09 -21.58
C ILE C 34 -32.61 5.05 -20.83
N THR C 35 -32.91 6.10 -20.06
CA THR C 35 -34.14 6.14 -19.28
C THR C 35 -34.71 7.56 -19.28
N THR C 36 -36.01 7.65 -19.02
CA THR C 36 -36.69 8.94 -18.93
C THR C 36 -37.81 8.86 -17.89
N TYR C 37 -38.06 9.99 -17.23
CA TYR C 37 -39.14 10.14 -16.28
C TYR C 37 -39.55 11.61 -16.28
N ASP C 38 -40.84 11.88 -16.13
CA ASP C 38 -41.24 13.26 -15.93
C ASP C 38 -42.52 13.31 -15.10
N SER C 39 -42.83 14.52 -14.63
CA SER C 39 -43.97 14.76 -13.76
C SER C 39 -45.32 14.59 -14.45
N VAL C 40 -45.34 14.46 -15.78
CA VAL C 40 -46.61 14.21 -16.50
C VAL C 40 -46.89 12.72 -16.60
N THR C 41 -45.95 11.92 -17.11
CA THR C 41 -46.16 10.48 -17.15
C THR C 41 -46.08 9.86 -15.76
N ARG C 42 -45.24 10.42 -14.88
CA ARG C 42 -44.98 9.85 -13.56
C ARG C 42 -44.54 8.40 -13.64
N GLN C 43 -43.91 8.02 -14.76
CA GLN C 43 -43.44 6.66 -15.00
C GLN C 43 -42.02 6.71 -15.54
N LYS C 44 -41.16 5.81 -15.05
CA LYS C 44 -39.83 5.68 -15.62
C LYS C 44 -39.84 4.67 -16.75
N GLU C 45 -39.30 5.07 -17.90
CA GLU C 45 -39.34 4.26 -19.11
C GLU C 45 -37.97 4.14 -19.76
N PRO C 46 -37.72 3.03 -20.46
CA PRO C 46 -36.46 2.92 -21.20
C PRO C 46 -36.47 3.85 -22.40
N ARG C 47 -35.28 4.33 -22.75
CA ARG C 47 -35.09 5.08 -23.98
C ARG C 47 -34.17 4.36 -24.95
N ALA C 48 -33.80 3.11 -24.65
CA ALA C 48 -32.98 2.31 -25.53
C ALA C 48 -33.52 0.89 -25.50
N PRO C 49 -33.57 0.22 -26.64
CA PRO C 49 -34.12 -1.15 -26.65
C PRO C 49 -33.30 -2.14 -25.83
N TRP C 50 -31.99 -1.96 -25.74
CA TRP C 50 -31.17 -2.88 -24.95
C TRP C 50 -31.30 -2.66 -23.45
N MET C 51 -31.86 -1.53 -23.02
CA MET C 51 -32.27 -1.41 -21.63
C MET C 51 -33.58 -2.14 -21.37
N ALA C 52 -34.56 -1.95 -22.27
CA ALA C 52 -35.88 -2.55 -22.08
C ALA C 52 -35.82 -4.08 -22.10
N GLU C 53 -35.14 -4.66 -23.09
CA GLU C 53 -35.03 -6.11 -23.21
C GLU C 53 -34.20 -6.74 -22.10
N ASN C 54 -33.46 -5.97 -21.31
CA ASN C 54 -32.58 -6.53 -20.29
C ASN C 54 -33.00 -6.21 -18.85
N LEU C 55 -34.03 -5.41 -18.63
CA LEU C 55 -34.44 -5.02 -17.28
C LEU C 55 -35.90 -5.39 -17.07
N ALA C 56 -36.16 -6.21 -16.02
CA ALA C 56 -37.52 -6.72 -15.78
C ALA C 56 -38.47 -5.60 -15.39
N PRO C 57 -39.79 -5.83 -15.45
CA PRO C 57 -40.74 -4.77 -15.07
C PRO C 57 -40.62 -4.35 -13.62
N ASP C 58 -40.31 -5.28 -12.72
CA ASP C 58 -40.05 -4.89 -11.34
CA ASP C 58 -40.00 -4.92 -11.32
C ASP C 58 -39.01 -3.77 -11.25
N HIS C 59 -38.03 -3.75 -12.16
CA HIS C 59 -37.03 -2.69 -12.11
C HIS C 59 -37.67 -1.33 -12.38
N TRP C 60 -38.36 -1.21 -13.50
CA TRP C 60 -39.03 0.04 -13.82
C TRP C 60 -40.01 0.45 -12.72
N GLU C 61 -40.72 -0.53 -12.15
CA GLU C 61 -41.66 -0.22 -11.09
C GLU C 61 -40.96 0.39 -9.88
N ARG C 62 -39.82 -0.18 -9.48
CA ARG C 62 -39.14 0.31 -8.29
C ARG C 62 -38.62 1.73 -8.48
N TYR C 63 -38.00 2.00 -9.62
CA TYR C 63 -37.44 3.33 -9.81
C TYR C 63 -38.50 4.37 -10.19
N THR C 64 -39.65 3.94 -10.70
CA THR C 64 -40.78 4.86 -10.79
C THR C 64 -41.14 5.42 -9.42
N GLN C 65 -41.21 4.53 -8.41
CA GLN C 65 -41.49 4.99 -7.05
C GLN C 65 -40.42 5.93 -6.53
N LEU C 66 -39.14 5.61 -6.76
CA LEU C 66 -38.07 6.47 -6.28
C LEU C 66 -38.11 7.83 -6.97
N LEU C 67 -38.35 7.83 -8.28
CA LEU C 67 -38.38 9.09 -9.00
C LEU C 67 -39.53 9.98 -8.54
N ARG C 68 -40.67 9.38 -8.18
CA ARG C 68 -41.74 10.17 -7.59
C ARG C 68 -41.30 10.84 -6.29
N GLY C 69 -40.48 10.14 -5.49
CA GLY C 69 -39.93 10.77 -4.31
C GLY C 69 -38.93 11.86 -4.65
N TRP C 70 -38.02 11.60 -5.60
CA TRP C 70 -37.03 12.60 -6.00
C TRP C 70 -37.70 13.84 -6.62
N GLN C 71 -38.77 13.65 -7.39
CA GLN C 71 -39.51 14.79 -7.90
C GLN C 71 -39.99 15.67 -6.75
N GLN C 72 -40.61 15.07 -5.73
CA GLN C 72 -41.13 15.86 -4.64
C GLN C 72 -40.00 16.58 -3.90
N MET C 73 -38.88 15.88 -3.66
CA MET C 73 -37.74 16.50 -3.01
C MET C 73 -37.21 17.67 -3.83
N PHE C 74 -37.13 17.50 -5.16
CA PHE C 74 -36.67 18.59 -6.01
C PHE C 74 -37.60 19.79 -5.91
N LYS C 75 -38.91 19.55 -5.87
CA LYS C 75 -39.88 20.65 -5.80
C LYS C 75 -39.65 21.49 -4.55
N VAL C 76 -39.49 20.83 -3.40
CA VAL C 76 -39.30 21.55 -2.15
C VAL C 76 -37.93 22.23 -2.11
N GLU C 77 -36.87 21.58 -2.60
CA GLU C 77 -35.55 22.23 -2.60
C GLU C 77 -35.56 23.49 -3.47
N LEU C 78 -36.22 23.42 -4.62
CA LEU C 78 -36.31 24.62 -5.46
C LEU C 78 -37.05 25.73 -4.72
N LYS C 79 -38.13 25.39 -4.00
CA LYS C 79 -38.86 26.42 -3.26
C LYS C 79 -37.98 27.08 -2.20
N ARG C 80 -37.19 26.29 -1.47
CA ARG C 80 -36.31 26.86 -0.45
C ARG C 80 -35.22 27.74 -1.09
N LEU C 81 -34.67 27.32 -2.23
CA LEU C 81 -33.69 28.18 -2.92
C LEU C 81 -34.30 29.52 -3.28
N GLN C 82 -35.49 29.53 -3.89
CA GLN C 82 -36.10 30.80 -4.25
C GLN C 82 -36.33 31.65 -3.02
N ARG C 83 -36.69 31.03 -1.90
CA ARG C 83 -36.84 31.81 -0.67
C ARG C 83 -35.50 32.41 -0.25
N HIS C 84 -34.42 31.62 -0.33
CA HIS C 84 -33.11 32.16 0.00
C HIS C 84 -32.77 33.37 -0.85
N TYR C 85 -33.04 33.30 -2.16
CA TYR C 85 -32.70 34.39 -3.05
C TYR C 85 -33.73 35.51 -3.07
N ASN C 86 -34.89 35.32 -2.43
CA ASN C 86 -36.02 36.24 -2.57
C ASN C 86 -36.44 36.35 -4.05
N HIS C 87 -36.63 35.19 -4.68
CA HIS C 87 -36.97 35.11 -6.09
C HIS C 87 -38.41 34.67 -6.28
N SER C 88 -39.11 35.31 -7.21
CA SER C 88 -40.45 34.90 -7.60
C SER C 88 -40.45 34.52 -9.07
N GLY C 89 -41.59 34.09 -9.58
CA GLY C 89 -41.66 33.69 -10.96
C GLY C 89 -41.00 32.34 -11.18
N SER C 90 -40.68 32.06 -12.43
CA SER C 90 -40.20 30.74 -12.81
C SER C 90 -38.67 30.70 -12.74
N HIS C 91 -38.14 29.67 -12.07
CA HIS C 91 -36.70 29.45 -11.98
C HIS C 91 -36.47 27.96 -12.19
N THR C 92 -35.21 27.60 -12.43
CA THR C 92 -34.84 26.22 -12.73
C THR C 92 -33.80 25.72 -11.74
N TYR C 93 -33.86 24.41 -11.49
CA TYR C 93 -32.97 23.70 -10.59
C TYR C 93 -32.53 22.44 -11.34
N GLN C 94 -31.23 22.14 -11.35
CA GLN C 94 -30.76 20.99 -12.10
C GLN C 94 -29.72 20.23 -11.28
N ARG C 95 -29.67 18.92 -11.55
CA ARG C 95 -28.73 18.03 -10.91
C ARG C 95 -28.08 17.16 -11.97
N MET C 96 -26.81 16.83 -11.77
CA MET C 96 -26.12 15.85 -12.61
C MET C 96 -25.26 15.01 -11.71
N ILE C 97 -25.46 13.69 -11.75
CA ILE C 97 -24.60 12.74 -11.04
C ILE C 97 -24.11 11.70 -12.04
N GLY C 98 -22.92 11.15 -11.81
CA GLY C 98 -22.47 10.10 -12.71
C GLY C 98 -21.02 9.72 -12.47
N CYS C 99 -20.55 8.83 -13.34
CA CYS C 99 -19.20 8.31 -13.22
C CYS C 99 -18.67 7.98 -14.60
N GLU C 100 -17.34 7.86 -14.69
CA GLU C 100 -16.68 7.49 -15.92
C GLU C 100 -15.70 6.36 -15.62
N LEU C 101 -15.61 5.43 -16.56
CA LEU C 101 -14.66 4.33 -16.53
C LEU C 101 -13.70 4.62 -17.66
N LEU C 102 -12.48 5.02 -17.31
CA LEU C 102 -11.53 5.44 -18.32
C LEU C 102 -10.92 4.24 -19.03
N GLU C 103 -10.34 4.52 -20.20
CA GLU C 103 -9.65 3.49 -20.96
C GLU C 103 -8.56 2.82 -20.14
N ASP C 104 -7.78 3.60 -19.37
CA ASP C 104 -6.70 3.04 -18.56
C ASP C 104 -7.18 2.30 -17.33
N GLY C 105 -8.47 2.27 -17.05
CA GLY C 105 -8.96 1.59 -15.87
C GLY C 105 -9.28 2.50 -14.71
N SER C 106 -8.83 3.75 -14.74
CA SER C 106 -9.17 4.70 -13.70
CA SER C 106 -9.17 4.70 -13.70
CA SER C 106 -9.17 4.70 -13.70
C SER C 106 -10.63 5.11 -13.82
N THR C 107 -11.17 5.64 -12.71
CA THR C 107 -12.55 6.08 -12.66
C THR C 107 -12.64 7.52 -12.17
N THR C 108 -13.71 8.19 -12.57
CA THR C 108 -14.08 9.49 -12.02
C THR C 108 -15.54 9.43 -11.58
N GLY C 109 -15.92 10.35 -10.73
CA GLY C 109 -17.29 10.47 -10.28
C GLY C 109 -17.58 11.93 -9.99
N PHE C 110 -18.84 12.32 -10.19
CA PHE C 110 -19.17 13.73 -10.07
C PHE C 110 -20.64 13.85 -9.69
N LEU C 111 -20.94 14.94 -8.99
CA LEU C 111 -22.28 15.26 -8.52
C LEU C 111 -22.28 16.76 -8.33
N GLN C 112 -23.26 17.44 -8.95
CA GLN C 112 -23.27 18.89 -9.11
C GLN C 112 -24.71 19.33 -9.21
N TYR C 113 -24.97 20.56 -8.73
CA TYR C 113 -26.28 21.19 -8.82
C TYR C 113 -26.11 22.55 -9.46
N ALA C 114 -27.17 23.01 -10.15
CA ALA C 114 -27.18 24.33 -10.75
C ALA C 114 -28.54 24.98 -10.49
N TYR C 115 -28.53 26.30 -10.39
CA TYR C 115 -29.74 27.09 -10.19
C TYR C 115 -29.78 28.12 -11.30
N ASP C 116 -30.90 28.14 -12.04
CA ASP C 116 -31.05 29.04 -13.19
C ASP C 116 -29.92 28.82 -14.21
N GLY C 117 -29.57 27.57 -14.43
CA GLY C 117 -28.62 27.22 -15.45
C GLY C 117 -27.16 27.46 -15.11
N GLN C 118 -26.83 27.87 -13.87
CA GLN C 118 -25.47 28.23 -13.47
C GLN C 118 -25.00 27.36 -12.33
N ASP C 119 -23.69 27.07 -12.29
CA ASP C 119 -23.12 26.26 -11.22
C ASP C 119 -23.58 26.76 -9.86
N PHE C 120 -24.02 25.84 -9.01
CA PHE C 120 -24.47 26.18 -7.67
C PHE C 120 -23.69 25.43 -6.60
N LEU C 121 -23.65 24.10 -6.65
CA LEU C 121 -22.93 23.29 -5.68
C LEU C 121 -22.20 22.16 -6.41
N ILE C 122 -20.94 21.92 -6.07
CA ILE C 122 -20.10 20.91 -6.71
C ILE C 122 -19.52 20.03 -5.63
N PHE C 123 -19.82 18.73 -5.68
CA PHE C 123 -19.31 17.78 -4.70
C PHE C 123 -17.90 17.33 -5.09
N ASN C 124 -17.03 17.26 -4.11
CA ASN C 124 -15.72 16.67 -4.31
C ASN C 124 -15.69 15.38 -3.49
N LYS C 125 -15.86 14.25 -4.17
CA LYS C 125 -15.88 12.96 -3.49
C LYS C 125 -14.53 12.59 -2.90
N ASP C 126 -13.44 13.22 -3.36
CA ASP C 126 -12.13 12.86 -2.85
C ASP C 126 -11.84 13.56 -1.54
N THR C 127 -12.51 14.68 -1.26
CA THR C 127 -12.39 15.34 0.04
C THR C 127 -13.69 15.32 0.85
N LEU C 128 -14.77 14.76 0.31
CA LEU C 128 -16.09 14.76 0.96
C LEU C 128 -16.55 16.16 1.34
N SER C 129 -16.43 17.12 0.41
CA SER C 129 -16.99 18.42 0.71
C SER C 129 -17.69 18.98 -0.51
N TRP C 130 -18.51 20.00 -0.27
CA TRP C 130 -19.25 20.69 -1.31
C TRP C 130 -18.66 22.06 -1.54
N LEU C 131 -18.39 22.39 -2.81
CA LEU C 131 -17.98 23.74 -3.17
C LEU C 131 -19.21 24.59 -3.50
N ALA C 132 -19.37 25.71 -2.79
CA ALA C 132 -20.49 26.64 -2.94
C ALA C 132 -20.08 27.85 -3.76
N VAL C 133 -20.96 28.33 -4.63
CA VAL C 133 -20.61 29.48 -5.45
C VAL C 133 -20.94 30.83 -4.81
N ASP C 134 -21.81 30.86 -3.80
CA ASP C 134 -22.22 32.12 -3.18
C ASP C 134 -22.75 31.81 -1.79
N ASN C 135 -23.23 32.85 -1.10
CA ASN C 135 -23.64 32.71 0.29
C ASN C 135 -24.84 31.76 0.42
N VAL C 136 -25.75 31.78 -0.54
CA VAL C 136 -26.92 30.88 -0.48
C VAL C 136 -26.48 29.43 -0.62
N ALA C 137 -25.70 29.13 -1.66
CA ALA C 137 -25.12 27.79 -1.75
C ALA C 137 -24.31 27.44 -0.51
N HIS C 138 -23.66 28.42 0.12
CA HIS C 138 -22.89 28.11 1.33
C HIS C 138 -23.81 27.64 2.45
N THR C 139 -25.00 28.25 2.56
CA THR C 139 -25.96 27.83 3.56
C THR C 139 -26.40 26.38 3.33
N ILE C 140 -26.57 25.99 2.08
CA ILE C 140 -26.94 24.61 1.78
C ILE C 140 -25.75 23.67 2.03
N LYS C 141 -24.54 24.12 1.66
CA LYS C 141 -23.33 23.34 1.92
C LYS C 141 -23.21 22.96 3.40
N GLN C 142 -23.44 23.92 4.30
CA GLN C 142 -23.28 23.63 5.73
C GLN C 142 -24.26 22.56 6.18
N ALA C 143 -25.50 22.63 5.73
CA ALA C 143 -26.46 21.59 6.11
C ALA C 143 -26.02 20.22 5.60
N TRP C 144 -25.63 20.14 4.33
CA TRP C 144 -25.29 18.84 3.75
C TRP C 144 -24.00 18.29 4.34
N GLU C 145 -23.06 19.16 4.71
CA GLU C 145 -21.79 18.71 5.27
C GLU C 145 -21.91 18.27 6.72
N ALA C 146 -22.99 18.65 7.41
CA ALA C 146 -23.21 18.19 8.77
C ALA C 146 -23.68 16.74 8.85
N ASN C 147 -23.99 16.10 7.72
CA ASN C 147 -24.42 14.70 7.69
C ASN C 147 -23.26 13.85 7.16
N GLN C 148 -22.35 13.51 8.06
CA GLN C 148 -21.13 12.81 7.68
C GLN C 148 -21.42 11.51 6.95
N HIS C 149 -22.39 10.72 7.45
CA HIS C 149 -22.75 9.45 6.84
C HIS C 149 -23.25 9.63 5.41
N GLU C 150 -23.99 10.70 5.14
CA GLU C 150 -24.50 10.87 3.79
C GLU C 150 -23.37 11.19 2.82
N LEU C 151 -22.37 11.95 3.28
CA LEU C 151 -21.19 12.18 2.45
C LEU C 151 -20.45 10.88 2.15
N LEU C 152 -20.33 9.99 3.14
CA LEU C 152 -19.70 8.69 2.90
C LEU C 152 -20.52 7.83 1.93
N TYR C 153 -21.86 7.87 2.08
CA TYR C 153 -22.71 7.14 1.15
C TYR C 153 -22.52 7.63 -0.28
N GLN C 154 -22.43 8.94 -0.46
CA GLN C 154 -22.27 9.49 -1.81
CA GLN C 154 -22.30 9.46 -1.83
C GLN C 154 -20.95 9.06 -2.43
N LYS C 155 -19.87 9.15 -1.67
CA LYS C 155 -18.59 8.71 -2.19
C LYS C 155 -18.67 7.25 -2.60
N ASN C 156 -19.20 6.41 -1.73
CA ASN C 156 -19.35 5.01 -2.08
C ASN C 156 -20.20 4.83 -3.34
N TRP C 157 -21.31 5.58 -3.46
CA TRP C 157 -22.15 5.36 -4.63
C TRP C 157 -21.40 5.74 -5.90
N LEU C 158 -20.73 6.89 -5.90
CA LEU C 158 -20.01 7.31 -7.09
C LEU C 158 -18.88 6.35 -7.44
N GLU C 159 -18.16 5.84 -6.45
CA GLU C 159 -16.93 5.11 -6.75
C GLU C 159 -17.18 3.63 -7.06
N GLU C 160 -18.19 3.02 -6.45
CA GLU C 160 -18.46 1.60 -6.58
C GLU C 160 -19.77 1.31 -7.31
N GLU C 161 -20.89 1.79 -6.78
CA GLU C 161 -22.20 1.45 -7.35
C GLU C 161 -22.34 1.99 -8.77
N CYS C 162 -22.04 3.28 -8.98
CA CYS C 162 -22.23 3.86 -10.31
C CYS C 162 -21.40 3.13 -11.36
N ILE C 163 -20.15 2.78 -11.01
CA ILE C 163 -19.29 2.06 -11.94
C ILE C 163 -19.87 0.67 -12.25
N ALA C 164 -20.34 -0.04 -11.21
CA ALA C 164 -20.90 -1.36 -11.45
C ALA C 164 -22.15 -1.29 -12.35
N TRP C 165 -23.03 -0.32 -12.09
CA TRP C 165 -24.18 -0.15 -12.96
C TRP C 165 -23.74 0.16 -14.39
N LEU C 166 -22.68 0.95 -14.55
CA LEU C 166 -22.19 1.29 -15.87
C LEU C 166 -21.67 0.07 -16.60
N LYS C 167 -20.89 -0.79 -15.93
CA LYS C 167 -20.40 -2.01 -16.58
C LYS C 167 -21.56 -2.93 -16.92
N ARG C 168 -22.60 -2.94 -16.09
CA ARG C 168 -23.79 -3.73 -16.39
C ARG C 168 -24.47 -3.25 -17.67
N PHE C 169 -24.69 -1.94 -17.77
CA PHE C 169 -25.35 -1.40 -18.96
C PHE C 169 -24.46 -1.49 -20.19
N LEU C 170 -23.13 -1.40 -19.99
CA LEU C 170 -22.19 -1.54 -21.10
CA LEU C 170 -22.22 -1.54 -21.12
C LEU C 170 -22.33 -2.91 -21.76
N GLU C 171 -22.54 -3.95 -20.95
CA GLU C 171 -22.72 -5.28 -21.50
C GLU C 171 -24.09 -5.43 -22.17
N TYR C 172 -25.15 -4.90 -21.55
CA TYR C 172 -26.47 -4.88 -22.19
C TYR C 172 -26.41 -4.30 -23.60
N GLY C 173 -25.77 -3.15 -23.74
CA GLY C 173 -25.78 -2.47 -25.02
C GLY C 173 -24.51 -2.58 -25.82
N LYS C 174 -23.76 -3.68 -25.61
CA LYS C 174 -22.40 -3.77 -26.14
C LYS C 174 -22.39 -3.69 -27.67
N ASP C 175 -23.41 -4.26 -28.32
CA ASP C 175 -23.47 -4.26 -29.78
C ASP C 175 -23.61 -2.85 -30.34
N THR C 176 -24.17 -1.93 -29.56
CA THR C 176 -24.22 -0.53 -29.95
C THR C 176 -23.04 0.26 -29.38
N LEU C 177 -22.80 0.11 -28.07
CA LEU C 177 -21.89 1.02 -27.37
C LEU C 177 -20.43 0.72 -27.67
N GLN C 178 -20.11 -0.53 -28.00
CA GLN C 178 -18.71 -0.93 -28.16
C GLN C 178 -18.33 -1.13 -29.62
N ARG C 179 -19.24 -0.83 -30.55
CA ARG C 179 -18.92 -1.00 -31.96
C ARG C 179 -18.03 0.13 -32.45
N THR C 180 -17.52 -0.02 -33.66
CA THR C 180 -16.70 1.02 -34.27
C THR C 180 -17.12 1.19 -35.71
N GLU C 181 -17.54 2.39 -36.07
CA GLU C 181 -17.77 2.72 -37.47
CA GLU C 181 -17.78 2.73 -37.47
C GLU C 181 -16.72 3.75 -37.87
N PRO C 182 -15.77 3.40 -38.73
CA PRO C 182 -14.67 4.33 -39.01
C PRO C 182 -15.16 5.50 -39.85
N PRO C 183 -14.50 6.64 -39.75
CA PRO C 183 -14.96 7.82 -40.51
C PRO C 183 -14.65 7.73 -41.99
N LEU C 184 -15.55 8.29 -42.81
CA LEU C 184 -15.25 8.61 -44.20
C LEU C 184 -14.74 10.03 -44.24
N VAL C 185 -13.54 10.25 -44.80
CA VAL C 185 -12.91 11.56 -44.69
C VAL C 185 -12.52 12.06 -46.07
N ARG C 186 -12.72 13.35 -46.30
CA ARG C 186 -12.37 13.95 -47.58
C ARG C 186 -11.84 15.36 -47.35
N VAL C 187 -11.09 15.84 -48.32
CA VAL C 187 -10.53 17.19 -48.32
C VAL C 187 -11.02 17.90 -49.55
N ASN C 188 -11.53 19.11 -49.37
CA ASN C 188 -11.95 19.95 -50.49
C ASN C 188 -11.12 21.23 -50.48
N ARG C 189 -10.70 21.66 -51.66
CA ARG C 189 -10.05 22.95 -51.81
C ARG C 189 -10.92 23.84 -52.69
N LYS C 190 -10.85 25.15 -52.44
CA LYS C 190 -11.63 26.12 -53.19
C LYS C 190 -10.99 27.49 -53.03
N GLU C 191 -10.88 28.23 -54.12
CA GLU C 191 -10.56 29.64 -54.00
C GLU C 191 -11.81 30.38 -53.56
N THR C 192 -11.68 31.16 -52.48
CA THR C 192 -12.86 31.89 -51.99
C THR C 192 -12.75 33.35 -52.39
N PHE C 193 -12.63 34.24 -51.42
CA PHE C 193 -12.25 35.61 -51.72
C PHE C 193 -11.01 35.60 -52.61
N PRO C 194 -10.91 36.49 -53.61
CA PRO C 194 -9.74 36.50 -54.51
C PRO C 194 -8.41 36.36 -53.80
N GLY C 195 -7.63 35.33 -54.17
CA GLY C 195 -6.35 35.04 -53.57
C GLY C 195 -6.39 34.25 -52.28
N VAL C 196 -7.56 33.78 -51.84
CA VAL C 196 -7.70 33.11 -50.56
C VAL C 196 -8.26 31.72 -50.83
N THR C 197 -7.47 30.69 -50.58
CA THR C 197 -7.88 29.30 -50.77
C THR C 197 -8.24 28.69 -49.44
N ALA C 198 -9.39 28.03 -49.38
CA ALA C 198 -9.85 27.37 -48.17
C ALA C 198 -9.75 25.87 -48.34
N LEU C 199 -9.17 25.20 -47.34
CA LEU C 199 -9.09 23.75 -47.27
C LEU C 199 -10.04 23.26 -46.18
N PHE C 200 -10.99 22.39 -46.55
CA PHE C 200 -11.91 21.77 -45.61
C PHE C 200 -11.63 20.29 -45.51
N CYS C 201 -11.48 19.80 -44.28
CA CYS C 201 -11.30 18.38 -44.02
C CYS C 201 -12.56 17.91 -43.31
N LYS C 202 -13.35 17.06 -43.98
CA LYS C 202 -14.68 16.72 -43.51
C LYS C 202 -14.82 15.22 -43.27
N ALA C 203 -15.36 14.86 -42.11
CA ALA C 203 -15.56 13.45 -41.75
C ALA C 203 -17.02 13.21 -41.41
N HIS C 204 -17.53 12.05 -41.83
CA HIS C 204 -18.87 11.66 -41.46
C HIS C 204 -18.94 10.14 -41.37
N GLY C 205 -20.06 9.65 -40.85
CA GLY C 205 -20.32 8.23 -40.79
C GLY C 205 -19.63 7.50 -39.66
N PHE C 206 -19.09 8.20 -38.67
CA PHE C 206 -18.26 7.56 -37.67
C PHE C 206 -18.97 7.41 -36.32
N TYR C 207 -18.59 6.35 -35.61
CA TYR C 207 -19.04 6.07 -34.24
C TYR C 207 -17.88 5.33 -33.57
N PRO C 208 -17.54 5.66 -32.32
CA PRO C 208 -18.17 6.65 -31.42
C PRO C 208 -17.91 8.10 -31.85
N PRO C 209 -18.60 9.08 -31.25
CA PRO C 209 -18.43 10.48 -31.70
C PRO C 209 -17.04 11.04 -31.47
N GLU C 210 -16.26 10.49 -30.53
CA GLU C 210 -14.94 11.04 -30.24
C GLU C 210 -14.05 10.90 -31.47
N ILE C 211 -13.53 12.02 -31.97
CA ILE C 211 -12.68 12.04 -33.16
C ILE C 211 -11.72 13.21 -33.04
N TYR C 212 -10.49 13.00 -33.50
CA TYR C 212 -9.46 14.04 -33.53
CA TYR C 212 -9.47 14.05 -33.53
C TYR C 212 -9.18 14.43 -34.97
N MET C 213 -9.19 15.72 -35.25
CA MET C 213 -8.89 16.22 -36.59
C MET C 213 -7.96 17.42 -36.43
N THR C 214 -6.98 17.52 -37.31
CA THR C 214 -6.11 18.68 -37.27
C THR C 214 -5.46 18.81 -38.64
N TRP C 215 -4.91 19.99 -38.88
CA TRP C 215 -4.16 20.29 -40.09
C TRP C 215 -2.70 20.48 -39.74
N MET C 216 -1.82 20.03 -40.63
CA MET C 216 -0.38 20.16 -40.40
C MET C 216 0.29 20.62 -41.69
N LYS C 217 1.32 21.46 -41.52
CA LYS C 217 2.09 22.02 -42.63
C LYS C 217 3.47 21.38 -42.65
N ASN C 218 3.87 20.85 -43.80
CA ASN C 218 5.18 20.20 -43.96
C ASN C 218 5.46 19.15 -42.88
N GLY C 219 4.40 18.52 -42.37
CA GLY C 219 4.56 17.53 -41.32
C GLY C 219 4.70 18.08 -39.91
N GLU C 220 4.59 19.39 -39.73
CA GLU C 220 4.61 20.00 -38.40
C GLU C 220 3.29 20.71 -38.13
N GLU C 221 3.05 21.03 -36.87
CA GLU C 221 1.77 21.61 -36.48
C GLU C 221 1.59 22.99 -37.09
N ILE C 222 0.34 23.32 -37.41
CA ILE C 222 -0.01 24.63 -37.93
C ILE C 222 0.20 25.68 -36.83
N VAL C 223 0.47 26.92 -37.24
CA VAL C 223 0.40 28.07 -36.33
C VAL C 223 -0.72 29.03 -36.69
N GLN C 224 -1.43 28.81 -37.80
CA GLN C 224 -2.50 29.70 -38.25
C GLN C 224 -3.84 29.27 -37.64
N GLU C 225 -4.87 30.06 -37.91
CA GLU C 225 -6.18 29.81 -37.34
C GLU C 225 -6.80 28.57 -37.96
N ILE C 226 -7.16 27.60 -37.14
CA ILE C 226 -7.92 26.44 -37.58
C ILE C 226 -9.35 26.61 -37.08
N ASP C 227 -10.31 26.46 -37.98
CA ASP C 227 -11.74 26.48 -37.64
CA ASP C 227 -11.72 26.48 -37.61
C ASP C 227 -12.20 25.04 -37.47
N TYR C 228 -12.90 24.77 -36.37
CA TYR C 228 -13.42 23.44 -36.08
C TYR C 228 -14.94 23.42 -36.19
N GLY C 229 -15.48 22.44 -36.92
CA GLY C 229 -16.90 22.18 -36.85
C GLY C 229 -17.23 21.32 -35.64
N ASP C 230 -18.44 21.54 -35.10
CA ASP C 230 -18.92 20.70 -34.02
C ASP C 230 -19.04 19.25 -34.48
N ILE C 231 -19.00 18.34 -33.52
CA ILE C 231 -19.29 16.94 -33.78
C ILE C 231 -20.80 16.79 -33.70
N LEU C 232 -21.45 16.52 -34.82
CA LEU C 232 -22.89 16.61 -34.94
C LEU C 232 -23.50 15.24 -35.21
N PRO C 233 -24.67 14.94 -34.64
CA PRO C 233 -25.32 13.65 -34.96
C PRO C 233 -25.94 13.73 -36.34
N SER C 234 -25.74 12.66 -37.12
CA SER C 234 -26.29 12.63 -38.47
C SER C 234 -27.71 12.07 -38.51
N GLY C 235 -28.21 11.50 -37.40
CA GLY C 235 -29.54 10.97 -37.31
C GLY C 235 -29.61 9.46 -37.40
N ASP C 236 -28.60 8.82 -37.97
CA ASP C 236 -28.55 7.36 -38.13
C ASP C 236 -27.63 6.69 -37.12
N GLY C 237 -27.32 7.35 -36.00
CA GLY C 237 -26.44 6.79 -35.00
C GLY C 237 -24.96 7.08 -35.20
N THR C 238 -24.56 7.68 -36.32
CA THR C 238 -23.20 8.09 -36.59
C THR C 238 -23.08 9.61 -36.49
N TYR C 239 -21.86 10.12 -36.60
CA TYR C 239 -21.58 11.54 -36.40
C TYR C 239 -20.76 12.11 -37.56
N GLN C 240 -20.65 13.44 -37.59
CA GLN C 240 -19.90 14.14 -38.62
C GLN C 240 -19.21 15.38 -38.03
N ALA C 241 -18.10 15.77 -38.65
CA ALA C 241 -17.31 16.89 -38.14
C ALA C 241 -16.39 17.38 -39.26
N TRP C 242 -15.74 18.52 -39.01
CA TRP C 242 -14.79 19.04 -40.00
C TRP C 242 -13.81 19.99 -39.33
N ALA C 243 -12.71 20.25 -40.03
CA ALA C 243 -11.77 21.29 -39.66
C ALA C 243 -11.26 21.95 -40.93
N SER C 244 -11.00 23.25 -40.85
CA SER C 244 -10.64 23.99 -42.05
C SER C 244 -9.56 25.01 -41.74
N ILE C 245 -8.78 25.33 -42.76
CA ILE C 245 -7.71 26.33 -42.69
C ILE C 245 -7.71 27.09 -44.00
N GLU C 246 -6.99 28.22 -43.99
CA GLU C 246 -6.79 29.06 -45.16
C GLU C 246 -5.37 28.83 -45.67
N LEU C 247 -5.27 28.30 -46.89
CA LEU C 247 -3.97 27.98 -47.46
C LEU C 247 -3.20 29.25 -47.78
N ASP C 248 -1.89 29.22 -47.50
CA ASP C 248 -1.04 30.38 -47.70
C ASP C 248 -0.58 30.52 -49.14
N ASN C 253 3.90 24.97 -47.16
CA ASN C 253 3.49 24.82 -48.55
C ASN C 253 2.81 23.46 -48.81
N LEU C 254 3.05 22.48 -47.93
CA LEU C 254 2.49 21.13 -48.04
C LEU C 254 1.56 20.88 -46.87
N TYR C 255 0.25 20.84 -47.13
CA TYR C 255 -0.73 20.71 -46.07
C TYR C 255 -1.34 19.31 -46.05
N SER C 256 -1.59 18.80 -44.85
CA SER C 256 -2.20 17.49 -44.70
C SER C 256 -3.19 17.52 -43.56
N CYS C 257 -4.30 16.82 -43.75
CA CYS C 257 -5.30 16.64 -42.71
C CYS C 257 -5.03 15.35 -41.96
N HIS C 258 -5.07 15.41 -40.64
CA HIS C 258 -4.77 14.27 -39.78
C HIS C 258 -6.00 13.93 -38.95
N VAL C 259 -6.41 12.67 -39.01
CA VAL C 259 -7.61 12.21 -38.32
C VAL C 259 -7.25 11.00 -37.49
N GLU C 260 -7.69 10.98 -36.24
CA GLU C 260 -7.52 9.80 -35.40
C GLU C 260 -8.88 9.39 -34.86
N HIS C 261 -9.20 8.10 -34.97
CA HIS C 261 -10.48 7.60 -34.51
C HIS C 261 -10.32 6.16 -34.06
N SER C 262 -10.66 5.88 -32.80
CA SER C 262 -10.64 4.52 -32.23
C SER C 262 -9.32 3.79 -32.51
N GLY C 263 -8.22 4.50 -32.33
CA GLY C 263 -6.94 3.85 -32.46
C GLY C 263 -6.45 3.66 -33.88
N VAL C 264 -7.08 4.30 -34.86
CA VAL C 264 -6.59 4.29 -36.23
C VAL C 264 -6.26 5.73 -36.61
N HIS C 265 -5.09 5.93 -37.21
CA HIS C 265 -4.69 7.24 -37.71
CA HIS C 265 -4.68 7.24 -37.70
C HIS C 265 -4.83 7.29 -39.22
N MET C 266 -5.25 8.44 -39.73
CA MET C 266 -5.42 8.64 -41.16
CA MET C 266 -5.45 8.66 -41.17
C MET C 266 -4.78 9.96 -41.55
N VAL C 267 -4.14 9.99 -42.72
CA VAL C 267 -3.52 11.20 -43.24
C VAL C 267 -4.03 11.44 -44.65
N LEU C 268 -4.44 12.67 -44.90
CA LEU C 268 -4.92 13.07 -46.23
C LEU C 268 -4.07 14.25 -46.67
N GLN C 269 -3.22 14.02 -47.65
CA GLN C 269 -2.30 15.04 -48.15
CA GLN C 269 -2.30 15.04 -48.15
C GLN C 269 -2.99 15.85 -49.24
N VAL C 270 -2.87 17.16 -49.17
CA VAL C 270 -3.48 18.00 -50.20
C VAL C 270 -2.54 18.06 -51.40
N PRO C 271 -3.02 17.74 -52.61
CA PRO C 271 -2.23 17.77 -53.85
C PRO C 271 -1.51 19.10 -54.10
N GLN D 3 -30.12 -12.95 -2.91
CA GLN D 3 -29.51 -12.13 -1.87
C GLN D 3 -29.78 -12.71 -0.49
N ASN D 4 -28.81 -12.60 0.43
CA ASN D 4 -29.00 -13.12 1.76
CA ASN D 4 -28.94 -13.18 1.75
C ASN D 4 -28.13 -12.36 2.75
N ILE D 5 -28.51 -12.44 4.02
CA ILE D 5 -27.82 -11.77 5.11
C ILE D 5 -27.92 -12.66 6.34
N ASP D 6 -26.81 -12.89 7.02
CA ASP D 6 -26.77 -13.91 8.07
C ASP D 6 -26.11 -13.37 9.33
N GLN D 7 -26.79 -13.54 10.45
CA GLN D 7 -26.23 -13.21 11.75
C GLN D 7 -26.62 -14.34 12.68
N PRO D 8 -25.81 -14.64 13.70
CA PRO D 8 -26.15 -15.75 14.60
C PRO D 8 -27.51 -15.55 15.24
N THR D 9 -28.19 -16.67 15.46
CA THR D 9 -29.49 -16.67 16.10
C THR D 9 -29.40 -16.12 17.51
N GLU D 10 -28.40 -16.55 18.27
CA GLU D 10 -28.31 -16.17 19.65
C GLU D 10 -26.85 -16.22 20.11
N MET D 11 -26.47 -15.27 20.96
CA MET D 11 -25.16 -15.22 21.57
C MET D 11 -25.33 -14.98 23.07
N THR D 12 -24.37 -15.46 23.85
CA THR D 12 -24.39 -15.33 25.29
C THR D 12 -22.99 -14.95 25.77
N ALA D 13 -22.91 -13.92 26.60
CA ALA D 13 -21.65 -13.41 27.10
C ALA D 13 -21.84 -12.99 28.54
N THR D 14 -20.73 -12.80 29.25
CA THR D 14 -20.77 -12.51 30.68
C THR D 14 -20.76 -11.02 30.92
N GLU D 15 -21.49 -10.59 31.95
CA GLU D 15 -21.51 -9.18 32.31
C GLU D 15 -20.10 -8.65 32.54
N GLY D 16 -19.85 -7.43 32.08
CA GLY D 16 -18.54 -6.83 32.18
C GLY D 16 -17.56 -7.20 31.08
N ALA D 17 -17.85 -8.22 30.29
CA ALA D 17 -16.98 -8.64 29.21
C ALA D 17 -17.30 -7.93 27.90
N ILE D 18 -16.93 -8.57 26.79
CA ILE D 18 -17.06 -8.00 25.45
C ILE D 18 -17.74 -9.04 24.57
N VAL D 19 -18.62 -8.58 23.68
CA VAL D 19 -19.23 -9.47 22.70
C VAL D 19 -19.16 -8.81 21.32
N GLN D 20 -18.91 -9.62 20.31
CA GLN D 20 -18.84 -9.16 18.93
C GLN D 20 -19.88 -9.95 18.13
N ILE D 21 -20.86 -9.24 17.56
CA ILE D 21 -21.97 -9.84 16.84
C ILE D 21 -21.69 -9.68 15.35
N ASN D 22 -21.49 -10.79 14.65
CA ASN D 22 -21.13 -10.69 13.24
C ASN D 22 -22.39 -10.62 12.36
N CYS D 23 -22.22 -10.07 11.17
CA CYS D 23 -23.28 -10.06 10.15
CA CYS D 23 -23.28 -10.07 10.16
C CYS D 23 -22.61 -10.15 8.79
N THR D 24 -22.86 -11.22 8.05
CA THR D 24 -22.35 -11.30 6.69
C THR D 24 -23.48 -11.13 5.70
N TYR D 25 -23.15 -10.60 4.51
CA TYR D 25 -24.19 -10.32 3.53
C TYR D 25 -23.67 -10.63 2.13
N GLN D 26 -24.55 -11.21 1.32
CA GLN D 26 -24.29 -11.44 -0.11
C GLN D 26 -25.42 -10.72 -0.85
N THR D 27 -25.11 -9.58 -1.43
CA THR D 27 -26.10 -8.78 -2.10
C THR D 27 -25.56 -8.40 -3.47
N SER D 28 -26.48 -8.19 -4.40
CA SER D 28 -26.16 -7.49 -5.64
C SER D 28 -26.12 -6.01 -5.30
N GLY D 29 -24.92 -5.48 -5.08
CA GLY D 29 -24.73 -4.09 -4.77
C GLY D 29 -24.91 -3.76 -3.30
N PHE D 30 -24.39 -2.59 -2.92
CA PHE D 30 -24.25 -2.24 -1.51
C PHE D 30 -24.33 -0.73 -1.33
N ASN D 31 -25.20 -0.29 -0.42
CA ASN D 31 -25.39 1.14 -0.17
C ASN D 31 -25.41 1.43 1.33
N GLY D 32 -24.91 0.51 2.15
CA GLY D 32 -24.82 0.76 3.58
C GLY D 32 -25.33 -0.40 4.38
N LEU D 33 -24.85 -0.50 5.63
CA LEU D 33 -25.25 -1.53 6.59
C LEU D 33 -25.66 -0.85 7.88
N PHE D 34 -26.81 -1.25 8.42
CA PHE D 34 -27.41 -0.66 9.60
C PHE D 34 -27.45 -1.68 10.72
N TRP D 35 -27.26 -1.22 11.96
CA TRP D 35 -27.60 -2.01 13.13
C TRP D 35 -28.71 -1.33 13.92
N TYR D 36 -29.65 -2.14 14.39
CA TYR D 36 -30.75 -1.69 15.23
C TYR D 36 -30.74 -2.55 16.48
N GLN D 37 -31.08 -1.94 17.61
CA GLN D 37 -31.31 -2.66 18.87
C GLN D 37 -32.81 -2.78 19.10
N GLN D 38 -33.26 -3.97 19.48
CA GLN D 38 -34.68 -4.18 19.78
C GLN D 38 -34.83 -4.93 21.09
N HIS D 39 -35.17 -4.22 22.16
CA HIS D 39 -35.50 -4.88 23.40
C HIS D 39 -36.80 -5.66 23.25
N ALA D 40 -36.99 -6.63 24.14
CA ALA D 40 -38.13 -7.52 24.03
C ALA D 40 -39.44 -6.74 24.15
N GLY D 41 -40.33 -6.94 23.18
CA GLY D 41 -41.62 -6.28 23.20
C GLY D 41 -41.60 -4.83 22.82
N GLU D 42 -40.44 -4.27 22.46
CA GLU D 42 -40.35 -2.88 22.05
C GLU D 42 -40.02 -2.79 20.56
N ALA D 43 -39.94 -1.54 20.06
CA ALA D 43 -39.57 -1.22 18.69
C ALA D 43 -38.06 -1.22 18.50
N PRO D 44 -37.57 -1.58 17.31
CA PRO D 44 -36.15 -1.40 17.00
C PRO D 44 -35.81 0.08 16.98
N THR D 45 -34.58 0.38 17.41
CA THR D 45 -34.04 1.74 17.36
C THR D 45 -32.67 1.71 16.69
N PHE D 46 -32.37 2.76 15.95
CA PHE D 46 -31.17 2.81 15.13
C PHE D 46 -29.93 2.83 16.04
N LEU D 47 -28.94 2.00 15.73
CA LEU D 47 -27.65 2.01 16.42
C LEU D 47 -26.55 2.60 15.57
N SER D 48 -26.35 2.10 14.35
CA SER D 48 -25.16 2.49 13.61
C SER D 48 -25.40 2.36 12.11
N TYR D 49 -24.55 3.03 11.35
CA TYR D 49 -24.49 2.90 9.90
C TYR D 49 -23.05 2.89 9.46
N ASN D 50 -22.67 1.92 8.62
CA ASN D 50 -21.38 1.95 7.96
C ASN D 50 -21.58 1.75 6.46
N VAL D 51 -20.84 2.49 5.65
CA VAL D 51 -20.86 2.23 4.21
C VAL D 51 -19.43 2.12 3.64
N LEU D 52 -18.47 2.82 4.25
CA LEU D 52 -17.06 2.63 3.90
C LEU D 52 -16.35 1.82 4.97
N ASP D 53 -15.09 1.43 4.66
CA ASP D 53 -14.35 0.53 5.54
C ASP D 53 -13.90 1.25 6.80
N GLY D 54 -14.15 0.64 7.94
CA GLY D 54 -13.54 1.08 9.17
C GLY D 54 -14.40 0.73 10.37
N LEU D 55 -14.07 1.38 11.48
CA LEU D 55 -14.69 1.13 12.77
C LEU D 55 -15.15 2.47 13.31
N GLU D 56 -16.45 2.60 13.59
CA GLU D 56 -17.02 3.80 14.21
C GLU D 56 -17.46 3.48 15.63
N GLU D 57 -17.04 4.30 16.58
CA GLU D 57 -17.36 4.08 17.98
C GLU D 57 -18.43 5.07 18.43
N LYS D 58 -19.42 4.56 19.17
CA LYS D 58 -20.48 5.38 19.78
C LYS D 58 -20.67 4.87 21.21
N GLY D 59 -19.90 5.43 22.14
CA GLY D 59 -19.98 4.98 23.52
C GLY D 59 -19.36 3.60 23.67
N ARG D 60 -20.07 2.71 24.36
CA ARG D 60 -19.62 1.34 24.51
C ARG D 60 -19.81 0.51 23.24
N PHE D 61 -20.55 1.02 22.25
CA PHE D 61 -20.85 0.30 21.03
C PHE D 61 -19.97 0.78 19.89
N SER D 62 -19.50 -0.15 19.07
CA SER D 62 -18.71 0.19 17.89
C SER D 62 -19.19 -0.70 16.77
N SER D 63 -19.13 -0.19 15.54
CA SER D 63 -19.57 -0.94 14.38
CA SER D 63 -19.58 -0.92 14.37
C SER D 63 -18.49 -0.91 13.32
N PHE D 64 -18.23 -2.08 12.74
CA PHE D 64 -17.12 -2.30 11.83
C PHE D 64 -17.67 -2.81 10.51
N LEU D 65 -17.03 -2.41 9.40
CA LEU D 65 -17.41 -2.91 8.09
C LEU D 65 -16.16 -3.22 7.27
N SER D 66 -16.19 -4.37 6.60
CA SER D 66 -15.24 -4.67 5.52
C SER D 66 -16.06 -4.92 4.27
N ARG D 67 -15.98 -4.00 3.29
CA ARG D 67 -16.72 -4.15 2.04
CA ARG D 67 -16.73 -4.17 2.06
C ARG D 67 -16.20 -5.32 1.22
N SER D 68 -14.88 -5.56 1.23
CA SER D 68 -14.32 -6.62 0.40
C SER D 68 -14.68 -8.01 0.91
N LYS D 69 -14.75 -8.18 2.24
CA LYS D 69 -15.17 -9.45 2.81
C LYS D 69 -16.68 -9.55 3.02
N GLY D 70 -17.42 -8.46 2.78
CA GLY D 70 -18.87 -8.47 2.89
C GLY D 70 -19.32 -8.83 4.30
N TYR D 71 -18.81 -8.09 5.27
CA TYR D 71 -18.88 -8.50 6.67
C TYR D 71 -18.89 -7.26 7.56
N SER D 72 -19.73 -7.28 8.58
CA SER D 72 -19.74 -6.25 9.60
C SER D 72 -19.83 -6.92 10.96
N TYR D 73 -19.34 -6.25 12.00
CA TYR D 73 -19.67 -6.72 13.32
C TYR D 73 -20.10 -5.55 14.19
N LEU D 74 -20.91 -5.86 15.18
CA LEU D 74 -21.28 -4.92 16.23
C LEU D 74 -20.56 -5.37 17.49
N LEU D 75 -19.79 -4.47 18.09
CA LEU D 75 -18.96 -4.77 19.25
C LEU D 75 -19.51 -4.03 20.46
N LEU D 76 -19.91 -4.77 21.49
CA LEU D 76 -20.31 -4.19 22.77
C LEU D 76 -19.24 -4.50 23.81
N LYS D 77 -18.70 -3.48 24.44
CA LYS D 77 -17.74 -3.71 25.50
C LYS D 77 -18.32 -3.29 26.84
N GLU D 78 -17.73 -3.82 27.92
CA GLU D 78 -18.20 -3.59 29.28
C GLU D 78 -19.69 -3.92 29.41
N LEU D 79 -20.05 -5.12 28.96
CA LEU D 79 -21.45 -5.52 28.86
C LEU D 79 -22.20 -5.30 30.15
N GLN D 80 -23.42 -4.78 30.02
CA GLN D 80 -24.33 -4.60 31.14
C GLN D 80 -25.55 -5.48 30.92
N MET D 81 -26.24 -5.80 32.01
CA MET D 81 -27.47 -6.58 31.89
C MET D 81 -28.45 -5.92 30.92
N LYS D 82 -28.54 -4.59 30.93
CA LYS D 82 -29.49 -3.91 30.06
C LYS D 82 -29.14 -4.03 28.58
N ASP D 83 -27.99 -4.61 28.24
CA ASP D 83 -27.68 -4.84 26.84
C ASP D 83 -28.39 -6.06 26.28
N SER D 84 -28.96 -6.91 27.14
CA SER D 84 -29.82 -8.01 26.72
C SER D 84 -30.95 -7.53 25.82
N ALA D 85 -30.92 -7.95 24.57
CA ALA D 85 -31.88 -7.50 23.56
C ALA D 85 -31.60 -8.27 22.28
N SER D 86 -32.37 -8.01 21.25
CA SER D 86 -32.04 -8.52 19.93
C SER D 86 -31.34 -7.41 19.15
N TYR D 87 -30.44 -7.80 18.27
CA TYR D 87 -29.65 -6.88 17.46
C TYR D 87 -29.86 -7.27 16.02
N LEU D 88 -30.37 -6.33 15.23
CA LEU D 88 -30.77 -6.59 13.86
C LEU D 88 -29.81 -5.90 12.93
N CYS D 89 -29.34 -6.64 11.93
CA CYS D 89 -28.47 -6.12 10.88
CA CYS D 89 -28.51 -6.03 10.90
C CYS D 89 -29.28 -6.01 9.59
N ALA D 90 -29.11 -4.91 8.85
CA ALA D 90 -29.82 -4.72 7.59
C ALA D 90 -28.91 -4.05 6.58
N VAL D 91 -28.92 -4.56 5.35
CA VAL D 91 -28.15 -4.00 4.25
C VAL D 91 -29.10 -3.37 3.24
N LYS D 92 -28.72 -2.18 2.76
CA LYS D 92 -29.41 -1.52 1.65
C LYS D 92 -28.78 -1.96 0.35
N ASP D 93 -29.57 -2.51 -0.58
CA ASP D 93 -28.97 -3.12 -1.76
C ASP D 93 -28.83 -2.12 -2.90
N SER D 94 -28.50 -2.62 -4.10
CA SER D 94 -28.28 -1.76 -5.26
CA SER D 94 -28.28 -1.74 -5.25
C SER D 94 -29.50 -0.92 -5.62
N ASN D 95 -30.69 -1.36 -5.22
CA ASN D 95 -31.92 -0.66 -5.53
C ASN D 95 -32.46 0.08 -4.32
N TYR D 96 -31.62 0.27 -3.30
CA TYR D 96 -31.93 0.98 -2.06
C TYR D 96 -32.99 0.28 -1.24
N GLN D 97 -33.19 -1.01 -1.46
CA GLN D 97 -34.10 -1.79 -0.65
C GLN D 97 -33.34 -2.40 0.52
N LEU D 98 -33.99 -2.49 1.67
CA LEU D 98 -33.39 -3.09 2.86
C LEU D 98 -33.56 -4.60 2.83
N ILE D 99 -32.49 -5.33 3.14
CA ILE D 99 -32.57 -6.77 3.38
C ILE D 99 -32.22 -6.98 4.84
N TRP D 100 -33.13 -7.60 5.59
CA TRP D 100 -33.00 -7.70 7.04
C TRP D 100 -32.48 -9.08 7.46
N GLY D 101 -31.45 -9.09 8.30
CA GLY D 101 -31.10 -10.33 8.97
C GLY D 101 -32.14 -10.70 10.02
N ALA D 102 -32.19 -11.99 10.36
CA ALA D 102 -33.22 -12.44 11.30
C ALA D 102 -32.92 -12.05 12.74
N GLY D 103 -31.83 -11.35 13.00
CA GLY D 103 -31.62 -10.84 14.35
C GLY D 103 -30.82 -11.80 15.21
N THR D 104 -30.01 -11.23 16.10
CA THR D 104 -29.28 -12.00 17.10
C THR D 104 -29.82 -11.66 18.48
N LYS D 105 -30.34 -12.66 19.19
CA LYS D 105 -30.67 -12.46 20.59
C LYS D 105 -29.39 -12.55 21.42
N LEU D 106 -29.10 -11.49 22.21
CA LEU D 106 -27.92 -11.44 23.07
C LEU D 106 -28.33 -11.62 24.52
N ILE D 107 -27.75 -12.60 25.18
CA ILE D 107 -28.02 -12.94 26.56
C ILE D 107 -26.80 -12.63 27.41
N ILE D 108 -27.00 -11.94 28.54
CA ILE D 108 -25.92 -11.50 29.41
C ILE D 108 -26.01 -12.30 30.70
N LYS D 109 -24.96 -13.06 31.00
CA LYS D 109 -24.89 -13.81 32.25
C LYS D 109 -24.35 -12.91 33.36
N PRO D 110 -25.09 -12.70 34.44
CA PRO D 110 -24.57 -11.88 35.53
C PRO D 110 -23.38 -12.52 36.21
N ASP D 111 -22.61 -11.70 36.92
CA ASP D 111 -21.44 -12.15 37.66
C ASP D 111 -21.86 -12.44 39.09
N ILE D 112 -22.15 -13.72 39.38
CA ILE D 112 -22.64 -14.11 40.69
C ILE D 112 -21.43 -14.23 41.63
N GLN D 113 -21.39 -13.36 42.65
CA GLN D 113 -20.23 -13.34 43.54
C GLN D 113 -20.25 -14.49 44.54
N ASN D 114 -21.35 -14.64 45.27
CA ASN D 114 -21.46 -15.68 46.28
C ASN D 114 -22.69 -16.53 45.97
N PRO D 115 -22.56 -17.53 45.10
CA PRO D 115 -23.70 -18.41 44.81
C PRO D 115 -24.16 -19.14 46.07
N ASP D 116 -25.46 -19.40 46.12
CA ASP D 116 -26.09 -20.05 47.27
C ASP D 116 -27.31 -20.81 46.79
N PRO D 117 -27.11 -21.84 45.96
CA PRO D 117 -28.25 -22.53 45.35
C PRO D 117 -29.20 -23.09 46.40
N ALA D 118 -30.50 -22.96 46.13
CA ALA D 118 -31.54 -23.38 47.05
C ALA D 118 -32.87 -23.49 46.32
N VAL D 119 -33.74 -24.35 46.84
CA VAL D 119 -35.09 -24.54 46.31
C VAL D 119 -36.07 -24.27 47.45
N TYR D 120 -36.84 -23.20 47.33
CA TYR D 120 -37.76 -22.79 48.38
C TYR D 120 -39.20 -23.05 47.96
N GLN D 121 -40.03 -23.44 48.91
CA GLN D 121 -41.45 -23.57 48.68
C GLN D 121 -42.16 -22.35 49.22
N LEU D 122 -42.94 -21.69 48.36
CA LEU D 122 -43.79 -20.58 48.75
C LEU D 122 -45.24 -21.06 48.78
N ARG D 123 -46.10 -20.28 49.45
CA ARG D 123 -47.49 -20.67 49.59
C ARG D 123 -48.38 -19.43 49.59
N ASP D 124 -49.53 -19.54 48.92
CA ASP D 124 -50.65 -18.59 49.01
C ASP D 124 -51.76 -19.00 48.04
N SER D 131 -47.55 -22.83 46.98
CA SER D 131 -47.86 -23.87 46.01
C SER D 131 -46.94 -23.77 44.77
N VAL D 132 -45.89 -22.95 44.88
CA VAL D 132 -44.86 -22.87 43.85
C VAL D 132 -43.50 -23.15 44.47
N CYS D 133 -42.55 -23.57 43.63
CA CYS D 133 -41.19 -23.85 44.03
C CYS D 133 -40.25 -22.87 43.35
N LEU D 134 -39.42 -22.19 44.15
CA LEU D 134 -38.46 -21.22 43.65
C LEU D 134 -37.05 -21.80 43.77
N PHE D 135 -36.44 -22.08 42.63
CA PHE D 135 -35.02 -22.41 42.56
C PHE D 135 -34.27 -21.12 42.26
N THR D 136 -33.35 -20.73 43.14
CA THR D 136 -32.77 -19.40 43.08
C THR D 136 -31.34 -19.44 43.63
N ASP D 137 -30.61 -18.35 43.35
CA ASP D 137 -29.28 -18.08 43.89
C ASP D 137 -28.23 -19.05 43.40
N PHE D 138 -28.49 -19.76 42.31
CA PHE D 138 -27.47 -20.60 41.69
C PHE D 138 -26.60 -19.75 40.78
N ASP D 139 -25.42 -20.28 40.46
CA ASP D 139 -24.45 -19.57 39.65
C ASP D 139 -24.82 -19.64 38.17
N SER D 140 -24.38 -18.62 37.43
CA SER D 140 -24.87 -18.38 36.07
C SER D 140 -24.57 -19.53 35.12
N GLN D 141 -23.68 -20.43 35.48
CA GLN D 141 -23.37 -21.55 34.60
C GLN D 141 -24.40 -22.67 34.66
N THR D 142 -25.33 -22.62 35.62
CA THR D 142 -26.36 -23.64 35.75
C THR D 142 -27.52 -23.39 34.77
N ASN D 143 -27.95 -24.45 34.10
CA ASN D 143 -29.03 -24.40 33.12
C ASN D 143 -30.24 -25.16 33.64
N VAL D 144 -31.43 -24.65 33.32
CA VAL D 144 -32.69 -25.23 33.77
C VAL D 144 -33.38 -25.91 32.60
N SER D 145 -33.89 -27.11 32.84
CA SER D 145 -34.52 -27.91 31.80
C SER D 145 -36.05 -27.78 31.86
N GLN D 146 -36.69 -28.11 30.75
CA GLN D 146 -38.14 -28.03 30.66
C GLN D 146 -38.79 -29.13 31.49
N SER D 147 -40.12 -29.08 31.56
CA SER D 147 -40.88 -29.99 32.40
C SER D 147 -41.00 -31.36 31.75
N LYS D 148 -41.27 -32.37 32.60
CA LYS D 148 -41.40 -33.73 32.09
C LYS D 148 -42.71 -33.92 31.35
N ASP D 149 -43.76 -33.21 31.75
CA ASP D 149 -45.07 -33.36 31.14
C ASP D 149 -45.90 -32.12 31.47
N SER D 150 -47.15 -32.11 31.00
CA SER D 150 -48.09 -31.08 31.39
C SER D 150 -48.55 -31.33 32.83
N ASP D 151 -49.32 -30.38 33.37
CA ASP D 151 -49.73 -30.29 34.76
C ASP D 151 -48.56 -29.97 35.70
N VAL D 152 -47.34 -29.85 35.18
CA VAL D 152 -46.20 -29.32 35.93
C VAL D 152 -45.45 -28.37 35.00
N TYR D 153 -45.27 -27.13 35.45
CA TYR D 153 -44.73 -26.07 34.60
C TYR D 153 -43.47 -25.50 35.24
N ILE D 154 -42.41 -25.42 34.45
CA ILE D 154 -41.12 -24.87 34.89
C ILE D 154 -40.71 -23.79 33.89
N THR D 155 -40.42 -22.59 34.40
CA THR D 155 -40.07 -21.48 33.55
C THR D 155 -38.59 -21.45 33.27
N ASP D 156 -38.18 -20.53 32.39
CA ASP D 156 -36.78 -20.38 32.09
C ASP D 156 -36.08 -19.57 33.18
N LYS D 157 -34.75 -19.60 33.14
CA LYS D 157 -33.92 -18.79 34.01
C LYS D 157 -34.31 -17.31 33.89
N CYS D 158 -34.03 -16.53 34.93
CA CYS D 158 -34.46 -15.13 34.99
C CYS D 158 -33.51 -14.41 35.93
N VAL D 159 -32.88 -13.34 35.46
CA VAL D 159 -31.93 -12.61 36.27
C VAL D 159 -32.63 -11.45 36.95
N LEU D 160 -32.58 -11.44 38.26
CA LEU D 160 -33.09 -10.36 39.10
C LEU D 160 -31.95 -9.40 39.39
N ASP D 161 -32.29 -8.13 39.61
CA ASP D 161 -31.28 -7.08 39.80
C ASP D 161 -31.77 -6.11 40.87
N MET D 162 -31.28 -6.29 42.09
CA MET D 162 -31.56 -5.36 43.18
C MET D 162 -30.53 -4.23 43.15
N ARG D 163 -31.01 -2.99 43.05
CA ARG D 163 -30.13 -1.84 42.88
C ARG D 163 -29.48 -1.40 44.21
N SER D 164 -30.30 -1.06 45.20
CA SER D 164 -29.80 -0.52 46.46
C SER D 164 -28.92 -1.50 47.23
N MET D 165 -28.84 -2.75 46.81
CA MET D 165 -27.96 -3.73 47.43
C MET D 165 -26.83 -4.17 46.50
N ASP D 166 -26.82 -3.70 45.25
CA ASP D 166 -25.80 -4.08 44.26
C ASP D 166 -25.65 -5.60 44.16
N PHE D 167 -26.80 -6.28 44.08
CA PHE D 167 -26.86 -7.74 44.12
C PHE D 167 -27.80 -8.26 43.04
N LYS D 168 -27.33 -9.24 42.28
CA LYS D 168 -28.14 -9.93 41.27
C LYS D 168 -28.24 -11.40 41.62
N SER D 169 -29.33 -12.03 41.18
CA SER D 169 -29.50 -13.46 41.42
C SER D 169 -30.32 -14.08 40.31
N ASN D 170 -30.02 -15.33 39.99
CA ASN D 170 -30.81 -16.12 39.06
C ASN D 170 -31.95 -16.80 39.81
N SER D 171 -32.99 -17.16 39.06
CA SER D 171 -34.07 -17.93 39.62
C SER D 171 -34.88 -18.60 38.51
N ALA D 172 -35.57 -19.66 38.90
CA ALA D 172 -36.57 -20.30 38.06
C ALA D 172 -37.70 -20.79 38.97
N VAL D 173 -38.92 -20.76 38.45
CA VAL D 173 -40.13 -21.07 39.20
C VAL D 173 -40.73 -22.35 38.66
N ALA D 174 -41.25 -23.18 39.57
CA ALA D 174 -41.94 -24.41 39.18
C ALA D 174 -43.20 -24.56 40.02
N TRP D 175 -44.27 -25.05 39.39
CA TRP D 175 -45.52 -25.25 40.10
C TRP D 175 -46.33 -26.32 39.39
N SER D 176 -47.31 -26.87 40.11
CA SER D 176 -48.09 -27.96 39.55
C SER D 176 -49.42 -28.07 40.28
N ASN D 177 -50.44 -28.47 39.52
CA ASN D 177 -51.76 -28.79 40.05
C ASN D 177 -51.87 -30.24 40.49
N LYS D 178 -50.97 -31.10 40.03
CA LYS D 178 -50.96 -32.51 40.39
C LYS D 178 -50.35 -32.71 41.77
N ASP D 180 -49.19 -34.79 44.88
CA ASP D 180 -48.08 -35.53 44.28
C ASP D 180 -46.82 -34.66 44.19
N PHE D 181 -46.96 -33.52 43.51
CA PHE D 181 -45.81 -32.67 43.22
C PHE D 181 -45.30 -31.98 44.48
N ALA D 182 -43.99 -32.09 44.71
CA ALA D 182 -43.33 -31.44 45.83
C ALA D 182 -41.99 -30.88 45.36
N CYS D 183 -41.54 -29.83 46.05
CA CYS D 183 -40.33 -29.12 45.63
C CYS D 183 -39.07 -29.98 45.72
N ALA D 184 -39.14 -31.15 46.35
CA ALA D 184 -37.97 -32.04 46.38
C ALA D 184 -37.64 -32.54 44.99
N ASN D 185 -38.65 -32.95 44.21
CA ASN D 185 -38.47 -33.49 42.88
C ASN D 185 -38.86 -32.52 41.79
N ALA D 186 -38.99 -31.23 42.11
CA ALA D 186 -39.47 -30.26 41.15
C ALA D 186 -38.50 -30.09 39.99
N PHE D 187 -37.25 -29.74 40.30
CA PHE D 187 -36.25 -29.46 39.28
C PHE D 187 -35.34 -30.65 39.00
N ASN D 188 -35.80 -31.87 39.33
CA ASN D 188 -34.98 -33.06 39.18
C ASN D 188 -34.56 -33.31 37.74
N ASN D 189 -35.24 -32.69 36.77
CA ASN D 189 -34.88 -32.86 35.37
C ASN D 189 -33.70 -31.99 34.95
N SER D 190 -33.11 -31.23 35.88
CA SER D 190 -32.03 -30.31 35.56
C SER D 190 -30.77 -30.69 36.35
N ILE D 191 -29.62 -30.22 35.84
CA ILE D 191 -28.34 -30.46 36.48
C ILE D 191 -28.17 -29.48 37.64
N ILE D 192 -28.61 -29.88 38.83
CA ILE D 192 -28.65 -29.02 40.01
C ILE D 192 -27.31 -29.08 40.72
N PRO D 193 -26.80 -27.96 41.26
CA PRO D 193 -25.58 -28.01 42.06
C PRO D 193 -25.70 -28.97 43.24
N GLU D 194 -24.55 -29.60 43.59
CA GLU D 194 -24.55 -30.61 44.64
C GLU D 194 -24.97 -30.01 45.99
N ASP D 195 -24.39 -28.86 46.34
CA ASP D 195 -24.64 -28.22 47.63
C ASP D 195 -25.96 -27.44 47.66
N THR D 196 -26.94 -27.86 46.85
CA THR D 196 -28.20 -27.13 46.78
C THR D 196 -29.03 -27.37 48.04
N PHE D 197 -29.50 -26.29 48.65
CA PHE D 197 -30.19 -26.33 49.93
C PHE D 197 -31.66 -26.68 49.74
N PHE D 198 -32.12 -27.73 50.43
CA PHE D 198 -33.52 -28.17 50.40
C PHE D 198 -34.05 -28.18 51.83
N PRO D 199 -34.68 -27.09 52.31
CA PRO D 199 -35.28 -26.95 53.64
C PRO D 199 -36.20 -28.10 54.04
N GLY E 4 -41.42 9.43 17.63
CA GLY E 4 -42.03 10.37 16.71
C GLY E 4 -43.04 9.71 15.79
N VAL E 5 -43.15 8.38 15.89
CA VAL E 5 -44.10 7.59 15.11
C VAL E 5 -45.14 7.02 16.06
N THR E 6 -46.40 7.38 15.84
CA THR E 6 -47.51 6.95 16.68
C THR E 6 -48.35 5.94 15.90
N GLN E 7 -48.48 4.75 16.46
CA GLN E 7 -49.11 3.59 15.84
C GLN E 7 -50.18 3.06 16.78
N THR E 8 -51.34 2.67 16.24
CA THR E 8 -52.46 2.14 17.01
C THR E 8 -53.17 1.07 16.18
N PRO E 9 -53.75 0.03 16.82
CA PRO E 9 -53.82 -0.23 18.27
C PRO E 9 -52.60 -0.96 18.76
N LYS E 10 -52.38 -0.98 20.07
CA LYS E 10 -51.25 -1.72 20.62
C LYS E 10 -51.48 -3.22 20.53
N PHE E 11 -52.72 -3.67 20.75
CA PHE E 11 -53.12 -5.06 20.63
C PHE E 11 -54.49 -5.12 19.96
N GLN E 12 -54.77 -6.24 19.31
CA GLN E 12 -56.07 -6.44 18.69
C GLN E 12 -56.34 -7.93 18.53
N VAL E 13 -57.53 -8.36 18.93
CA VAL E 13 -58.02 -9.70 18.64
C VAL E 13 -59.04 -9.59 17.50
N LEU E 14 -58.89 -10.44 16.49
CA LEU E 14 -59.77 -10.44 15.33
C LEU E 14 -60.19 -11.87 15.01
N LYS E 15 -61.43 -12.03 14.57
CA LYS E 15 -61.92 -13.30 14.07
C LYS E 15 -61.62 -13.39 12.58
N THR E 16 -61.38 -14.61 12.11
CA THR E 16 -61.16 -14.86 10.69
C THR E 16 -62.25 -14.17 9.86
N GLY E 17 -61.84 -13.53 8.76
CA GLY E 17 -62.78 -12.85 7.88
C GLY E 17 -63.10 -11.43 8.28
N GLN E 18 -62.74 -11.02 9.49
CA GLN E 18 -62.99 -9.66 9.95
C GLN E 18 -62.02 -8.68 9.28
N SER E 19 -62.47 -7.44 9.14
CA SER E 19 -61.63 -6.38 8.60
C SER E 19 -60.97 -5.59 9.73
N MET E 20 -59.93 -4.85 9.37
CA MET E 20 -59.11 -4.16 10.36
C MET E 20 -58.26 -3.11 9.67
N THR E 21 -58.15 -1.94 10.28
CA THR E 21 -57.22 -0.91 9.82
C THR E 21 -56.28 -0.51 10.94
N LEU E 22 -54.98 -0.51 10.66
CA LEU E 22 -53.95 0.00 11.57
C LEU E 22 -53.60 1.43 11.20
N GLN E 23 -53.50 2.28 12.22
CA GLN E 23 -53.20 3.69 12.04
C GLN E 23 -51.72 3.94 12.29
N CYS E 24 -51.15 4.86 11.52
CA CYS E 24 -49.78 5.31 11.77
C CYS E 24 -49.64 6.75 11.33
N ALA E 25 -49.16 7.60 12.23
CA ALA E 25 -48.87 8.98 11.89
C ALA E 25 -47.49 9.34 12.42
N GLN E 26 -46.77 10.15 11.65
CA GLN E 26 -45.49 10.69 12.08
C GLN E 26 -45.53 12.20 11.92
N ASP E 27 -44.96 12.90 12.89
CA ASP E 27 -44.91 14.35 12.86
CA ASP E 27 -44.90 14.36 12.91
C ASP E 27 -43.48 14.88 12.70
N MET E 28 -42.64 14.11 12.01
CA MET E 28 -41.24 14.50 11.80
C MET E 28 -40.99 15.04 10.40
N ASN E 29 -42.05 15.32 9.63
CA ASN E 29 -41.94 15.79 8.25
C ASN E 29 -41.20 14.79 7.38
N HIS E 30 -41.33 13.51 7.70
CA HIS E 30 -40.71 12.50 6.86
C HIS E 30 -41.54 12.29 5.61
N ASN E 31 -40.87 11.92 4.53
CA ASN E 31 -41.57 11.70 3.28
C ASN E 31 -41.88 10.23 3.02
N SER E 32 -41.11 9.31 3.58
CA SER E 32 -41.28 7.89 3.30
C SER E 32 -41.88 7.19 4.51
N MET E 33 -42.83 6.29 4.28
CA MET E 33 -43.40 5.49 5.34
C MET E 33 -43.48 4.02 4.92
N TYR E 34 -43.52 3.14 5.91
CA TYR E 34 -43.35 1.71 5.69
C TYR E 34 -44.23 0.95 6.66
N TRP E 35 -44.70 -0.22 6.23
CA TRP E 35 -45.38 -1.17 7.11
C TRP E 35 -44.68 -2.51 7.01
N TYR E 36 -44.22 -3.01 8.18
CA TYR E 36 -43.49 -4.26 8.31
C TYR E 36 -44.28 -5.19 9.20
N ARG E 37 -44.11 -6.50 8.99
CA ARG E 37 -44.53 -7.48 9.97
C ARG E 37 -43.31 -8.23 10.50
N GLN E 38 -43.33 -8.56 11.79
CA GLN E 38 -42.23 -9.27 12.45
C GLN E 38 -42.75 -10.58 13.01
N ASP E 39 -42.22 -11.69 12.52
CA ASP E 39 -42.54 -13.05 12.84
C ASP E 39 -41.29 -13.78 13.32
N PRO E 40 -41.44 -14.76 14.22
CA PRO E 40 -40.24 -15.42 14.78
C PRO E 40 -39.41 -16.11 13.71
N GLY E 41 -38.10 -16.06 13.89
CA GLY E 41 -37.19 -16.79 13.04
C GLY E 41 -36.82 -16.14 11.72
N MET E 42 -37.25 -14.91 11.48
CA MET E 42 -36.96 -14.31 10.19
C MET E 42 -36.83 -12.81 10.34
N GLY E 43 -36.21 -12.19 9.35
CA GLY E 43 -36.07 -10.75 9.35
C GLY E 43 -37.36 -10.06 8.97
N LEU E 44 -37.47 -8.80 9.42
CA LEU E 44 -38.59 -7.96 9.06
C LEU E 44 -38.93 -8.10 7.59
N ARG E 45 -40.22 -8.16 7.29
CA ARG E 45 -40.69 -8.25 5.92
C ARG E 45 -41.59 -7.06 5.63
N LEU E 46 -41.25 -6.33 4.56
CA LEU E 46 -42.02 -5.18 4.15
C LEU E 46 -43.33 -5.60 3.49
N ILE E 47 -44.42 -4.97 3.91
CA ILE E 47 -45.75 -5.28 3.36
C ILE E 47 -46.04 -4.32 2.21
N TYR E 48 -46.09 -3.02 2.53
CA TYR E 48 -46.26 -1.95 1.58
C TYR E 48 -45.43 -0.78 2.06
N TYR E 49 -45.08 0.12 1.14
CA TYR E 49 -44.37 1.34 1.51
C TYR E 49 -44.87 2.51 0.67
N SER E 50 -44.50 3.71 1.10
CA SER E 50 -44.88 4.93 0.40
C SER E 50 -43.64 5.82 0.37
N ALA E 51 -42.99 5.87 -0.79
CA ALA E 51 -41.75 6.63 -0.93
C ALA E 51 -41.97 8.12 -0.73
N SER E 52 -43.18 8.60 -1.02
CA SER E 52 -43.52 10.00 -0.97
C SER E 52 -45.02 10.10 -0.81
N GLU E 53 -45.48 11.25 -0.30
CA GLU E 53 -46.91 11.56 -0.35
C GLU E 53 -47.39 11.44 -1.78
N GLY E 54 -48.49 10.74 -1.99
CA GLY E 54 -49.04 10.60 -3.32
C GLY E 54 -48.64 9.33 -4.07
N THR E 55 -47.82 8.48 -3.48
CA THR E 55 -47.51 7.21 -4.13
C THR E 55 -47.29 6.12 -3.10
N THR E 56 -47.58 4.89 -3.50
CA THR E 56 -47.42 3.71 -2.67
C THR E 56 -47.10 2.54 -3.61
N ASP E 57 -46.44 1.53 -3.06
CA ASP E 57 -46.18 0.33 -3.84
C ASP E 57 -46.04 -0.85 -2.89
N LYS E 58 -46.22 -2.05 -3.45
CA LYS E 58 -46.08 -3.26 -2.67
C LYS E 58 -44.64 -3.46 -2.23
N GLY E 59 -44.49 -4.16 -1.11
CA GLY E 59 -43.22 -4.69 -0.65
C GLY E 59 -43.13 -6.17 -0.94
N GLU E 60 -42.62 -6.92 0.03
CA GLU E 60 -42.36 -8.33 -0.22
C GLU E 60 -43.62 -9.18 -0.01
N VAL E 61 -44.43 -8.85 1.00
CA VAL E 61 -45.59 -9.68 1.30
C VAL E 61 -46.88 -8.87 1.23
N PRO E 62 -47.28 -8.39 0.04
CA PRO E 62 -48.48 -7.54 -0.04
C PRO E 62 -49.82 -8.28 0.03
N ASN E 63 -49.86 -9.58 -0.19
CA ASN E 63 -51.13 -10.28 -0.36
C ASN E 63 -51.93 -10.30 0.94
N GLY E 64 -53.21 -9.94 0.83
CA GLY E 64 -54.07 -9.86 2.00
C GLY E 64 -54.06 -8.52 2.68
N TYR E 65 -53.37 -7.53 2.12
CA TYR E 65 -53.28 -6.22 2.72
C TYR E 65 -53.46 -5.16 1.65
N ASN E 66 -53.78 -3.94 2.10
CA ASN E 66 -53.72 -2.75 1.26
CA ASN E 66 -53.66 -2.76 1.26
C ASN E 66 -53.33 -1.58 2.16
N VAL E 67 -52.88 -0.49 1.54
CA VAL E 67 -52.48 0.69 2.30
C VAL E 67 -53.08 1.95 1.67
N SER E 68 -53.15 3.00 2.49
CA SER E 68 -53.53 4.33 2.02
C SER E 68 -52.58 5.35 2.65
N ARG E 69 -51.86 6.08 1.81
CA ARG E 69 -51.08 7.23 2.27
C ARG E 69 -52.04 8.41 2.27
N LEU E 70 -52.70 8.63 3.40
CA LEU E 70 -53.78 9.61 3.49
C LEU E 70 -53.28 11.02 3.24
N ASN E 71 -52.05 11.31 3.63
CA ASN E 71 -51.41 12.62 3.51
C ASN E 71 -49.94 12.41 3.90
N LYS E 72 -49.18 13.50 4.00
CA LYS E 72 -47.74 13.34 4.29
C LYS E 72 -47.50 12.64 5.63
N ARG E 73 -48.39 12.85 6.59
CA ARG E 73 -48.19 12.35 7.94
C ARG E 73 -48.65 10.91 8.13
N GLU E 74 -49.69 10.46 7.44
CA GLU E 74 -50.38 9.24 7.86
C GLU E 74 -50.39 8.16 6.78
N PHE E 75 -50.28 6.91 7.23
CA PHE E 75 -50.13 5.76 6.34
C PHE E 75 -50.86 4.58 7.01
N SER E 76 -52.07 4.28 6.54
CA SER E 76 -52.91 3.24 7.14
C SER E 76 -52.65 1.90 6.49
N LEU E 77 -52.74 0.85 7.29
CA LEU E 77 -52.62 -0.53 6.83
C LEU E 77 -53.98 -1.19 7.03
N ARG E 78 -54.52 -1.78 5.97
CA ARG E 78 -55.84 -2.40 5.99
C ARG E 78 -55.69 -3.91 5.80
N LEU E 79 -56.28 -4.67 6.72
CA LEU E 79 -56.46 -6.11 6.54
C LEU E 79 -57.86 -6.34 6.01
N GLU E 80 -57.95 -6.91 4.81
CA GLU E 80 -59.19 -7.02 4.07
C GLU E 80 -60.13 -8.01 4.72
N SER E 81 -59.72 -9.27 4.73
CA SER E 81 -60.44 -10.37 5.35
C SER E 81 -59.39 -11.11 6.17
N ALA E 82 -59.36 -10.86 7.48
CA ALA E 82 -58.24 -11.33 8.29
C ALA E 82 -58.14 -12.85 8.26
N ALA E 83 -56.92 -13.34 8.04
CA ALA E 83 -56.65 -14.77 8.11
C ALA E 83 -55.68 -15.07 9.23
N PRO E 84 -55.72 -16.27 9.82
CA PRO E 84 -54.79 -16.58 10.92
C PRO E 84 -53.32 -16.45 10.53
N SER E 85 -52.98 -16.57 9.24
CA SER E 85 -51.60 -16.35 8.82
C SER E 85 -51.15 -14.90 9.00
N GLN E 86 -52.07 -14.01 9.33
CA GLN E 86 -51.78 -12.60 9.52
C GLN E 86 -51.55 -12.25 10.99
N THR E 87 -51.74 -13.21 11.89
CA THR E 87 -51.22 -13.11 13.26
C THR E 87 -49.73 -12.79 13.25
N SER E 88 -49.38 -11.63 13.78
CA SER E 88 -47.99 -11.17 13.73
C SER E 88 -47.87 -9.91 14.60
N VAL E 89 -46.69 -9.30 14.57
CA VAL E 89 -46.46 -7.99 15.15
C VAL E 89 -46.16 -7.04 13.99
N TYR E 90 -46.95 -5.98 13.88
CA TYR E 90 -46.84 -5.04 12.78
C TYR E 90 -46.10 -3.79 13.25
N PHE E 91 -45.15 -3.31 12.45
CA PHE E 91 -44.45 -2.06 12.73
C PHE E 91 -44.61 -1.10 11.58
N CYS E 92 -45.06 0.12 11.90
CA CYS E 92 -44.95 1.24 11.00
C CYS E 92 -43.61 1.93 11.21
N ALA E 93 -43.02 2.43 10.11
CA ALA E 93 -41.74 3.11 10.18
C ALA E 93 -41.76 4.26 9.19
N SER E 94 -40.84 5.21 9.41
CA SER E 94 -40.68 6.32 8.49
C SER E 94 -39.20 6.69 8.40
N SER E 95 -38.88 7.44 7.37
CA SER E 95 -37.54 7.98 7.16
C SER E 95 -37.70 9.26 6.33
N VAL E 96 -36.68 10.11 6.41
CA VAL E 96 -36.75 11.45 5.82
C VAL E 96 -37.08 11.36 4.33
N TRP E 97 -36.29 10.59 3.58
CA TRP E 97 -36.61 10.27 2.20
C TRP E 97 -36.40 8.78 2.03
N THR E 98 -36.51 8.24 0.82
CA THR E 98 -36.04 6.88 0.59
C THR E 98 -35.17 6.87 -0.65
N GLY E 99 -34.15 6.02 -0.64
CA GLY E 99 -33.11 6.07 -1.64
C GLY E 99 -32.03 7.11 -1.41
N GLU E 100 -31.78 7.49 -0.16
CA GLU E 100 -30.68 8.37 0.22
C GLU E 100 -29.54 7.62 0.89
N GLY E 101 -29.67 6.30 1.05
CA GLY E 101 -28.56 5.55 1.56
C GLY E 101 -28.43 5.53 3.06
N SER E 102 -28.09 6.66 3.68
CA SER E 102 -27.74 6.61 5.09
C SER E 102 -28.90 6.96 6.02
N GLY E 103 -30.02 7.45 5.50
CA GLY E 103 -31.13 7.76 6.39
C GLY E 103 -31.65 6.51 7.07
N GLU E 104 -31.82 6.56 8.39
CA GLU E 104 -32.31 5.41 9.12
C GLU E 104 -33.83 5.44 9.23
N LEU E 105 -34.38 4.31 9.67
CA LEU E 105 -35.80 4.17 9.95
C LEU E 105 -36.09 4.55 11.40
N PHE E 106 -37.24 5.18 11.61
CA PHE E 106 -37.79 5.44 12.93
C PHE E 106 -39.05 4.59 13.04
N PHE E 107 -39.13 3.76 14.07
CA PHE E 107 -40.17 2.75 14.17
C PHE E 107 -41.28 3.16 15.14
N GLY E 108 -42.53 2.87 14.76
CA GLY E 108 -43.61 2.90 15.71
C GLY E 108 -43.48 1.80 16.76
N GLU E 109 -44.35 1.87 17.78
CA GLU E 109 -44.25 0.98 18.93
C GLU E 109 -44.72 -0.43 18.65
N GLY E 110 -45.39 -0.70 17.55
CA GLY E 110 -45.79 -2.06 17.30
C GLY E 110 -47.26 -2.30 17.58
N SER E 111 -47.82 -3.27 16.86
CA SER E 111 -49.23 -3.62 17.01
C SER E 111 -49.31 -5.13 16.99
N ARG E 112 -49.74 -5.72 18.10
CA ARG E 112 -49.87 -7.16 18.19
C ARG E 112 -51.25 -7.57 17.70
N LEU E 113 -51.29 -8.35 16.63
CA LEU E 113 -52.54 -8.86 16.06
C LEU E 113 -52.59 -10.37 16.17
N THR E 114 -53.70 -10.89 16.69
CA THR E 114 -53.96 -12.33 16.70
C THR E 114 -55.31 -12.58 16.02
N VAL E 115 -55.30 -13.39 14.97
CA VAL E 115 -56.49 -13.75 14.22
C VAL E 115 -56.86 -15.17 14.59
N LEU E 116 -58.09 -15.37 15.07
CA LEU E 116 -58.58 -16.67 15.52
C LEU E 116 -59.81 -17.06 14.72
N GLU E 117 -60.03 -18.38 14.59
CA GLU E 117 -61.23 -18.85 13.90
C GLU E 117 -62.50 -18.43 14.63
N ASP E 118 -62.48 -18.42 15.97
CA ASP E 118 -63.55 -17.85 16.75
C ASP E 118 -62.94 -17.28 18.03
N LEU E 119 -63.77 -16.67 18.87
CA LEU E 119 -63.30 -16.02 20.09
C LEU E 119 -63.53 -16.90 21.32
N LYS E 120 -64.00 -18.13 21.14
CA LYS E 120 -64.47 -18.95 22.25
C LYS E 120 -63.34 -19.42 23.18
N ASN E 121 -62.08 -19.34 22.76
CA ASN E 121 -60.98 -19.75 23.62
C ASN E 121 -60.31 -18.56 24.31
N VAL E 122 -60.85 -17.35 24.15
CA VAL E 122 -60.21 -16.17 24.74
C VAL E 122 -60.55 -16.11 26.22
N PHE E 123 -59.52 -15.97 27.07
CA PHE E 123 -59.67 -15.91 28.54
C PHE E 123 -58.71 -14.89 29.13
N PRO E 124 -59.14 -14.17 30.18
CA PRO E 124 -58.20 -13.32 30.91
C PRO E 124 -57.40 -14.16 31.88
N PRO E 125 -56.32 -13.64 32.44
CA PRO E 125 -55.50 -14.44 33.35
C PRO E 125 -56.07 -14.48 34.75
N GLU E 126 -55.87 -15.63 35.40
CA GLU E 126 -55.97 -15.70 36.85
C GLU E 126 -54.61 -15.33 37.45
N VAL E 127 -54.61 -14.42 38.41
CA VAL E 127 -53.39 -13.85 38.98
C VAL E 127 -53.32 -14.21 40.46
N ALA E 128 -52.18 -14.74 40.89
CA ALA E 128 -51.97 -15.07 42.29
C ALA E 128 -50.57 -14.65 42.70
N VAL E 129 -50.44 -14.26 43.97
CA VAL E 129 -49.16 -13.86 44.56
C VAL E 129 -48.80 -14.85 45.65
N PHE E 130 -47.56 -15.31 45.65
CA PHE E 130 -47.07 -16.29 46.61
C PHE E 130 -46.04 -15.64 47.50
N GLU E 131 -46.24 -15.76 48.83
CA GLU E 131 -45.45 -15.08 49.84
C GLU E 131 -44.11 -15.77 50.04
N PRO E 132 -43.07 -15.00 50.38
CA PRO E 132 -41.73 -15.59 50.54
C PRO E 132 -41.69 -16.64 51.64
N SER E 133 -40.91 -17.69 51.41
CA SER E 133 -40.75 -18.71 52.43
C SER E 133 -39.92 -18.18 53.59
N GLU E 134 -40.25 -18.65 54.80
CA GLU E 134 -39.47 -18.28 55.97
C GLU E 134 -38.06 -18.88 55.94
N ALA E 135 -37.87 -19.93 55.15
CA ALA E 135 -36.53 -20.51 55.01
C ALA E 135 -35.61 -19.58 54.24
N GLU E 136 -36.13 -18.94 53.19
CA GLU E 136 -35.35 -17.95 52.46
C GLU E 136 -34.93 -16.81 53.36
N ILE E 137 -35.85 -16.34 54.21
CA ILE E 137 -35.59 -15.18 55.03
C ILE E 137 -34.43 -15.44 55.99
N SER E 138 -34.38 -16.65 56.57
CA SER E 138 -33.34 -16.95 57.53
C SER E 138 -32.01 -17.28 56.87
N HIS E 139 -32.04 -17.82 55.64
CA HIS E 139 -30.82 -18.24 54.96
C HIS E 139 -30.12 -17.09 54.25
N THR E 140 -30.87 -16.20 53.60
CA THR E 140 -30.29 -15.15 52.78
C THR E 140 -30.60 -13.74 53.26
N GLN E 141 -31.44 -13.58 54.28
CA GLN E 141 -31.93 -12.27 54.71
C GLN E 141 -32.61 -11.52 53.55
N LYS E 142 -33.13 -12.26 52.57
CA LYS E 142 -33.85 -11.70 51.45
C LYS E 142 -35.17 -12.46 51.28
N ALA E 143 -36.17 -11.78 50.72
CA ALA E 143 -37.50 -12.34 50.58
C ALA E 143 -37.98 -12.16 49.15
N THR E 144 -38.30 -13.26 48.47
CA THR E 144 -38.76 -13.23 47.10
C THR E 144 -40.27 -13.45 47.03
N LEU E 145 -40.97 -12.55 46.34
CA LEU E 145 -42.38 -12.74 46.03
C LEU E 145 -42.51 -13.27 44.60
N VAL E 146 -43.50 -14.13 44.38
CA VAL E 146 -43.73 -14.71 43.05
C VAL E 146 -45.17 -14.42 42.64
N CYS E 147 -45.33 -13.90 41.43
CA CYS E 147 -46.62 -13.72 40.81
C CYS E 147 -46.79 -14.72 39.69
N LEU E 148 -47.99 -15.32 39.59
CA LEU E 148 -48.35 -16.20 38.49
C LEU E 148 -49.62 -15.68 37.84
N ALA E 149 -49.56 -15.41 36.54
CA ALA E 149 -50.74 -15.23 35.72
C ALA E 149 -50.92 -16.50 34.90
N THR E 150 -52.09 -17.11 34.99
CA THR E 150 -52.28 -18.43 34.41
C THR E 150 -53.59 -18.49 33.63
N GLY E 151 -53.60 -19.36 32.62
CA GLY E 151 -54.82 -19.71 31.91
C GLY E 151 -55.29 -18.69 30.90
N PHE E 152 -54.49 -17.71 30.52
CA PHE E 152 -54.96 -16.67 29.62
C PHE E 152 -54.68 -17.03 28.17
N TYR E 153 -55.42 -16.40 27.28
CA TYR E 153 -55.37 -16.60 25.84
C TYR E 153 -56.05 -15.43 25.16
N PRO E 154 -55.46 -14.83 24.12
CA PRO E 154 -54.15 -15.15 23.54
C PRO E 154 -53.03 -14.58 24.40
N ASP E 155 -51.81 -14.57 23.88
CA ASP E 155 -50.64 -14.09 24.62
C ASP E 155 -50.54 -12.56 24.52
N HIS E 156 -51.47 -11.88 25.20
CA HIS E 156 -51.59 -10.42 25.16
C HIS E 156 -51.61 -9.90 26.60
N VAL E 157 -50.47 -9.94 27.30
CA VAL E 157 -50.45 -9.52 28.70
C VAL E 157 -49.22 -8.67 29.00
N GLU E 158 -49.36 -7.84 30.04
CA GLU E 158 -48.28 -7.02 30.57
C GLU E 158 -48.39 -7.08 32.09
N LEU E 159 -47.33 -7.50 32.76
CA LEU E 159 -47.31 -7.69 34.19
C LEU E 159 -46.44 -6.61 34.86
N SER E 160 -46.85 -6.19 36.06
CA SER E 160 -46.12 -5.17 36.80
C SER E 160 -46.27 -5.42 38.30
N TRP E 161 -45.46 -4.70 39.09
CA TRP E 161 -45.45 -4.84 40.54
C TRP E 161 -45.69 -3.49 41.21
N TRP E 162 -46.45 -3.51 42.32
CA TRP E 162 -46.81 -2.31 43.06
C TRP E 162 -46.68 -2.56 44.57
N VAL E 163 -45.96 -1.68 45.26
CA VAL E 163 -45.85 -1.75 46.72
C VAL E 163 -46.30 -0.42 47.32
N ASN E 164 -47.26 -0.51 48.25
CA ASN E 164 -47.80 0.64 49.00
C ASN E 164 -48.40 1.71 48.10
N GLY E 165 -48.77 1.35 46.86
CA GLY E 165 -49.40 2.26 45.93
C GLY E 165 -48.53 2.62 44.74
N LYS E 166 -47.21 2.63 44.91
CA LYS E 166 -46.29 2.97 43.83
C LYS E 166 -45.77 1.71 43.16
N GLU E 167 -45.34 1.86 41.90
CA GLU E 167 -44.79 0.76 41.13
C GLU E 167 -43.28 0.69 41.27
N VAL E 168 -42.74 -0.54 41.19
CA VAL E 168 -41.31 -0.80 41.34
C VAL E 168 -40.79 -1.51 40.09
N HIS E 169 -39.50 -1.35 39.83
CA HIS E 169 -38.79 -2.08 38.78
C HIS E 169 -37.58 -2.83 39.28
N SER E 170 -36.86 -2.30 40.27
CA SER E 170 -35.66 -2.96 40.77
C SER E 170 -36.04 -4.19 41.58
N GLY E 171 -35.19 -5.22 41.49
CA GLY E 171 -35.49 -6.46 42.17
C GLY E 171 -36.62 -7.24 41.53
N VAL E 172 -36.90 -7.01 40.26
CA VAL E 172 -37.98 -7.66 39.54
C VAL E 172 -37.43 -8.27 38.26
N CYS E 173 -37.84 -9.51 37.97
CA CYS E 173 -37.57 -10.15 36.69
CA CYS E 173 -37.61 -10.08 36.66
C CYS E 173 -38.84 -10.89 36.26
N THR E 174 -39.30 -10.67 35.04
CA THR E 174 -40.49 -11.31 34.50
C THR E 174 -40.10 -12.19 33.32
N ASP E 175 -40.69 -13.37 33.23
CA ASP E 175 -40.36 -14.28 32.13
C ASP E 175 -40.51 -13.56 30.80
N PRO E 176 -39.50 -13.62 29.92
CA PRO E 176 -39.66 -12.95 28.61
C PRO E 176 -40.85 -13.46 27.81
N GLN E 177 -41.05 -14.78 27.76
CA GLN E 177 -42.15 -15.39 27.04
C GLN E 177 -42.98 -16.26 27.96
N PRO E 178 -44.29 -16.36 27.74
CA PRO E 178 -45.11 -17.27 28.55
C PRO E 178 -44.82 -18.71 28.18
N LEU E 179 -45.29 -19.63 29.01
CA LEU E 179 -45.27 -21.02 28.62
C LEU E 179 -46.67 -21.48 28.25
N LYS E 180 -46.72 -22.55 27.48
CA LYS E 180 -47.97 -23.14 27.02
C LYS E 180 -48.46 -24.15 28.05
N GLU E 181 -49.66 -23.93 28.59
CA GLU E 181 -50.18 -24.84 29.59
C GLU E 181 -50.55 -26.19 28.99
N GLN E 182 -50.84 -26.25 27.69
CA GLN E 182 -51.16 -27.49 26.98
CA GLN E 182 -51.16 -27.49 26.98
C GLN E 182 -50.31 -27.52 25.72
N PRO E 183 -49.02 -27.83 25.84
CA PRO E 183 -48.11 -27.67 24.69
C PRO E 183 -48.49 -28.50 23.46
N ALA E 184 -49.31 -29.53 23.60
CA ALA E 184 -49.72 -30.35 22.47
C ALA E 184 -50.94 -29.79 21.73
N LEU E 185 -51.51 -28.66 22.16
CA LEU E 185 -52.71 -28.12 21.54
C LEU E 185 -52.36 -26.89 20.72
N ASN E 186 -53.00 -26.76 19.55
CA ASN E 186 -52.79 -25.58 18.71
C ASN E 186 -53.25 -24.32 19.42
N ASP E 187 -54.25 -24.42 20.29
CA ASP E 187 -54.80 -23.26 20.98
C ASP E 187 -54.51 -23.31 22.49
N SER E 188 -53.33 -23.78 22.86
CA SER E 188 -52.95 -23.82 24.27
C SER E 188 -53.12 -22.45 24.92
N ARG E 189 -53.59 -22.45 26.16
CA ARG E 189 -53.59 -21.23 26.95
C ARG E 189 -52.20 -21.04 27.58
N TYR E 190 -51.98 -19.87 28.18
CA TYR E 190 -50.64 -19.46 28.61
C TYR E 190 -50.55 -19.19 30.10
N ALA E 191 -49.32 -19.32 30.63
CA ALA E 191 -48.99 -18.97 32.00
C ALA E 191 -47.72 -18.13 32.02
N LEU E 192 -47.62 -17.24 33.00
CA LEU E 192 -46.53 -16.27 33.05
C LEU E 192 -46.18 -16.01 34.51
N SER E 193 -44.88 -16.06 34.84
CA SER E 193 -44.42 -15.90 36.20
C SER E 193 -43.49 -14.69 36.32
N SER E 194 -43.45 -14.11 37.51
CA SER E 194 -42.54 -13.01 37.80
C SER E 194 -42.18 -13.03 39.28
N ARG E 195 -40.93 -12.67 39.59
CA ARG E 195 -40.45 -12.60 40.96
C ARG E 195 -40.13 -11.15 41.34
N LEU E 196 -40.41 -10.80 42.59
CA LEU E 196 -39.99 -9.54 43.18
C LEU E 196 -39.24 -9.86 44.47
N ARG E 197 -37.94 -9.56 44.51
CA ARG E 197 -37.14 -9.83 45.68
C ARG E 197 -36.92 -8.54 46.45
N VAL E 198 -37.12 -8.60 47.77
CA VAL E 198 -36.97 -7.47 48.65
C VAL E 198 -36.15 -7.93 49.86
N SER E 199 -35.69 -6.96 50.66
CA SER E 199 -34.98 -7.30 51.89
C SER E 199 -35.94 -7.95 52.89
N ALA E 200 -35.39 -8.88 53.68
CA ALA E 200 -36.20 -9.60 54.65
C ALA E 200 -36.90 -8.65 55.62
N THR E 201 -36.18 -7.62 56.08
CA THR E 201 -36.78 -6.67 57.01
C THR E 201 -37.90 -5.86 56.35
N PHE E 202 -37.80 -5.61 55.04
CA PHE E 202 -38.85 -4.90 54.32
C PHE E 202 -40.13 -5.72 54.27
N TRP E 203 -40.01 -7.02 53.98
CA TRP E 203 -41.18 -7.88 53.96
C TRP E 203 -41.77 -8.10 55.35
N GLN E 204 -40.94 -8.01 56.39
CA GLN E 204 -41.39 -8.25 57.76
C GLN E 204 -42.17 -7.07 58.34
N ASN E 205 -42.28 -5.95 57.61
CA ASN E 205 -43.06 -4.81 58.09
CA ASN E 205 -43.05 -4.80 58.09
C ASN E 205 -44.50 -4.94 57.61
N PRO E 206 -45.47 -5.09 58.50
CA PRO E 206 -46.87 -5.24 58.05
C PRO E 206 -47.45 -4.00 57.40
N ARG E 207 -46.75 -2.86 57.44
CA ARG E 207 -47.24 -1.67 56.74
C ARG E 207 -47.00 -1.73 55.24
N ASN E 208 -46.11 -2.61 54.78
CA ASN E 208 -45.78 -2.73 53.36
C ASN E 208 -46.78 -3.66 52.67
N HIS E 209 -47.54 -3.10 51.74
CA HIS E 209 -48.55 -3.82 50.97
C HIS E 209 -48.03 -4.07 49.56
N PHE E 210 -48.13 -5.30 49.09
CA PHE E 210 -47.59 -5.72 47.81
C PHE E 210 -48.72 -6.18 46.89
N ARG E 211 -48.62 -5.83 45.61
CA ARG E 211 -49.65 -6.18 44.65
C ARG E 211 -49.02 -6.44 43.29
N CYS E 212 -49.40 -7.55 42.67
CA CYS E 212 -49.04 -7.87 41.30
C CYS E 212 -50.22 -7.54 40.37
N GLN E 213 -49.94 -6.86 39.27
CA GLN E 213 -50.95 -6.41 38.33
C GLN E 213 -50.64 -6.93 36.94
N VAL E 214 -51.64 -7.55 36.30
CA VAL E 214 -51.51 -8.02 34.93
C VAL E 214 -52.56 -7.34 34.09
N GLN E 215 -52.12 -6.53 33.12
CA GLN E 215 -53.01 -5.96 32.12
C GLN E 215 -53.20 -6.97 31.00
N PHE E 216 -54.46 -7.27 30.68
CA PHE E 216 -54.81 -8.24 29.65
C PHE E 216 -55.55 -7.53 28.52
N TYR E 217 -55.16 -7.84 27.28
CA TYR E 217 -55.77 -7.26 26.08
C TYR E 217 -56.57 -8.34 25.38
N GLY E 218 -57.90 -8.23 25.45
CA GLY E 218 -58.77 -9.22 24.86
C GLY E 218 -59.78 -8.63 23.90
N LEU E 219 -61.07 -8.84 24.16
CA LEU E 219 -62.12 -8.39 23.28
C LEU E 219 -62.52 -6.96 23.59
N SER E 220 -63.10 -6.29 22.60
CA SER E 220 -63.65 -4.96 22.77
C SER E 220 -65.17 -5.05 22.86
N GLU E 221 -65.83 -3.90 23.03
CA GLU E 221 -67.28 -3.92 23.19
C GLU E 221 -68.00 -4.20 21.88
N ASN E 222 -67.41 -3.81 20.74
CA ASN E 222 -68.03 -4.11 19.46
C ASN E 222 -68.07 -5.61 19.17
N ASP E 223 -67.21 -6.40 19.82
CA ASP E 223 -67.25 -7.84 19.65
C ASP E 223 -68.50 -8.43 20.31
N GLU E 224 -69.08 -9.44 19.66
CA GLU E 224 -70.26 -10.12 20.19
C GLU E 224 -69.84 -11.25 21.11
N TRP E 225 -70.62 -11.47 22.16
CA TRP E 225 -70.35 -12.53 23.13
C TRP E 225 -71.65 -13.22 23.48
N THR E 226 -71.76 -14.49 23.11
CA THR E 226 -72.97 -15.27 23.33
C THR E 226 -72.86 -16.29 24.44
N GLN E 227 -71.64 -16.68 24.83
CA GLN E 227 -71.42 -17.72 25.82
C GLN E 227 -71.87 -17.26 27.20
N ASP E 228 -71.94 -18.23 28.12
CA ASP E 228 -72.47 -17.96 29.45
C ASP E 228 -71.45 -17.29 30.36
N ARG E 229 -70.18 -17.67 30.25
CA ARG E 229 -69.14 -17.03 31.05
C ARG E 229 -69.00 -15.56 30.67
N ALA E 230 -68.43 -14.79 31.59
CA ALA E 230 -68.33 -13.34 31.40
C ALA E 230 -67.42 -13.01 30.22
N LYS E 231 -67.84 -12.03 29.42
CA LYS E 231 -67.11 -11.62 28.22
C LYS E 231 -65.65 -11.31 28.54
N PRO E 232 -64.70 -11.95 27.88
CA PRO E 232 -63.26 -11.78 28.22
C PRO E 232 -62.67 -10.50 27.66
N VAL E 233 -63.13 -9.36 28.18
CA VAL E 233 -62.71 -8.07 27.65
C VAL E 233 -61.34 -7.71 28.20
N THR E 234 -60.71 -6.74 27.56
CA THR E 234 -59.53 -6.09 28.14
C THR E 234 -59.81 -5.68 29.58
N GLN E 235 -58.88 -5.99 30.46
CA GLN E 235 -59.10 -5.80 31.90
C GLN E 235 -57.78 -5.95 32.63
N ILE E 236 -57.82 -5.69 33.93
CA ILE E 236 -56.67 -5.83 34.82
C ILE E 236 -57.06 -6.79 35.93
N VAL E 237 -56.30 -7.87 36.09
CA VAL E 237 -56.48 -8.82 37.19
C VAL E 237 -55.29 -8.67 38.12
N SER E 238 -55.53 -8.81 39.42
CA SER E 238 -54.52 -8.52 40.42
C SER E 238 -54.67 -9.43 41.62
N ALA E 239 -53.54 -9.61 42.33
CA ALA E 239 -53.52 -10.29 43.62
C ALA E 239 -52.58 -9.53 44.55
N GLU E 240 -52.88 -9.58 45.85
CA GLU E 240 -52.21 -8.75 46.83
C GLU E 240 -51.68 -9.59 47.99
N ALA E 241 -50.71 -9.03 48.69
CA ALA E 241 -50.13 -9.66 49.87
C ALA E 241 -49.63 -8.58 50.83
N TRP E 242 -49.94 -8.75 52.12
CA TRP E 242 -49.47 -7.82 53.14
C TRP E 242 -48.18 -8.33 53.77
N GLY E 243 -47.37 -7.39 54.25
CA GLY E 243 -46.14 -7.76 54.94
C GLY E 243 -46.43 -8.42 56.27
N ARG E 244 -45.52 -9.29 56.69
CA ARG E 244 -45.69 -10.03 57.93
C ARG E 244 -44.67 -9.57 58.98
N MET F 1 -31.04 36.21 -13.75
CA MET F 1 -30.96 35.04 -14.62
C MET F 1 -30.06 35.29 -15.82
N ILE F 2 -29.33 34.26 -16.23
CA ILE F 2 -28.62 34.26 -17.49
C ILE F 2 -29.36 33.31 -18.42
N GLN F 3 -29.84 33.85 -19.53
CA GLN F 3 -30.53 33.07 -20.55
C GLN F 3 -29.61 32.95 -21.76
N ARG F 4 -29.63 31.80 -22.40
CA ARG F 4 -28.74 31.52 -23.52
C ARG F 4 -29.56 31.14 -24.74
N THR F 5 -29.38 31.90 -25.82
CA THR F 5 -30.11 31.72 -27.06
C THR F 5 -29.58 30.48 -27.79
N PRO F 6 -30.44 29.79 -28.52
CA PRO F 6 -30.03 28.50 -29.11
C PRO F 6 -29.08 28.69 -30.29
N LYS F 7 -28.07 27.82 -30.34
CA LYS F 7 -27.35 27.59 -31.57
C LYS F 7 -28.16 26.68 -32.46
N ILE F 8 -28.13 26.94 -33.77
CA ILE F 8 -29.02 26.25 -34.70
C ILE F 8 -28.19 25.85 -35.90
N GLN F 9 -28.12 24.55 -36.18
CA GLN F 9 -27.28 24.05 -37.26
C GLN F 9 -28.11 23.12 -38.11
N VAL F 10 -28.07 23.36 -39.43
CA VAL F 10 -28.89 22.65 -40.40
C VAL F 10 -27.95 22.01 -41.41
N TYR F 11 -28.10 20.70 -41.62
CA TYR F 11 -27.11 19.96 -42.39
C TYR F 11 -27.70 18.62 -42.77
N SER F 12 -27.21 18.03 -43.86
CA SER F 12 -27.75 16.76 -44.27
C SER F 12 -27.02 15.59 -43.61
N ARG F 13 -27.70 14.45 -43.55
CA ARG F 13 -27.12 13.25 -42.97
C ARG F 13 -25.89 12.81 -43.75
N HIS F 14 -26.01 12.74 -45.06
CA HIS F 14 -24.93 12.42 -45.98
C HIS F 14 -24.63 13.62 -46.87
N PRO F 15 -23.43 13.70 -47.44
CA PRO F 15 -23.14 14.76 -48.43
C PRO F 15 -24.24 14.85 -49.49
N ALA F 16 -24.76 16.07 -49.68
CA ALA F 16 -25.96 16.29 -50.47
C ALA F 16 -25.69 16.20 -51.96
N GLU F 17 -26.62 15.56 -52.67
CA GLU F 17 -26.62 15.51 -54.12
C GLU F 17 -28.05 15.61 -54.62
N ASN F 18 -28.31 16.52 -55.55
CA ASN F 18 -29.67 16.74 -56.01
C ASN F 18 -30.25 15.47 -56.62
N GLY F 19 -31.51 15.19 -56.28
CA GLY F 19 -32.18 14.02 -56.80
C GLY F 19 -31.95 12.74 -56.03
N LYS F 20 -31.02 12.74 -55.08
CA LYS F 20 -30.76 11.56 -54.26
C LYS F 20 -31.40 11.73 -52.90
N SER F 21 -32.10 10.68 -52.45
CA SER F 21 -32.72 10.69 -51.13
C SER F 21 -31.68 10.89 -50.03
N ASN F 22 -32.04 11.66 -49.01
CA ASN F 22 -31.15 12.05 -47.92
C ASN F 22 -32.03 12.33 -46.69
N PHE F 23 -31.40 12.85 -45.63
CA PHE F 23 -32.13 13.34 -44.47
C PHE F 23 -31.60 14.73 -44.12
N LEU F 24 -32.50 15.60 -43.70
CA LEU F 24 -32.18 16.96 -43.31
C LEU F 24 -32.27 17.07 -41.80
N ASN F 25 -31.19 17.52 -41.16
CA ASN F 25 -31.08 17.62 -39.72
C ASN F 25 -31.11 19.08 -39.30
N CYS F 26 -31.72 19.34 -38.14
CA CYS F 26 -31.59 20.62 -37.48
C CYS F 26 -31.23 20.35 -36.02
N TYR F 27 -30.02 20.73 -35.65
CA TYR F 27 -29.50 20.50 -34.31
C TYR F 27 -29.56 21.82 -33.57
N VAL F 28 -30.31 21.86 -32.48
CA VAL F 28 -30.53 23.07 -31.72
C VAL F 28 -29.96 22.81 -30.33
N SER F 29 -29.05 23.67 -29.88
CA SER F 29 -28.26 23.32 -28.71
C SER F 29 -27.84 24.56 -27.95
N GLY F 30 -27.33 24.33 -26.75
CA GLY F 30 -26.76 25.40 -25.96
C GLY F 30 -27.75 26.41 -25.39
N PHE F 31 -29.04 26.11 -25.41
CA PHE F 31 -30.03 27.06 -24.92
C PHE F 31 -30.44 26.79 -23.47
N HIS F 32 -30.91 27.85 -22.82
CA HIS F 32 -31.45 27.82 -21.46
C HIS F 32 -32.34 29.04 -21.29
N PRO F 33 -33.56 28.89 -20.75
CA PRO F 33 -34.19 27.67 -20.23
C PRO F 33 -34.73 26.75 -21.33
N SER F 34 -35.53 25.75 -20.98
CA SER F 34 -35.73 24.59 -21.84
C SER F 34 -36.90 24.72 -22.82
N ASP F 35 -37.84 25.62 -22.59
CA ASP F 35 -38.97 25.75 -23.52
C ASP F 35 -38.45 26.18 -24.88
N ILE F 36 -38.73 25.37 -25.90
CA ILE F 36 -38.28 25.65 -27.26
C ILE F 36 -39.34 25.16 -28.23
N GLU F 37 -39.48 25.85 -29.37
CA GLU F 37 -40.29 25.37 -30.48
C GLU F 37 -39.43 25.29 -31.74
N VAL F 38 -39.47 24.15 -32.42
CA VAL F 38 -38.69 23.93 -33.64
C VAL F 38 -39.59 23.38 -34.73
N ASP F 39 -39.48 23.94 -35.94
CA ASP F 39 -40.11 23.39 -37.12
C ASP F 39 -39.11 23.37 -38.27
N LEU F 40 -39.29 22.40 -39.16
CA LEU F 40 -38.55 22.33 -40.41
C LEU F 40 -39.46 22.82 -41.53
N LEU F 41 -38.91 23.61 -42.43
CA LEU F 41 -39.68 24.25 -43.49
C LEU F 41 -39.13 23.87 -44.86
N LYS F 42 -40.04 23.63 -45.79
CA LYS F 42 -39.72 23.45 -47.20
C LYS F 42 -40.37 24.60 -47.95
N ASN F 43 -39.55 25.40 -48.65
CA ASN F 43 -40.03 26.57 -49.39
C ASN F 43 -40.91 27.47 -48.52
N GLY F 44 -40.59 27.56 -47.24
CA GLY F 44 -41.30 28.45 -46.35
C GLY F 44 -42.43 27.81 -45.57
N GLU F 45 -42.89 26.62 -45.97
CA GLU F 45 -44.02 25.97 -45.33
C GLU F 45 -43.56 24.84 -44.40
N ARG F 46 -44.28 24.68 -43.29
CA ARG F 46 -43.93 23.66 -42.30
C ARG F 46 -43.98 22.26 -42.90
N ILE F 47 -43.00 21.45 -42.57
CA ILE F 47 -43.01 20.05 -42.99
C ILE F 47 -43.72 19.25 -41.91
N GLU F 48 -44.56 18.31 -42.35
CA GLU F 48 -45.43 17.59 -41.42
C GLU F 48 -44.76 16.38 -40.78
N LYS F 49 -44.05 15.57 -41.58
CA LYS F 49 -43.47 14.32 -41.09
C LYS F 49 -42.05 14.61 -40.60
N VAL F 50 -41.95 15.12 -39.37
CA VAL F 50 -40.69 15.52 -38.76
C VAL F 50 -40.48 14.71 -37.48
N GLU F 51 -39.40 13.94 -37.44
CA GLU F 51 -38.96 13.23 -36.24
C GLU F 51 -38.06 14.12 -35.42
N HIS F 52 -38.10 13.94 -34.11
CA HIS F 52 -37.22 14.69 -33.23
C HIS F 52 -36.92 13.87 -32.00
N SER F 53 -35.71 14.08 -31.47
CA SER F 53 -35.30 13.50 -30.21
C SER F 53 -35.99 14.21 -29.04
N ASP F 54 -35.93 13.58 -27.87
CA ASP F 54 -36.38 14.24 -26.66
C ASP F 54 -35.40 15.35 -26.29
N LEU F 55 -35.88 16.30 -25.47
CA LEU F 55 -35.00 17.29 -24.89
C LEU F 55 -33.83 16.59 -24.19
N SER F 56 -32.62 17.09 -24.43
CA SER F 56 -31.41 16.45 -23.95
C SER F 56 -30.57 17.41 -23.10
N PHE F 57 -29.72 16.86 -22.24
CA PHE F 57 -29.07 17.61 -21.17
C PHE F 57 -27.56 17.63 -21.37
N SER F 58 -26.99 18.83 -21.38
CA SER F 58 -25.55 19.02 -21.44
C SER F 58 -24.98 19.23 -20.05
N LYS F 59 -23.70 18.87 -19.90
CA LYS F 59 -22.97 19.06 -18.64
C LYS F 59 -22.87 20.53 -18.25
N ASP F 60 -22.99 21.46 -19.19
CA ASP F 60 -22.94 22.87 -18.86
C ASP F 60 -24.31 23.46 -18.52
N TRP F 61 -25.31 22.60 -18.33
CA TRP F 61 -26.67 22.89 -17.86
C TRP F 61 -27.57 23.39 -18.97
N SER F 62 -27.08 23.56 -20.19
CA SER F 62 -27.91 23.90 -21.33
C SER F 62 -28.53 22.63 -21.91
N PHE F 63 -29.36 22.80 -22.95
CA PHE F 63 -30.14 21.73 -23.54
C PHE F 63 -29.88 21.64 -25.03
N TYR F 64 -30.24 20.48 -25.60
CA TYR F 64 -30.12 20.30 -27.04
C TYR F 64 -31.15 19.30 -27.53
N LEU F 65 -31.44 19.36 -28.84
CA LEU F 65 -32.38 18.47 -29.50
CA LEU F 65 -32.26 18.35 -29.48
C LEU F 65 -31.98 18.33 -30.97
N LEU F 66 -32.45 17.27 -31.61
CA LEU F 66 -32.27 17.05 -33.04
C LEU F 66 -33.64 16.87 -33.69
N TYR F 67 -33.94 17.69 -34.70
CA TYR F 67 -35.09 17.48 -35.58
C TYR F 67 -34.59 17.04 -36.95
N TYR F 68 -35.32 16.11 -37.59
CA TYR F 68 -34.94 15.67 -38.93
C TYR F 68 -36.17 15.18 -39.70
N THR F 69 -36.02 15.13 -41.02
CA THR F 69 -37.04 14.63 -41.93
C THR F 69 -36.37 14.07 -43.17
N GLU F 70 -36.97 13.04 -43.75
CA GLU F 70 -36.48 12.51 -45.01
C GLU F 70 -36.78 13.50 -46.13
N PHE F 71 -35.82 13.70 -47.03
CA PHE F 71 -36.06 14.60 -48.16
C PHE F 71 -35.15 14.24 -49.32
N THR F 72 -35.49 14.78 -50.48
CA THR F 72 -34.65 14.66 -51.67
C THR F 72 -34.33 16.05 -52.18
N PRO F 73 -33.11 16.54 -51.99
CA PRO F 73 -32.82 17.93 -52.37
C PRO F 73 -32.92 18.14 -53.87
N THR F 74 -33.39 19.33 -54.25
CA THR F 74 -33.45 19.77 -55.62
C THR F 74 -32.91 21.20 -55.69
N GLU F 75 -32.50 21.60 -56.89
CA GLU F 75 -31.97 22.95 -57.09
C GLU F 75 -33.01 24.02 -56.76
N LYS F 76 -34.29 23.69 -56.91
CA LYS F 76 -35.34 24.70 -56.72
C LYS F 76 -35.80 24.81 -55.27
N ASP F 77 -35.85 23.70 -54.55
CA ASP F 77 -36.41 23.70 -53.19
C ASP F 77 -35.45 24.38 -52.21
N GLU F 78 -36.04 25.06 -51.22
CA GLU F 78 -35.30 25.80 -50.20
C GLU F 78 -35.75 25.31 -48.84
N TYR F 79 -34.82 24.78 -48.05
CA TYR F 79 -35.14 24.21 -46.75
C TYR F 79 -34.59 25.08 -45.63
N ALA F 80 -35.30 25.10 -44.52
CA ALA F 80 -34.89 25.91 -43.39
C ALA F 80 -35.35 25.25 -42.10
N CYS F 81 -34.83 25.78 -41.01
CA CYS F 81 -35.19 25.37 -39.66
C CYS F 81 -35.65 26.63 -38.95
N ARG F 82 -36.84 26.58 -38.35
CA ARG F 82 -37.44 27.74 -37.69
C ARG F 82 -37.55 27.44 -36.21
N VAL F 83 -37.04 28.35 -35.38
CA VAL F 83 -36.88 28.11 -33.95
C VAL F 83 -37.42 29.30 -33.18
N ASN F 84 -38.15 29.04 -32.10
CA ASN F 84 -38.51 30.10 -31.16
C ASN F 84 -38.06 29.71 -29.77
N HIS F 85 -37.73 30.73 -28.99
CA HIS F 85 -37.18 30.60 -27.65
C HIS F 85 -37.40 31.93 -26.96
N VAL F 86 -37.43 31.91 -25.63
CA VAL F 86 -37.72 33.13 -24.87
C VAL F 86 -36.69 34.21 -25.15
N THR F 87 -35.48 33.83 -25.56
CA THR F 87 -34.45 34.83 -25.86
C THR F 87 -34.66 35.54 -27.19
N LEU F 88 -35.55 35.05 -28.04
CA LEU F 88 -35.76 35.62 -29.35
C LEU F 88 -37.07 36.41 -29.38
N SER F 89 -37.00 37.64 -29.88
CA SER F 89 -38.23 38.44 -30.00
CA SER F 89 -38.22 38.44 -30.00
C SER F 89 -39.19 37.83 -31.01
N GLN F 90 -38.67 37.28 -32.10
CA GLN F 90 -39.46 36.63 -33.13
CA GLN F 90 -39.47 36.62 -33.11
C GLN F 90 -38.82 35.31 -33.49
N PRO F 91 -39.58 34.36 -34.04
CA PRO F 91 -38.98 33.10 -34.48
C PRO F 91 -37.85 33.34 -35.47
N LYS F 92 -36.76 32.58 -35.30
CA LYS F 92 -35.61 32.67 -36.18
C LYS F 92 -35.69 31.56 -37.23
N ILE F 93 -35.51 31.94 -38.49
CA ILE F 93 -35.57 31.02 -39.61
C ILE F 93 -34.16 30.86 -40.15
N VAL F 94 -33.58 29.68 -39.99
CA VAL F 94 -32.19 29.42 -40.37
C VAL F 94 -32.20 28.58 -41.65
N LYS F 95 -31.62 29.11 -42.73
CA LYS F 95 -31.65 28.42 -44.01
C LYS F 95 -30.56 27.36 -44.13
N TRP F 96 -30.91 26.23 -44.74
CA TRP F 96 -29.91 25.21 -45.05
C TRP F 96 -28.95 25.74 -46.10
N ASP F 97 -27.65 25.61 -45.84
CA ASP F 97 -26.64 26.13 -46.75
C ASP F 97 -26.34 25.20 -47.92
N ARG F 98 -27.15 24.15 -48.11
CA ARG F 98 -27.07 23.26 -49.27
C ARG F 98 -25.77 22.48 -49.30
N ASP F 99 -25.27 22.13 -48.11
CA ASP F 99 -24.04 21.37 -47.94
C ASP F 99 -22.85 22.05 -48.62
N MET F 100 -22.86 23.38 -48.62
CA MET F 100 -21.73 24.14 -49.17
C MET F 100 -20.66 24.35 -48.12
N GLN G 3 37.19 8.39 11.12
CA GLN G 3 37.14 8.38 9.65
C GLN G 3 35.99 9.25 9.13
N ASN G 4 36.26 10.13 8.17
CA ASN G 4 35.20 10.98 7.66
CA ASN G 4 35.25 11.07 7.67
C ASN G 4 35.40 11.24 6.16
N ILE G 5 34.31 11.63 5.52
CA ILE G 5 34.33 11.95 4.10
C ILE G 5 33.38 13.13 3.91
N ASP G 6 33.79 14.11 3.14
CA ASP G 6 33.07 15.38 3.12
C ASP G 6 32.96 15.91 1.70
N GLN G 7 31.79 16.45 1.39
CA GLN G 7 31.56 17.03 0.08
C GLN G 7 30.55 18.15 0.27
N PRO G 8 30.57 19.18 -0.57
CA PRO G 8 29.64 20.29 -0.36
C PRO G 8 28.21 19.81 -0.49
N THR G 9 27.30 20.47 0.23
CA THR G 9 25.88 20.09 0.22
C THR G 9 25.24 20.34 -1.14
N GLU G 10 25.51 21.51 -1.73
CA GLU G 10 24.85 21.89 -2.96
CA GLU G 10 24.86 21.87 -2.98
C GLU G 10 25.80 22.75 -3.77
N MET G 11 25.68 22.65 -5.11
CA MET G 11 26.37 23.51 -6.05
C MET G 11 25.40 23.92 -7.16
N THR G 12 25.53 25.16 -7.63
CA THR G 12 24.73 25.67 -8.74
C THR G 12 25.65 26.19 -9.82
N ALA G 13 25.44 25.72 -11.05
CA ALA G 13 26.19 26.20 -12.19
C ALA G 13 25.23 26.43 -13.35
N THR G 14 25.76 27.01 -14.43
CA THR G 14 24.97 27.39 -15.58
C THR G 14 25.06 26.34 -16.68
N GLU G 15 23.95 26.11 -17.37
CA GLU G 15 23.91 25.22 -18.52
C GLU G 15 25.03 25.58 -19.49
N GLY G 16 25.78 24.58 -19.93
CA GLY G 16 26.84 24.78 -20.87
C GLY G 16 28.22 24.95 -20.25
N ALA G 17 28.29 25.18 -18.95
CA ALA G 17 29.55 25.48 -18.29
C ALA G 17 30.16 24.20 -17.69
N ILE G 18 31.09 24.37 -16.78
CA ILE G 18 31.85 23.26 -16.23
C ILE G 18 31.76 23.36 -14.72
N VAL G 19 31.54 22.22 -14.06
CA VAL G 19 31.49 22.21 -12.61
C VAL G 19 32.45 21.13 -12.10
N GLN G 20 33.10 21.42 -10.97
CA GLN G 20 34.00 20.49 -10.30
C GLN G 20 33.43 20.21 -8.92
N ILE G 21 33.05 18.96 -8.67
CA ILE G 21 32.52 18.58 -7.37
C ILE G 21 33.62 17.91 -6.55
N ASN G 22 33.92 18.45 -5.38
CA ASN G 22 35.05 18.01 -4.56
C ASN G 22 34.61 16.99 -3.51
N CYS G 23 35.51 16.08 -3.18
CA CYS G 23 35.29 15.09 -2.12
C CYS G 23 36.62 14.92 -1.38
N THR G 24 36.64 15.18 -0.09
CA THR G 24 37.83 14.94 0.72
C THR G 24 37.55 13.84 1.72
N TYR G 25 38.57 13.03 2.04
CA TYR G 25 38.33 11.93 2.96
C TYR G 25 39.53 11.76 3.89
N GLN G 26 39.25 11.29 5.11
CA GLN G 26 40.24 10.95 6.12
C GLN G 26 39.94 9.53 6.55
N THR G 27 40.80 8.59 6.16
CA THR G 27 40.62 7.19 6.49
C THR G 27 41.96 6.62 6.94
N SER G 28 41.89 5.53 7.70
CA SER G 28 43.12 4.85 8.10
C SER G 28 43.82 4.25 6.88
N GLY G 29 43.04 3.67 5.94
CA GLY G 29 43.60 3.07 4.75
C GLY G 29 42.69 3.35 3.56
N PHE G 30 43.13 2.91 2.38
CA PHE G 30 42.49 3.35 1.15
C PHE G 30 42.54 2.24 0.12
N ASN G 31 41.36 1.86 -0.37
CA ASN G 31 41.21 0.85 -1.41
C ASN G 31 40.37 1.37 -2.58
N GLY G 32 40.22 2.69 -2.71
CA GLY G 32 39.56 3.24 -3.88
C GLY G 32 38.46 4.22 -3.54
N LEU G 33 38.14 5.10 -4.48
CA LEU G 33 37.14 6.14 -4.31
C LEU G 33 36.16 6.05 -5.47
N PHE G 34 34.87 5.97 -5.15
CA PHE G 34 33.80 5.88 -6.14
C PHE G 34 33.01 7.17 -6.20
N TRP G 35 32.49 7.47 -7.40
CA TRP G 35 31.44 8.47 -7.57
C TRP G 35 30.19 7.78 -8.10
N TYR G 36 29.04 8.13 -7.53
CA TYR G 36 27.72 7.68 -8.00
C TYR G 36 26.84 8.88 -8.31
N GLN G 37 25.98 8.71 -9.31
CA GLN G 37 24.94 9.70 -9.65
C GLN G 37 23.60 9.22 -9.11
N GLN G 38 22.85 10.14 -8.52
CA GLN G 38 21.51 9.80 -8.03
C GLN G 38 20.53 10.91 -8.41
N HIS G 39 19.69 10.62 -9.40
CA HIS G 39 18.60 11.54 -9.71
C HIS G 39 17.54 11.49 -8.61
N ALA G 40 16.87 12.63 -8.39
CA ALA G 40 15.87 12.72 -7.33
C ALA G 40 14.81 11.63 -7.48
N GLY G 41 14.56 10.91 -6.38
CA GLY G 41 13.63 9.80 -6.37
C GLY G 41 14.09 8.53 -7.05
N GLU G 42 15.38 8.41 -7.40
CA GLU G 42 15.85 7.27 -8.19
C GLU G 42 17.04 6.61 -7.50
N ALA G 43 17.48 5.48 -8.05
CA ALA G 43 18.60 4.74 -7.48
C ALA G 43 19.93 5.41 -7.82
N PRO G 44 20.93 5.34 -6.93
CA PRO G 44 22.28 5.72 -7.34
C PRO G 44 22.78 4.78 -8.41
N THR G 45 23.50 5.34 -9.38
CA THR G 45 24.17 4.54 -10.40
C THR G 45 25.65 4.90 -10.45
N PHE G 46 26.46 3.88 -10.69
CA PHE G 46 27.91 4.02 -10.69
C PHE G 46 28.39 4.94 -11.82
N LEU G 47 29.24 5.91 -11.47
CA LEU G 47 29.92 6.79 -12.44
C LEU G 47 31.38 6.45 -12.66
N SER G 48 32.17 6.29 -11.59
CA SER G 48 33.62 6.24 -11.76
C SER G 48 34.29 5.65 -10.53
N TYR G 49 35.48 5.09 -10.76
CA TYR G 49 36.35 4.57 -9.70
C TYR G 49 37.77 5.05 -9.95
N ASN G 50 38.42 5.60 -8.92
CA ASN G 50 39.85 5.93 -8.96
C ASN G 50 40.53 5.27 -7.76
N VAL G 51 41.75 4.78 -7.95
CA VAL G 51 42.51 4.21 -6.84
C VAL G 51 43.99 4.63 -6.91
N LEU G 52 44.53 4.86 -8.10
CA LEU G 52 45.83 5.49 -8.23
C LEU G 52 45.68 6.98 -8.50
N ASP G 53 46.78 7.71 -8.44
CA ASP G 53 46.73 9.16 -8.55
C ASP G 53 46.54 9.55 -9.99
N GLY G 54 45.65 10.54 -10.23
CA GLY G 54 45.56 11.09 -11.56
C GLY G 54 44.12 11.31 -11.98
N LEU G 55 43.95 11.53 -13.28
CA LEU G 55 42.69 11.94 -13.89
C LEU G 55 42.26 10.88 -14.89
N GLU G 56 40.99 10.52 -14.84
CA GLU G 56 40.43 9.51 -15.73
C GLU G 56 39.19 10.09 -16.40
N GLU G 57 39.13 9.99 -17.73
CA GLU G 57 38.06 10.58 -18.51
C GLU G 57 37.02 9.51 -18.87
N LYS G 58 35.76 9.94 -18.97
CA LYS G 58 34.65 9.07 -19.32
C LYS G 58 33.48 9.88 -19.88
N GLY G 59 33.53 10.22 -21.17
CA GLY G 59 32.50 11.08 -21.72
C GLY G 59 32.73 12.51 -21.31
N ARG G 60 31.63 13.21 -21.01
CA ARG G 60 31.72 14.57 -20.47
C ARG G 60 32.20 14.61 -19.02
N PHE G 61 32.37 13.46 -18.37
CA PHE G 61 32.78 13.39 -16.97
C PHE G 61 34.20 12.89 -16.86
N SER G 62 34.96 13.47 -15.98
CA SER G 62 36.28 12.94 -15.65
C SER G 62 36.39 12.94 -14.14
N SER G 63 37.15 12.00 -13.60
CA SER G 63 37.34 11.90 -12.15
CA SER G 63 37.34 11.94 -12.16
C SER G 63 38.84 11.92 -11.84
N PHE G 64 39.20 12.71 -10.84
CA PHE G 64 40.57 12.95 -10.43
C PHE G 64 40.77 12.44 -9.01
N LEU G 65 42.00 11.97 -8.72
CA LEU G 65 42.32 11.49 -7.38
C LEU G 65 43.75 11.87 -6.99
N SER G 66 43.92 12.35 -5.76
CA SER G 66 45.23 12.53 -5.14
C SER G 66 45.22 11.79 -3.81
N ARG G 67 45.85 10.62 -3.77
CA ARG G 67 45.87 9.84 -2.53
C ARG G 67 46.57 10.59 -1.40
N SER G 68 47.65 11.30 -1.70
CA SER G 68 48.40 11.94 -0.63
C SER G 68 47.62 13.10 -0.02
N LYS G 69 46.75 13.74 -0.80
CA LYS G 69 45.93 14.82 -0.28
C LYS G 69 44.60 14.33 0.25
N GLY G 70 44.23 13.08 -0.04
CA GLY G 70 42.96 12.57 0.42
C GLY G 70 41.84 13.34 -0.25
N TYR G 71 41.96 13.52 -1.58
CA TYR G 71 41.07 14.41 -2.30
C TYR G 71 40.73 13.84 -3.68
N SER G 72 39.47 14.02 -4.08
CA SER G 72 39.03 13.64 -5.41
C SER G 72 38.05 14.71 -5.92
N TYR G 73 38.00 14.89 -7.23
CA TYR G 73 36.89 15.67 -7.76
C TYR G 73 36.25 14.94 -8.94
N LEU G 74 34.96 15.21 -9.11
CA LEU G 74 34.22 14.82 -10.29
C LEU G 74 34.02 16.09 -11.11
N LEU G 75 34.44 16.03 -12.37
CA LEU G 75 34.43 17.17 -13.26
C LEU G 75 33.35 16.93 -14.31
N LEU G 76 32.41 17.83 -14.42
CA LEU G 76 31.36 17.74 -15.44
C LEU G 76 31.53 18.90 -16.42
N LYS G 77 31.77 18.56 -17.69
CA LYS G 77 31.91 19.56 -18.76
C LYS G 77 30.61 19.68 -19.55
N GLU G 78 30.45 20.82 -20.23
CA GLU G 78 29.28 21.14 -21.05
C GLU G 78 27.98 20.71 -20.38
N LEU G 79 27.66 21.35 -19.25
CA LEU G 79 26.56 20.91 -18.41
C LEU G 79 25.24 20.95 -19.18
N GLN G 80 24.42 19.93 -18.99
CA GLN G 80 23.06 19.88 -19.52
C GLN G 80 22.06 19.79 -18.37
N MET G 81 20.79 20.13 -18.63
CA MET G 81 19.77 20.07 -17.57
C MET G 81 19.67 18.68 -16.96
N LYS G 82 19.82 17.64 -17.78
CA LYS G 82 19.76 16.29 -17.25
C LYS G 82 20.90 15.96 -16.28
N ASP G 83 21.92 16.81 -16.18
CA ASP G 83 22.95 16.58 -15.17
C ASP G 83 22.50 16.98 -13.78
N SER G 84 21.33 17.62 -13.65
CA SER G 84 20.79 17.96 -12.34
C SER G 84 20.51 16.67 -11.59
N ALA G 85 21.17 16.51 -10.45
CA ALA G 85 21.15 15.25 -9.72
C ALA G 85 22.01 15.43 -8.48
N SER G 86 21.94 14.45 -7.59
CA SER G 86 22.92 14.40 -6.51
C SER G 86 24.08 13.49 -6.90
N TYR G 87 25.27 13.85 -6.43
CA TYR G 87 26.49 13.11 -6.73
C TYR G 87 27.12 12.66 -5.42
N LEU G 88 27.26 11.35 -5.26
CA LEU G 88 27.66 10.73 -4.02
C LEU G 88 29.07 10.20 -4.17
N CYS G 89 29.94 10.58 -3.26
CA CYS G 89 31.31 10.09 -3.18
CA CYS G 89 31.29 10.03 -3.23
C CYS G 89 31.39 9.02 -2.12
N ALA G 90 32.14 7.94 -2.39
CA ALA G 90 32.31 6.86 -1.42
C ALA G 90 33.73 6.32 -1.47
N VAL G 91 34.29 6.08 -0.30
CA VAL G 91 35.68 5.61 -0.15
C VAL G 91 35.66 4.23 0.49
N LYS G 92 36.37 3.29 -0.13
CA LYS G 92 36.55 1.95 0.43
C LYS G 92 37.77 1.97 1.36
N ASP G 93 37.58 1.57 2.62
CA ASP G 93 38.61 1.78 3.64
C ASP G 93 39.49 0.54 3.78
N SER G 94 40.34 0.53 4.81
CA SER G 94 41.34 -0.54 4.94
CA SER G 94 41.33 -0.54 4.95
C SER G 94 40.69 -1.90 5.14
N ASN G 95 39.44 -1.95 5.62
CA ASN G 95 38.74 -3.22 5.78
C ASN G 95 37.72 -3.45 4.67
N TYR G 96 37.90 -2.75 3.55
CA TYR G 96 37.05 -2.90 2.37
C TYR G 96 35.62 -2.48 2.67
N GLN G 97 35.42 -1.58 3.64
CA GLN G 97 34.10 -1.07 3.96
CA GLN G 97 34.10 -1.07 3.96
C GLN G 97 33.93 0.32 3.36
N LEU G 98 32.75 0.57 2.78
CA LEU G 98 32.48 1.86 2.15
C LEU G 98 32.11 2.91 3.18
N ILE G 99 32.68 4.09 3.05
CA ILE G 99 32.23 5.27 3.79
CA ILE G 99 32.23 5.27 3.79
C ILE G 99 31.66 6.23 2.76
N TRP G 100 30.41 6.63 2.95
CA TRP G 100 29.68 7.47 2.00
C TRP G 100 29.66 8.92 2.44
N GLY G 101 30.06 9.82 1.55
CA GLY G 101 29.80 11.22 1.77
C GLY G 101 28.30 11.50 1.67
N ALA G 102 27.89 12.66 2.18
CA ALA G 102 26.47 12.99 2.27
C ALA G 102 25.85 13.42 0.94
N GLY G 103 26.64 13.53 -0.13
CA GLY G 103 26.08 13.85 -1.43
C GLY G 103 26.09 15.32 -1.75
N THR G 104 26.40 15.68 -2.99
CA THR G 104 26.29 17.05 -3.45
C THR G 104 25.12 17.14 -4.43
N LYS G 105 24.19 18.02 -4.14
CA LYS G 105 23.08 18.28 -5.07
C LYS G 105 23.53 19.29 -6.11
N LEU G 106 23.53 18.90 -7.38
CA LEU G 106 23.93 19.79 -8.46
C LEU G 106 22.70 20.42 -9.10
N ILE G 107 22.61 21.75 -9.05
CA ILE G 107 21.50 22.50 -9.65
C ILE G 107 22.05 23.24 -10.87
N ILE G 108 21.31 23.16 -11.98
CA ILE G 108 21.74 23.70 -13.27
C ILE G 108 20.79 24.81 -13.67
N LYS G 109 21.31 26.00 -13.94
CA LYS G 109 20.49 27.10 -14.41
CA LYS G 109 20.50 27.10 -14.42
C LYS G 109 20.39 27.03 -15.94
N PRO G 110 19.19 26.97 -16.51
CA PRO G 110 19.10 26.94 -17.97
C PRO G 110 19.48 28.27 -18.57
N ASP G 111 19.97 28.24 -19.79
CA ASP G 111 20.24 29.47 -20.51
C ASP G 111 18.94 29.92 -21.20
N ILE G 112 18.32 30.98 -20.69
CA ILE G 112 17.05 31.46 -21.23
C ILE G 112 17.36 32.42 -22.37
N GLN G 113 17.10 31.96 -23.60
CA GLN G 113 17.51 32.71 -24.78
C GLN G 113 16.72 34.01 -24.95
N ASN G 114 15.42 33.99 -24.68
CA ASN G 114 14.57 35.18 -24.89
C ASN G 114 13.64 35.36 -23.69
N PRO G 115 14.14 35.97 -22.62
CA PRO G 115 13.32 36.10 -21.41
C PRO G 115 12.11 37.01 -21.67
N ASP G 116 10.99 36.65 -21.05
CA ASP G 116 9.74 37.37 -21.23
C ASP G 116 9.00 37.26 -19.90
N PRO G 117 9.55 37.77 -18.80
CA PRO G 117 8.94 37.53 -17.49
C PRO G 117 7.50 38.04 -17.44
N ALA G 118 6.63 37.26 -16.81
CA ALA G 118 5.21 37.58 -16.78
C ALA G 118 4.55 36.84 -15.62
N VAL G 119 3.51 37.44 -15.07
CA VAL G 119 2.66 36.77 -14.07
C VAL G 119 1.26 36.67 -14.66
N TYR G 120 0.78 35.45 -14.84
CA TYR G 120 -0.51 35.18 -15.47
C TYR G 120 -1.47 34.61 -14.44
N GLN G 121 -2.72 35.05 -14.53
CA GLN G 121 -3.81 34.47 -13.75
C GLN G 121 -4.39 33.31 -14.54
N LEU G 122 -4.26 32.10 -14.02
CA LEU G 122 -4.89 30.97 -14.69
C LEU G 122 -6.40 31.01 -14.47
N ARG G 123 -7.11 30.15 -15.20
CA ARG G 123 -8.55 30.09 -15.06
C ARG G 123 -8.93 29.32 -13.80
N ASP G 124 -9.91 29.84 -13.07
CA ASP G 124 -10.46 29.11 -11.94
C ASP G 124 -10.97 27.74 -12.38
N SER G 125 -10.91 26.77 -11.48
CA SER G 125 -11.52 25.46 -11.68
C SER G 125 -12.85 25.44 -10.94
N LYS G 126 -13.90 24.95 -11.59
CA LYS G 126 -15.20 24.91 -10.92
C LYS G 126 -15.19 23.98 -9.71
N SER G 127 -14.15 23.15 -9.55
CA SER G 127 -14.06 22.18 -8.47
C SER G 127 -13.13 22.63 -7.34
N SER G 128 -12.60 23.84 -7.40
CA SER G 128 -11.68 24.29 -6.38
C SER G 128 -11.93 25.75 -6.06
N ASP G 129 -11.74 26.11 -4.79
CA ASP G 129 -11.83 27.49 -4.34
C ASP G 129 -10.52 28.27 -4.47
N LYS G 130 -9.50 27.72 -5.11
CA LYS G 130 -8.21 28.40 -5.17
C LYS G 130 -8.13 29.34 -6.37
N SER G 131 -7.47 30.48 -6.18
CA SER G 131 -6.97 31.29 -7.27
C SER G 131 -5.49 30.98 -7.50
N VAL G 132 -5.10 30.82 -8.77
CA VAL G 132 -3.77 30.33 -9.14
C VAL G 132 -3.09 31.32 -10.09
N CYS G 133 -1.85 31.68 -9.76
CA CYS G 133 -1.02 32.61 -10.51
C CYS G 133 0.27 31.89 -10.92
N LEU G 134 0.74 32.17 -12.13
CA LEU G 134 1.93 31.56 -12.69
C LEU G 134 2.91 32.66 -13.07
N PHE G 135 4.06 32.68 -12.39
CA PHE G 135 5.19 33.52 -12.74
C PHE G 135 6.05 32.70 -13.68
N THR G 136 6.30 33.20 -14.90
CA THR G 136 6.95 32.33 -15.88
C THR G 136 7.80 33.14 -16.85
N ASP G 137 8.70 32.43 -17.52
CA ASP G 137 9.52 32.93 -18.61
C ASP G 137 10.57 33.94 -18.16
N PHE G 138 10.89 33.94 -16.87
CA PHE G 138 11.95 34.82 -16.35
C PHE G 138 13.31 34.15 -16.52
N ASP G 139 14.34 34.99 -16.46
CA ASP G 139 15.72 34.59 -16.60
C ASP G 139 16.18 33.81 -15.37
N SER G 140 17.20 32.98 -15.56
CA SER G 140 17.58 32.05 -14.51
C SER G 140 18.22 32.72 -13.30
N GLN G 141 18.59 34.00 -13.38
CA GLN G 141 19.15 34.69 -12.21
C GLN G 141 18.10 35.06 -11.18
N THR G 142 16.82 35.04 -11.55
CA THR G 142 15.72 35.37 -10.65
C THR G 142 15.51 34.27 -9.62
N ASN G 143 15.39 34.66 -8.35
CA ASN G 143 15.08 33.73 -7.27
C ASN G 143 13.67 33.97 -6.77
N VAL G 144 12.95 32.89 -6.46
CA VAL G 144 11.55 32.97 -6.05
C VAL G 144 11.47 32.73 -4.55
N SER G 145 11.04 33.74 -3.80
CA SER G 145 10.92 33.61 -2.35
C SER G 145 9.64 32.91 -1.95
N GLN G 146 9.70 32.25 -0.79
CA GLN G 146 8.53 31.62 -0.21
C GLN G 146 7.55 32.69 0.27
N SER G 147 6.32 32.26 0.53
CA SER G 147 5.26 33.18 0.92
CA SER G 147 5.27 33.18 0.92
C SER G 147 5.45 33.65 2.36
N LYS G 148 5.17 34.94 2.59
CA LYS G 148 5.12 35.50 3.94
C LYS G 148 3.75 35.37 4.58
N ASP G 149 2.71 35.11 3.79
CA ASP G 149 1.35 34.93 4.27
C ASP G 149 1.11 33.43 4.44
N SER G 150 0.60 33.05 5.62
CA SER G 150 0.39 31.63 5.91
CA SER G 150 0.39 31.64 5.91
C SER G 150 -0.67 31.01 5.01
N ASP G 151 -1.61 31.81 4.49
CA ASP G 151 -2.65 31.28 3.62
C ASP G 151 -2.32 31.43 2.14
N VAL G 152 -1.07 31.78 1.81
CA VAL G 152 -0.59 31.81 0.42
C VAL G 152 0.54 30.80 0.29
N TYR G 153 0.53 30.05 -0.80
CA TYR G 153 1.47 28.98 -1.05
C TYR G 153 2.19 29.27 -2.35
N ILE G 154 3.53 29.25 -2.31
CA ILE G 154 4.36 29.53 -3.49
C ILE G 154 5.39 28.43 -3.64
N THR G 155 5.45 27.81 -4.81
CA THR G 155 6.41 26.75 -5.01
C THR G 155 7.67 27.32 -5.65
N ASP G 156 8.77 26.57 -5.53
CA ASP G 156 10.05 27.02 -6.05
C ASP G 156 10.04 26.99 -7.58
N LYS G 157 11.05 27.61 -8.19
CA LYS G 157 11.05 27.63 -9.65
C LYS G 157 11.36 26.25 -10.21
N CYS G 158 10.77 25.96 -11.36
N CYS G 158 10.77 25.96 -11.36
CA CYS G 158 10.85 24.67 -12.04
C CYS G 158 11.24 24.91 -13.50
N VAL G 159 12.05 24.04 -14.10
CA VAL G 159 12.49 24.20 -15.48
C VAL G 159 11.75 23.19 -16.35
N LEU G 160 11.00 23.69 -17.33
CA LEU G 160 10.28 22.81 -18.24
CA LEU G 160 10.22 22.88 -18.26
C LEU G 160 10.86 22.92 -19.64
N ASP G 161 10.83 21.80 -20.35
CA ASP G 161 11.48 21.67 -21.66
C ASP G 161 10.42 21.27 -22.69
N MET G 162 10.14 22.14 -23.63
CA MET G 162 9.23 21.79 -24.72
C MET G 162 10.11 21.25 -25.83
N ARG G 163 10.23 19.92 -25.87
CA ARG G 163 11.29 19.29 -26.65
C ARG G 163 11.12 19.55 -28.14
N SER G 164 9.88 19.48 -28.64
CA SER G 164 9.62 19.67 -30.06
C SER G 164 10.15 21.02 -30.54
N MET G 165 10.05 22.05 -29.72
CA MET G 165 10.43 23.40 -30.11
C MET G 165 11.78 23.84 -29.52
N ASP G 166 12.49 22.93 -28.84
CA ASP G 166 13.79 23.23 -28.24
C ASP G 166 13.72 24.51 -27.40
N PHE G 167 12.76 24.53 -26.47
CA PHE G 167 12.41 25.72 -25.73
C PHE G 167 12.32 25.36 -24.25
N LYS G 168 13.03 26.11 -23.41
CA LYS G 168 13.03 25.91 -21.97
C LYS G 168 12.49 27.17 -21.31
N SER G 169 11.83 27.00 -20.16
CA SER G 169 11.35 28.18 -19.44
C SER G 169 11.27 27.87 -17.95
N ASN G 170 11.52 28.88 -17.14
CA ASN G 170 11.36 28.79 -15.70
C ASN G 170 9.93 29.14 -15.31
N SER G 171 9.42 28.51 -14.25
CA SER G 171 8.15 28.99 -13.75
C SER G 171 8.01 28.63 -12.27
N ALA G 172 7.16 29.40 -11.60
CA ALA G 172 6.80 29.18 -10.21
C ALA G 172 5.30 29.43 -10.10
N VAL G 173 4.65 28.74 -9.16
CA VAL G 173 3.20 28.79 -9.02
C VAL G 173 2.86 29.35 -7.64
N ALA G 174 1.85 30.22 -7.58
CA ALA G 174 1.33 30.72 -6.31
C ALA G 174 -0.17 30.54 -6.28
N TRP G 175 -0.73 30.20 -5.11
CA TRP G 175 -2.17 30.03 -5.02
C TRP G 175 -2.66 30.33 -3.61
N SER G 176 -3.96 30.54 -3.51
CA SER G 176 -4.63 30.93 -2.27
C SER G 176 -6.12 30.89 -2.50
N ASN G 177 -6.87 30.71 -1.41
CA ASN G 177 -8.31 30.90 -1.45
C ASN G 177 -8.74 32.18 -0.73
N LYS G 178 -7.79 33.02 -0.33
CA LYS G 178 -8.11 34.29 0.33
C LYS G 178 -8.79 35.25 -0.63
N SER G 179 -9.66 36.10 -0.09
CA SER G 179 -10.39 37.04 -0.94
C SER G 179 -9.49 38.15 -1.47
N ASP G 180 -8.52 38.58 -0.66
CA ASP G 180 -7.62 39.67 -1.04
C ASP G 180 -6.40 39.20 -1.83
N PHE G 181 -6.46 38.00 -2.42
CA PHE G 181 -5.34 37.45 -3.17
C PHE G 181 -5.46 37.83 -4.63
N ALA G 182 -4.41 38.45 -5.17
CA ALA G 182 -4.39 38.83 -6.58
C ALA G 182 -3.02 38.57 -7.14
N CYS G 183 -2.97 38.15 -8.40
CA CYS G 183 -1.71 37.88 -9.05
C CYS G 183 -0.79 39.10 -9.03
N ALA G 184 -1.37 40.31 -9.11
CA ALA G 184 -0.54 41.51 -9.07
C ALA G 184 0.33 41.57 -7.83
N ASN G 185 -0.09 40.93 -6.73
CA ASN G 185 0.69 40.99 -5.51
CA ASN G 185 0.64 40.97 -5.48
C ASN G 185 1.14 39.61 -5.01
N ALA G 186 0.89 38.55 -5.78
CA ALA G 186 1.22 37.20 -5.34
C ALA G 186 2.71 37.04 -5.01
N PHE G 187 3.59 37.57 -5.87
CA PHE G 187 5.03 37.39 -5.70
C PHE G 187 5.71 38.64 -5.16
N ASN G 188 5.01 39.42 -4.34
CA ASN G 188 5.57 40.65 -3.82
C ASN G 188 6.82 40.41 -2.97
N ASN G 189 6.96 39.22 -2.41
CA ASN G 189 8.09 38.96 -1.55
C ASN G 189 9.32 38.53 -2.31
N SER G 190 9.20 38.30 -3.62
CA SER G 190 10.36 37.99 -4.45
C SER G 190 10.88 39.25 -5.13
N ILE G 191 12.16 39.20 -5.49
CA ILE G 191 12.77 40.20 -6.36
C ILE G 191 12.51 39.73 -7.78
N ILE G 192 11.58 40.39 -8.46
CA ILE G 192 11.21 39.96 -9.81
C ILE G 192 11.69 41.02 -10.81
N PRO G 193 11.87 40.67 -12.09
CA PRO G 193 12.38 41.65 -13.05
C PRO G 193 11.48 42.88 -13.16
N GLU G 194 12.13 44.03 -13.37
CA GLU G 194 11.43 45.30 -13.53
C GLU G 194 10.46 45.28 -14.71
N ASP G 195 10.75 44.46 -15.72
CA ASP G 195 9.95 44.43 -16.94
C ASP G 195 8.90 43.34 -16.92
N THR G 196 8.59 42.78 -15.74
CA THR G 196 7.62 41.69 -15.64
C THR G 196 6.24 42.16 -16.14
N PHE G 197 5.64 41.37 -17.00
CA PHE G 197 4.37 41.70 -17.64
C PHE G 197 3.22 41.24 -16.73
N PHE G 198 2.38 42.19 -16.31
CA PHE G 198 1.18 41.89 -15.54
C PHE G 198 -0.05 42.21 -16.39
N PRO G 199 -0.67 41.26 -17.07
CA PRO G 199 -1.84 41.58 -17.90
C PRO G 199 -2.98 42.14 -17.06
N SER G 200 -3.75 43.04 -17.69
CA SER G 200 -4.85 43.70 -16.99
C SER G 200 -5.91 42.69 -16.55
N PRO G 201 -6.45 42.82 -15.35
CA PRO G 201 -7.43 41.86 -14.84
C PRO G 201 -8.82 42.18 -15.38
N GLU G 202 -9.79 41.34 -14.99
CA GLU G 202 -11.18 41.44 -15.42
C GLU G 202 -11.34 41.29 -16.94
N ASN H 2 17.03 -10.16 -17.17
CA ASN H 2 17.92 -9.01 -17.10
C ASN H 2 17.26 -7.76 -16.51
N ALA H 3 16.64 -7.93 -15.33
CA ALA H 3 15.95 -6.83 -14.67
C ALA H 3 16.82 -6.08 -13.66
N GLY H 4 18.00 -6.59 -13.31
CA GLY H 4 18.85 -5.91 -12.33
C GLY H 4 18.43 -6.24 -10.92
N VAL H 5 18.32 -5.22 -10.08
CA VAL H 5 17.92 -5.37 -8.68
C VAL H 5 16.47 -4.91 -8.53
N THR H 6 15.56 -5.82 -8.15
CA THR H 6 14.14 -5.53 -7.97
C THR H 6 13.80 -5.56 -6.48
N GLN H 7 13.37 -4.43 -5.92
CA GLN H 7 12.96 -4.38 -4.53
C GLN H 7 11.53 -3.85 -4.41
N THR H 8 10.80 -4.37 -3.41
CA THR H 8 9.42 -4.00 -3.14
C THR H 8 9.21 -3.83 -1.65
N PRO H 9 8.25 -3.00 -1.23
CA PRO H 9 7.38 -2.15 -2.04
C PRO H 9 8.03 -0.79 -2.27
N LYS H 10 7.50 0.02 -3.19
CA LYS H 10 8.09 1.34 -3.42
C LYS H 10 7.78 2.30 -2.28
N PHE H 11 6.60 2.15 -1.67
CA PHE H 11 6.10 3.04 -0.63
C PHE H 11 5.39 2.24 0.45
N GLN H 12 5.50 2.69 1.69
CA GLN H 12 4.78 2.00 2.76
C GLN H 12 4.62 2.95 3.94
N VAL H 13 3.42 3.06 4.46
CA VAL H 13 3.19 3.77 5.71
C VAL H 13 2.92 2.73 6.80
N LEU H 14 3.49 2.96 7.98
CA LEU H 14 3.45 2.01 9.07
C LEU H 14 3.08 2.71 10.37
N LYS H 15 2.41 1.97 11.24
CA LYS H 15 2.13 2.45 12.58
C LYS H 15 3.27 1.98 13.48
N THR H 16 3.62 2.78 14.49
CA THR H 16 4.63 2.39 15.46
C THR H 16 4.31 0.99 15.97
N GLY H 17 5.30 0.09 15.95
CA GLY H 17 5.11 -1.24 16.46
C GLY H 17 4.67 -2.27 15.46
N GLN H 18 4.43 -1.88 14.22
CA GLN H 18 4.01 -2.79 13.16
C GLN H 18 5.21 -3.45 12.51
N SER H 19 5.01 -4.66 11.99
CA SER H 19 6.06 -5.41 11.32
C SER H 19 6.02 -5.17 9.82
N MET H 20 7.16 -5.36 9.17
CA MET H 20 7.28 -5.09 7.75
CA MET H 20 7.26 -5.12 7.74
C MET H 20 8.50 -5.83 7.20
N THR H 21 8.33 -6.45 6.04
CA THR H 21 9.42 -7.07 5.31
C THR H 21 9.57 -6.39 3.95
N LEU H 22 10.79 -5.98 3.63
CA LEU H 22 11.12 -5.47 2.31
C LEU H 22 11.78 -6.59 1.51
N GLN H 23 11.35 -6.78 0.27
CA GLN H 23 11.88 -7.83 -0.58
C GLN H 23 12.92 -7.27 -1.53
N CYS H 24 13.93 -8.08 -1.85
CA CYS H 24 14.92 -7.69 -2.83
CA CYS H 24 14.95 -7.69 -2.81
C CYS H 24 15.43 -8.93 -3.56
N ALA H 25 15.51 -8.83 -4.89
CA ALA H 25 16.01 -9.93 -5.71
C ALA H 25 16.91 -9.34 -6.77
N GLN H 26 17.97 -10.07 -7.14
CA GLN H 26 18.82 -9.66 -8.25
C GLN H 26 18.99 -10.84 -9.20
N ASP H 27 18.88 -10.57 -10.50
CA ASP H 27 19.00 -11.61 -11.52
C ASP H 27 20.33 -11.50 -12.26
N MET H 28 21.32 -10.92 -11.62
CA MET H 28 22.63 -10.70 -12.21
CA MET H 28 22.63 -10.72 -12.22
C MET H 28 23.64 -11.77 -11.79
N ASN H 29 23.19 -12.78 -11.04
CA ASN H 29 24.05 -13.84 -10.53
C ASN H 29 25.17 -13.25 -9.68
N HIS H 30 24.86 -12.18 -8.95
CA HIS H 30 25.79 -11.58 -8.01
C HIS H 30 25.86 -12.39 -6.73
N ASN H 31 27.00 -12.29 -6.03
CA ASN H 31 27.16 -13.05 -4.79
C ASN H 31 26.89 -12.23 -3.54
N SER H 32 27.02 -10.91 -3.61
CA SER H 32 27.00 -10.05 -2.43
C SER H 32 25.81 -9.11 -2.51
N MET H 33 25.03 -9.04 -1.42
CA MET H 33 23.87 -8.15 -1.34
C MET H 33 23.94 -7.32 -0.05
N TYR H 34 23.21 -6.21 -0.07
CA TYR H 34 23.35 -5.14 0.92
C TYR H 34 22.00 -4.47 1.13
N TRP H 35 21.75 -4.01 2.36
CA TRP H 35 20.61 -3.15 2.64
C TRP H 35 21.12 -1.86 3.28
N TYR H 36 20.70 -0.74 2.72
CA TYR H 36 21.10 0.61 3.14
C TYR H 36 19.88 1.41 3.55
N ARG H 37 20.09 2.40 4.40
CA ARG H 37 19.09 3.46 4.58
C ARG H 37 19.71 4.81 4.24
N GLN H 38 18.92 5.65 3.59
CA GLN H 38 19.35 6.99 3.19
C GLN H 38 18.46 8.01 3.89
N ASP H 39 19.09 8.97 4.57
CA ASP H 39 18.38 9.99 5.31
C ASP H 39 18.94 11.36 4.98
N PRO H 40 18.14 12.41 5.12
CA PRO H 40 18.60 13.75 4.74
C PRO H 40 19.83 14.17 5.53
N GLY H 41 20.81 14.73 4.82
CA GLY H 41 21.97 15.29 5.45
C GLY H 41 23.05 14.31 5.84
N MET H 42 22.95 13.05 5.43
CA MET H 42 24.01 12.11 5.81
C MET H 42 24.23 11.09 4.72
N GLY H 43 25.39 10.42 4.78
CA GLY H 43 25.69 9.41 3.79
C GLY H 43 24.88 8.14 4.01
N LEU H 44 24.76 7.35 2.94
CA LEU H 44 24.16 6.02 3.06
C LEU H 44 24.76 5.26 4.23
N ARG H 45 23.92 4.57 4.99
CA ARG H 45 24.41 3.78 6.12
C ARG H 45 24.01 2.33 5.95
N LEU H 46 24.98 1.42 6.08
CA LEU H 46 24.72 0.01 5.89
C LEU H 46 23.98 -0.54 7.10
N ILE H 47 22.93 -1.33 6.85
CA ILE H 47 22.13 -1.95 7.90
C ILE H 47 22.61 -3.37 8.14
N TYR H 48 22.62 -4.18 7.09
CA TYR H 48 23.08 -5.57 7.10
C TYR H 48 23.62 -5.86 5.71
N TYR H 49 24.49 -6.87 5.62
CA TYR H 49 24.97 -7.27 4.31
C TYR H 49 25.15 -8.78 4.25
N SER H 50 25.41 -9.28 3.05
CA SER H 50 25.48 -10.73 2.81
C SER H 50 26.63 -10.92 1.82
N ALA H 51 27.81 -11.27 2.34
CA ALA H 51 29.01 -11.35 1.51
C ALA H 51 28.87 -12.44 0.45
N SER H 52 28.07 -13.46 0.72
CA SER H 52 27.95 -14.64 -0.12
C SER H 52 26.65 -15.33 0.27
N GLU H 53 26.15 -16.21 -0.61
CA GLU H 53 25.00 -17.01 -0.22
C GLU H 53 25.35 -17.82 1.01
N GLY H 54 24.44 -17.86 1.98
CA GLY H 54 24.70 -18.62 3.18
C GLY H 54 25.38 -17.87 4.31
N THR H 55 25.61 -16.57 4.19
CA THR H 55 26.15 -15.82 5.32
C THR H 55 25.65 -14.39 5.28
N THR H 56 25.42 -13.82 6.47
CA THR H 56 25.01 -12.43 6.62
C THR H 56 25.70 -11.89 7.86
N ASP H 57 25.81 -10.57 7.95
CA ASP H 57 26.31 -9.95 9.16
C ASP H 57 25.80 -8.52 9.26
N LYS H 58 25.93 -7.95 10.45
CA LYS H 58 25.47 -6.60 10.72
C LYS H 58 26.31 -5.57 9.97
N GLY H 59 25.65 -4.46 9.60
CA GLY H 59 26.35 -3.29 9.10
C GLY H 59 26.61 -2.28 10.20
N GLU H 60 26.54 -1.00 9.85
CA GLU H 60 26.70 0.07 10.83
C GLU H 60 25.46 0.28 11.72
N VAL H 61 24.25 0.11 11.19
CA VAL H 61 23.03 0.43 11.96
C VAL H 61 22.03 -0.73 11.96
N PRO H 62 22.37 -1.87 12.56
CA PRO H 62 21.51 -3.06 12.49
C PRO H 62 20.37 -3.10 13.48
N ASN H 63 20.35 -2.24 14.49
CA ASN H 63 19.37 -2.40 15.56
C ASN H 63 17.99 -2.00 15.06
N GLY H 64 16.99 -2.83 15.35
CA GLY H 64 15.67 -2.63 14.83
C GLY H 64 15.40 -3.40 13.56
N TYR H 65 16.41 -4.08 13.01
CA TYR H 65 16.27 -4.79 11.76
C TYR H 65 16.85 -6.20 11.87
N ASN H 66 16.46 -7.04 10.91
CA ASN H 66 17.04 -8.36 10.70
CA ASN H 66 17.14 -8.30 10.68
C ASN H 66 16.93 -8.66 9.22
N VAL H 67 17.73 -9.62 8.75
CA VAL H 67 17.73 -9.97 7.33
C VAL H 67 17.70 -11.48 7.16
N SER H 68 17.32 -11.91 5.94
CA SER H 68 17.46 -13.30 5.55
C SER H 68 17.97 -13.36 4.12
N ARG H 69 19.11 -14.01 3.93
CA ARG H 69 19.63 -14.31 2.58
C ARG H 69 18.97 -15.62 2.19
N LEU H 70 17.81 -15.53 1.54
CA LEU H 70 16.97 -16.69 1.29
C LEU H 70 17.61 -17.65 0.30
N ASN H 71 18.32 -17.10 -0.69
CA ASN H 71 19.04 -17.88 -1.70
C ASN H 71 20.05 -16.93 -2.34
N LYS H 72 20.64 -17.35 -3.46
CA LYS H 72 21.62 -16.47 -4.10
C LYS H 72 20.99 -15.17 -4.57
N ARG H 73 19.71 -15.21 -4.95
CA ARG H 73 19.07 -14.05 -5.56
C ARG H 73 18.41 -13.12 -4.55
N GLU H 74 17.96 -13.60 -3.40
CA GLU H 74 17.03 -12.83 -2.58
C GLU H 74 17.59 -12.51 -1.21
N PHE H 75 17.36 -11.28 -0.77
CA PHE H 75 17.89 -10.74 0.49
C PHE H 75 16.80 -9.85 1.07
N SER H 76 16.04 -10.36 2.03
CA SER H 76 14.91 -9.61 2.57
CA SER H 76 14.90 -9.62 2.58
C SER H 76 15.30 -8.89 3.86
N LEU H 77 14.69 -7.72 4.08
CA LEU H 77 14.94 -6.90 5.26
C LEU H 77 13.68 -6.82 6.09
N ARG H 78 13.82 -7.10 7.38
CA ARG H 78 12.67 -7.22 8.27
C ARG H 78 12.74 -6.13 9.33
N LEU H 79 11.67 -5.34 9.45
CA LEU H 79 11.46 -4.46 10.58
C LEU H 79 10.44 -5.14 11.47
N GLU H 80 10.87 -5.65 12.63
CA GLU H 80 9.92 -6.42 13.41
C GLU H 80 8.93 -5.52 14.15
N SER H 81 9.41 -4.42 14.74
CA SER H 81 8.57 -3.47 15.48
C SER H 81 8.93 -2.06 15.04
N ALA H 82 8.19 -1.54 14.06
CA ALA H 82 8.61 -0.30 13.41
C ALA H 82 8.62 0.87 14.39
N ALA H 83 9.58 1.77 14.20
CA ALA H 83 9.75 2.95 15.02
C ALA H 83 9.81 4.19 14.14
N PRO H 84 9.36 5.33 14.63
CA PRO H 84 9.43 6.56 13.83
C PRO H 84 10.82 6.86 13.31
N SER H 85 11.87 6.54 14.08
CA SER H 85 13.22 6.77 13.60
C SER H 85 13.56 5.91 12.38
N GLN H 86 12.79 4.84 12.11
CA GLN H 86 13.00 4.04 10.91
C GLN H 86 12.32 4.62 9.67
N THR H 87 11.68 5.78 9.79
CA THR H 87 11.23 6.51 8.61
C THR H 87 12.45 6.90 7.78
N SER H 88 12.52 6.38 6.55
CA SER H 88 13.72 6.53 5.74
C SER H 88 13.40 6.03 4.34
N VAL H 89 14.38 6.11 3.46
CA VAL H 89 14.35 5.47 2.16
C VAL H 89 15.34 4.32 2.18
N TYR H 90 14.85 3.10 1.97
CA TYR H 90 15.68 1.90 2.06
C TYR H 90 16.11 1.47 0.66
N PHE H 91 17.40 1.18 0.50
CA PHE H 91 17.95 0.73 -0.78
C PHE H 91 18.62 -0.61 -0.60
N CYS H 92 18.25 -1.57 -1.43
CA CYS H 92 18.96 -2.84 -1.60
CA CYS H 92 19.07 -2.77 -1.51
C CYS H 92 20.01 -2.66 -2.70
N ALA H 93 21.18 -3.32 -2.54
CA ALA H 93 22.18 -3.25 -3.59
C ALA H 93 22.84 -4.62 -3.72
N SER H 94 23.56 -4.80 -4.83
CA SER H 94 24.28 -6.05 -5.03
C SER H 94 25.59 -5.77 -5.73
N SER H 95 26.53 -6.71 -5.59
CA SER H 95 27.82 -6.61 -6.26
C SER H 95 28.27 -8.01 -6.60
N VAL H 96 29.10 -8.13 -7.64
CA VAL H 96 29.54 -9.46 -8.09
C VAL H 96 30.18 -10.23 -6.93
N TRP H 97 31.16 -9.61 -6.25
CA TRP H 97 31.81 -10.14 -5.04
C TRP H 97 31.93 -9.00 -4.03
N THR H 98 32.58 -9.25 -2.90
CA THR H 98 32.75 -8.20 -1.91
C THR H 98 34.13 -8.30 -1.29
N GLY H 99 34.61 -7.17 -0.78
CA GLY H 99 36.02 -7.06 -0.41
C GLY H 99 36.96 -7.24 -1.58
N GLU H 100 36.48 -6.96 -2.79
CA GLU H 100 37.21 -7.24 -4.02
C GLU H 100 37.88 -6.00 -4.59
N GLY H 101 37.71 -4.85 -3.97
CA GLY H 101 38.39 -3.70 -4.49
C GLY H 101 37.55 -2.85 -5.41
N SER H 102 37.56 -3.11 -6.72
CA SER H 102 37.06 -2.11 -7.65
C SER H 102 35.61 -2.33 -8.08
N GLY H 103 34.96 -3.40 -7.64
CA GLY H 103 33.60 -3.69 -8.11
C GLY H 103 32.57 -2.71 -7.56
N GLU H 104 31.71 -2.22 -8.45
CA GLU H 104 30.71 -1.23 -8.06
C GLU H 104 29.43 -1.89 -7.55
N LEU H 105 28.63 -1.09 -6.87
CA LEU H 105 27.33 -1.53 -6.40
C LEU H 105 26.27 -1.24 -7.46
N PHE H 106 25.25 -2.11 -7.50
CA PHE H 106 24.07 -1.95 -8.34
C PHE H 106 22.88 -1.83 -7.42
N PHE H 107 22.10 -0.76 -7.57
CA PHE H 107 21.07 -0.41 -6.61
C PHE H 107 19.66 -0.70 -7.13
N GLY H 108 18.78 -1.13 -6.20
CA GLY H 108 17.36 -1.16 -6.45
C GLY H 108 16.75 0.22 -6.39
N GLU H 109 15.45 0.28 -6.73
CA GLU H 109 14.77 1.57 -6.92
C GLU H 109 14.56 2.32 -5.62
N GLY H 110 14.61 1.65 -4.48
CA GLY H 110 14.36 2.30 -3.21
C GLY H 110 12.96 2.00 -2.67
N SER H 111 12.86 1.92 -1.33
CA SER H 111 11.58 1.76 -0.65
C SER H 111 11.45 2.88 0.39
N ARG H 112 10.40 3.67 0.27
CA ARG H 112 10.18 4.81 1.16
C ARG H 112 9.18 4.42 2.23
N LEU H 113 9.65 4.35 3.47
CA LEU H 113 8.86 4.01 4.63
C LEU H 113 8.63 5.24 5.48
N THR H 114 7.40 5.40 5.95
CA THR H 114 7.09 6.42 6.95
C THR H 114 6.39 5.73 8.10
N VAL H 115 6.93 5.88 9.30
CA VAL H 115 6.39 5.24 10.50
C VAL H 115 5.76 6.33 11.37
N LEU H 116 4.49 6.14 11.71
CA LEU H 116 3.69 7.14 12.41
C LEU H 116 3.12 6.57 13.71
N GLU H 117 3.08 7.39 14.74
CA GLU H 117 2.47 7.00 16.01
C GLU H 117 1.02 6.56 15.81
N ASP H 118 0.28 7.25 14.96
CA ASP H 118 -1.09 6.85 14.64
C ASP H 118 -1.43 7.34 13.24
N LEU H 119 -2.33 6.62 12.58
CA LEU H 119 -2.66 6.96 11.19
C LEU H 119 -3.66 8.11 11.07
N LYS H 120 -3.94 8.84 12.16
CA LYS H 120 -4.95 9.90 12.16
C LYS H 120 -4.65 11.02 11.17
N ASN H 121 -3.38 11.27 10.82
CA ASN H 121 -3.07 12.41 9.97
C ASN H 121 -2.69 11.97 8.54
N VAL H 122 -3.05 10.76 8.13
CA VAL H 122 -2.83 10.31 6.76
C VAL H 122 -3.98 10.82 5.89
N PHE H 123 -3.65 11.52 4.79
CA PHE H 123 -4.66 12.09 3.88
C PHE H 123 -4.25 11.89 2.41
N PRO H 124 -5.20 11.56 1.54
CA PRO H 124 -4.90 11.57 0.10
C PRO H 124 -4.86 12.99 -0.42
N PRO H 125 -4.30 13.20 -1.60
CA PRO H 125 -4.27 14.55 -2.16
C PRO H 125 -5.64 14.94 -2.70
N GLU H 126 -5.94 16.23 -2.58
CA GLU H 126 -6.97 16.86 -3.39
C GLU H 126 -6.28 17.34 -4.66
N VAL H 127 -6.83 17.00 -5.83
CA VAL H 127 -6.20 17.30 -7.10
C VAL H 127 -7.11 18.26 -7.88
N ALA H 128 -6.54 19.38 -8.34
CA ALA H 128 -7.29 20.32 -9.17
C ALA H 128 -6.44 20.76 -10.36
N VAL H 129 -7.10 21.00 -11.49
CA VAL H 129 -6.43 21.44 -12.71
C VAL H 129 -6.94 22.83 -13.09
N PHE H 130 -6.04 23.69 -13.52
CA PHE H 130 -6.34 25.07 -13.84
C PHE H 130 -5.94 25.36 -15.28
N GLU H 131 -6.88 25.90 -16.06
CA GLU H 131 -6.69 26.07 -17.48
C GLU H 131 -5.82 27.28 -17.81
N PRO H 132 -5.18 27.30 -18.98
CA PRO H 132 -4.23 28.37 -19.31
C PRO H 132 -4.86 29.76 -19.34
N SER H 133 -4.04 30.74 -18.97
CA SER H 133 -4.41 32.14 -19.08
C SER H 133 -4.54 32.57 -20.55
N GLU H 134 -5.63 33.25 -20.89
CA GLU H 134 -5.77 33.74 -22.26
C GLU H 134 -4.69 34.78 -22.57
N ALA H 135 -4.29 35.59 -21.58
CA ALA H 135 -3.22 36.56 -21.80
C ALA H 135 -1.88 35.86 -22.14
N GLU H 136 -1.60 34.72 -21.52
CA GLU H 136 -0.40 33.97 -21.88
C GLU H 136 -0.46 33.52 -23.32
N ILE H 137 -1.60 32.93 -23.72
CA ILE H 137 -1.78 32.44 -25.08
C ILE H 137 -1.54 33.55 -26.10
N SER H 138 -2.08 34.75 -25.86
CA SER H 138 -1.92 35.81 -26.85
C SER H 138 -0.52 36.43 -26.79
N HIS H 139 0.12 36.42 -25.64
CA HIS H 139 1.44 37.05 -25.53
C HIS H 139 2.55 36.13 -26.01
N THR H 140 2.42 34.82 -25.82
CA THR H 140 3.50 33.88 -26.08
C THR H 140 3.18 32.79 -27.08
N GLN H 141 1.91 32.61 -27.47
CA GLN H 141 1.50 31.52 -28.36
C GLN H 141 1.74 30.16 -27.70
N LYS H 142 1.77 30.15 -26.38
CA LYS H 142 1.90 28.93 -25.60
C LYS H 142 0.81 28.92 -24.53
N ALA H 143 0.53 27.73 -23.99
CA ALA H 143 -0.52 27.59 -22.99
C ALA H 143 -0.01 26.69 -21.88
N THR H 144 0.00 27.20 -20.64
CA THR H 144 0.46 26.43 -19.49
C THR H 144 -0.74 26.05 -18.63
N LEU H 145 -0.97 24.74 -18.49
CA LEU H 145 -1.91 24.21 -17.51
C LEU H 145 -1.18 23.94 -16.20
N VAL H 146 -1.89 24.11 -15.10
CA VAL H 146 -1.32 23.83 -13.77
C VAL H 146 -2.16 22.77 -13.08
N CYS H 147 -1.47 21.84 -12.43
CA CYS H 147 -2.08 20.86 -11.55
C CYS H 147 -1.58 21.08 -10.13
N LEU H 148 -2.51 21.09 -9.19
CA LEU H 148 -2.22 21.27 -7.77
C LEU H 148 -2.70 20.04 -7.00
N ALA H 149 -1.79 19.39 -6.28
CA ALA H 149 -2.13 18.30 -5.37
C ALA H 149 -1.85 18.78 -3.95
N THR H 150 -2.89 18.87 -3.13
CA THR H 150 -2.77 19.60 -1.87
C THR H 150 -3.34 18.78 -0.72
N GLY H 151 -2.83 19.06 0.49
CA GLY H 151 -3.35 18.44 1.70
C GLY H 151 -3.03 16.97 1.90
N PHE H 152 -2.00 16.43 1.26
CA PHE H 152 -1.72 15.01 1.40
C PHE H 152 -0.62 14.75 2.42
N TYR H 153 -0.63 13.55 2.99
CA TYR H 153 0.32 13.12 4.01
C TYR H 153 0.25 11.62 4.17
N PRO H 154 1.39 10.91 4.24
CA PRO H 154 2.77 11.40 4.11
C PRO H 154 3.08 11.69 2.65
N ASP H 155 4.34 12.02 2.34
CA ASP H 155 4.73 12.40 0.98
C ASP H 155 4.99 11.15 0.14
N HIS H 156 3.92 10.40 -0.11
CA HIS H 156 3.98 9.17 -0.91
C HIS H 156 3.07 9.35 -2.12
N VAL H 157 3.51 10.13 -3.11
CA VAL H 157 2.66 10.42 -4.27
C VAL H 157 3.46 10.30 -5.55
N GLU H 158 2.75 10.03 -6.64
CA GLU H 158 3.29 10.04 -7.99
C GLU H 158 2.31 10.81 -8.86
N LEU H 159 2.77 11.93 -9.42
CA LEU H 159 1.94 12.78 -10.28
C LEU H 159 2.31 12.55 -11.74
N SER H 160 1.31 12.43 -12.61
CA SER H 160 1.55 12.29 -14.04
C SER H 160 0.48 13.05 -14.81
N TRP H 161 0.83 13.45 -16.03
CA TRP H 161 -0.06 14.12 -16.97
C TRP H 161 -0.43 13.17 -18.08
N TRP H 162 -1.69 13.21 -18.50
CA TRP H 162 -2.21 12.33 -19.53
C TRP H 162 -2.87 13.16 -20.60
N VAL H 163 -2.41 13.04 -21.84
CA VAL H 163 -2.94 13.82 -22.95
C VAL H 163 -3.59 12.84 -23.93
N ASN H 164 -4.90 12.99 -24.11
CA ASN H 164 -5.67 12.09 -24.97
C ASN H 164 -5.45 10.64 -24.56
N GLY H 165 -5.49 10.40 -23.25
CA GLY H 165 -5.39 9.08 -22.69
C GLY H 165 -4.01 8.44 -22.68
N LYS H 166 -2.96 9.16 -23.08
CA LYS H 166 -1.60 8.65 -23.03
C LYS H 166 -0.74 9.54 -22.13
N GLU H 167 0.19 8.94 -21.40
CA GLU H 167 1.05 9.72 -20.51
C GLU H 167 2.10 10.48 -21.31
N VAL H 168 2.37 11.73 -20.91
CA VAL H 168 3.33 12.58 -21.59
C VAL H 168 4.31 13.12 -20.55
N HIS H 169 5.53 13.41 -21.03
CA HIS H 169 6.59 13.93 -20.18
C HIS H 169 7.16 15.21 -20.77
N SER H 170 7.16 15.32 -22.10
CA SER H 170 7.61 16.56 -22.71
C SER H 170 6.72 17.71 -22.30
N GLY H 171 7.35 18.85 -22.00
CA GLY H 171 6.60 20.03 -21.59
C GLY H 171 6.10 19.99 -20.16
N VAL H 172 6.56 19.05 -19.35
CA VAL H 172 6.06 18.87 -17.99
C VAL H 172 7.15 19.25 -17.00
N CYS H 173 6.80 19.99 -15.97
CA CYS H 173 7.69 20.15 -14.81
CA CYS H 173 7.69 20.05 -14.82
C CYS H 173 6.88 20.05 -13.54
N THR H 174 7.16 19.03 -12.72
CA THR H 174 6.57 18.81 -11.40
C THR H 174 7.61 19.19 -10.37
N ASP H 175 7.18 19.84 -9.28
CA ASP H 175 8.14 20.25 -8.25
C ASP H 175 8.94 19.04 -7.78
N PRO H 176 10.27 19.17 -7.66
CA PRO H 176 11.05 18.01 -7.17
C PRO H 176 10.77 17.69 -5.72
N GLN H 177 10.53 18.70 -4.88
CA GLN H 177 10.20 18.53 -3.47
C GLN H 177 8.81 19.09 -3.18
N PRO H 178 8.02 18.43 -2.33
CA PRO H 178 6.72 18.99 -1.99
C PRO H 178 6.86 20.18 -1.06
N LEU H 179 5.82 20.97 -1.00
CA LEU H 179 5.75 22.11 -0.10
C LEU H 179 5.09 21.65 1.20
N LYS H 180 5.61 22.10 2.33
CA LYS H 180 4.90 21.92 3.59
C LYS H 180 3.87 23.03 3.72
N GLU H 181 2.59 22.65 3.84
CA GLU H 181 1.54 23.66 3.91
C GLU H 181 1.63 24.48 5.20
N GLN H 182 2.18 23.90 6.27
CA GLN H 182 2.46 24.61 7.51
C GLN H 182 3.89 24.28 7.92
N PRO H 183 4.87 25.06 7.43
CA PRO H 183 6.29 24.68 7.63
C PRO H 183 6.69 24.46 9.08
N ALA H 184 6.01 25.10 10.04
CA ALA H 184 6.42 24.98 11.44
C ALA H 184 6.10 23.61 12.01
N LEU H 185 4.93 23.05 11.69
CA LEU H 185 4.53 21.78 12.28
C LEU H 185 5.30 20.62 11.64
N ASN H 186 5.74 19.67 12.46
CA ASN H 186 6.51 18.55 11.95
C ASN H 186 5.63 17.59 11.17
N ASP H 187 4.35 17.47 11.52
CA ASP H 187 3.41 16.60 10.84
C ASP H 187 2.58 17.35 9.79
N SER H 188 3.14 18.39 9.19
CA SER H 188 2.39 19.20 8.23
C SER H 188 1.97 18.37 7.02
N ARG H 189 0.79 18.66 6.49
CA ARG H 189 0.42 18.09 5.21
C ARG H 189 1.16 18.81 4.09
N TYR H 190 1.21 18.17 2.91
CA TYR H 190 2.05 18.62 1.81
C TYR H 190 1.24 19.16 0.64
N ALA H 191 1.89 20.00 -0.18
CA ALA H 191 1.35 20.40 -1.47
C ALA H 191 2.40 20.17 -2.55
N LEU H 192 1.92 19.93 -3.77
CA LEU H 192 2.79 19.71 -4.93
C LEU H 192 2.17 20.37 -6.15
N SER H 193 2.96 21.13 -6.91
CA SER H 193 2.48 21.69 -8.17
C SER H 193 3.19 21.07 -9.36
N SER H 194 2.48 21.03 -10.48
CA SER H 194 3.03 20.61 -11.76
C SER H 194 2.44 21.47 -12.87
N ARG H 195 3.23 21.67 -13.93
CA ARG H 195 2.84 22.43 -15.11
C ARG H 195 2.97 21.56 -16.34
N LEU H 196 2.05 21.71 -17.28
CA LEU H 196 2.19 21.14 -18.62
C LEU H 196 2.03 22.29 -19.60
N ARG H 197 3.05 22.54 -20.42
CA ARG H 197 2.96 23.65 -21.36
C ARG H 197 2.90 23.09 -22.78
N VAL H 198 1.91 23.55 -23.54
CA VAL H 198 1.74 23.13 -24.92
C VAL H 198 1.67 24.39 -25.79
N SER H 199 1.70 24.17 -27.10
CA SER H 199 1.49 25.26 -28.03
C SER H 199 0.05 25.74 -27.96
N ALA H 200 -0.15 27.03 -28.26
CA ALA H 200 -1.50 27.56 -28.33
C ALA H 200 -2.37 26.77 -29.30
N THR H 201 -1.83 26.37 -30.45
CA THR H 201 -2.65 25.62 -31.40
C THR H 201 -3.06 24.26 -30.85
N PHE H 202 -2.21 23.63 -30.04
CA PHE H 202 -2.59 22.37 -29.43
C PHE H 202 -3.67 22.57 -28.37
N TRP H 203 -3.55 23.63 -27.58
CA TRP H 203 -4.58 23.90 -26.58
C TRP H 203 -5.91 24.23 -27.23
N GLN H 204 -5.89 24.86 -28.40
CA GLN H 204 -7.09 25.39 -29.01
C GLN H 204 -7.84 24.37 -29.85
N ASN H 205 -7.36 23.14 -29.94
CA ASN H 205 -8.13 22.06 -30.51
C ASN H 205 -9.14 21.58 -29.48
N PRO H 206 -10.45 21.71 -29.73
CA PRO H 206 -11.45 21.39 -28.67
C PRO H 206 -11.58 19.90 -28.36
N ARG H 207 -10.98 19.01 -29.14
CA ARG H 207 -11.08 17.58 -28.86
CA ARG H 207 -11.07 17.58 -28.88
C ARG H 207 -9.85 17.04 -28.12
N ASN H 208 -8.89 17.89 -27.76
CA ASN H 208 -7.75 17.44 -26.97
C ASN H 208 -8.13 17.40 -25.49
N HIS H 209 -7.76 16.30 -24.82
CA HIS H 209 -8.13 16.04 -23.43
C HIS H 209 -6.89 16.00 -22.55
N PHE H 210 -6.92 16.72 -21.43
CA PHE H 210 -5.79 16.82 -20.49
C PHE H 210 -6.23 16.29 -19.13
N ARG H 211 -5.41 15.44 -18.52
CA ARG H 211 -5.74 14.92 -17.20
C ARG H 211 -4.48 14.93 -16.34
N CYS H 212 -4.63 15.35 -15.09
CA CYS H 212 -3.58 15.30 -14.09
C CYS H 212 -3.94 14.20 -13.10
N GLN H 213 -3.03 13.25 -12.90
CA GLN H 213 -3.28 12.05 -12.11
C GLN H 213 -2.26 11.98 -10.99
N VAL H 214 -2.73 11.73 -9.76
CA VAL H 214 -1.83 11.55 -8.62
C VAL H 214 -2.13 10.20 -7.99
N GLN H 215 -1.16 9.29 -8.05
CA GLN H 215 -1.24 8.04 -7.31
C GLN H 215 -0.83 8.31 -5.88
N PHE H 216 -1.69 7.99 -4.93
CA PHE H 216 -1.39 8.14 -3.52
C PHE H 216 -1.18 6.76 -2.91
N TYR H 217 -0.11 6.60 -2.14
CA TYR H 217 0.17 5.33 -1.46
C TYR H 217 -0.17 5.50 0.01
N GLY H 218 -1.14 4.73 0.47
CA GLY H 218 -1.70 4.99 1.79
C GLY H 218 -2.01 3.71 2.53
N LEU H 219 -3.19 3.64 3.13
CA LEU H 219 -3.50 2.46 3.92
C LEU H 219 -4.05 1.35 3.03
N SER H 220 -4.09 0.15 3.60
CA SER H 220 -4.65 -1.01 2.91
C SER H 220 -5.66 -1.69 3.82
N GLU H 221 -6.15 -2.86 3.39
CA GLU H 221 -7.26 -3.53 4.08
C GLU H 221 -6.94 -3.81 5.54
N ASN H 222 -5.72 -4.25 5.84
CA ASN H 222 -5.38 -4.69 7.19
C ASN H 222 -5.22 -3.54 8.17
N ASP H 223 -4.86 -2.35 7.70
CA ASP H 223 -4.69 -1.22 8.60
C ASP H 223 -6.02 -0.85 9.26
N GLU H 224 -5.99 -0.68 10.58
CA GLU H 224 -7.19 -0.34 11.31
C GLU H 224 -7.54 1.14 11.12
N TRP H 225 -8.83 1.42 10.94
CA TRP H 225 -9.28 2.78 10.78
C TRP H 225 -10.43 3.04 11.74
N THR H 226 -10.34 4.15 12.47
CA THR H 226 -11.35 4.49 13.49
C THR H 226 -11.83 5.94 13.37
N GLN H 227 -11.41 6.68 12.36
CA GLN H 227 -11.81 8.07 12.25
C GLN H 227 -13.16 8.20 11.55
N ASP H 228 -13.73 9.40 11.65
CA ASP H 228 -15.03 9.69 11.05
C ASP H 228 -14.92 9.85 9.54
N ARG H 229 -13.81 10.39 9.06
CA ARG H 229 -13.63 10.61 7.64
C ARG H 229 -13.36 9.28 6.93
N ALA H 230 -13.26 9.33 5.60
CA ALA H 230 -13.03 8.12 4.83
C ALA H 230 -11.62 7.58 5.10
N LYS H 231 -11.49 6.26 5.13
CA LYS H 231 -10.21 5.59 5.27
C LYS H 231 -9.27 6.01 4.14
N PRO H 232 -8.08 6.59 4.44
CA PRO H 232 -7.16 7.08 3.38
C PRO H 232 -6.36 5.97 2.72
N VAL H 233 -7.07 5.17 1.92
CA VAL H 233 -6.48 4.01 1.26
C VAL H 233 -5.65 4.44 0.06
N THR H 234 -4.72 3.58 -0.33
CA THR H 234 -4.04 3.72 -1.62
C THR H 234 -5.05 3.96 -2.73
N GLN H 235 -4.86 5.03 -3.49
CA GLN H 235 -5.87 5.45 -4.47
C GLN H 235 -5.26 6.41 -5.47
N ILE H 236 -5.94 6.57 -6.59
CA ILE H 236 -5.59 7.52 -7.64
C ILE H 236 -6.65 8.62 -7.66
N VAL H 237 -6.21 9.88 -7.50
CA VAL H 237 -7.07 11.05 -7.56
C VAL H 237 -6.66 11.85 -8.79
N SER H 238 -7.62 12.31 -9.59
CA SER H 238 -7.30 12.98 -10.84
CA SER H 238 -7.31 12.97 -10.85
C SER H 238 -8.23 14.16 -11.09
N ALA H 239 -7.83 15.00 -12.03
CA ALA H 239 -8.65 16.12 -12.49
C ALA H 239 -8.34 16.36 -13.96
N GLU H 240 -9.29 16.94 -14.70
CA GLU H 240 -9.17 16.99 -16.15
C GLU H 240 -9.55 18.35 -16.69
N ALA H 241 -9.14 18.58 -17.94
CA ALA H 241 -9.57 19.73 -18.71
C ALA H 241 -9.61 19.33 -20.19
N TRP H 242 -10.48 20.01 -20.93
CA TRP H 242 -10.53 19.88 -22.38
C TRP H 242 -9.99 21.15 -23.01
N GLY H 243 -9.37 20.99 -24.19
CA GLY H 243 -8.99 22.15 -24.96
C GLY H 243 -10.15 23.07 -25.22
N ARG H 244 -9.82 24.33 -25.52
CA ARG H 244 -10.82 25.37 -25.68
C ARG H 244 -10.59 26.07 -27.01
N ALA H 245 -11.62 26.10 -27.85
CA ALA H 245 -11.53 26.82 -29.11
C ALA H 245 -11.66 28.33 -28.87
N ASP H 246 -12.80 28.76 -28.34
CA ASP H 246 -13.05 30.16 -28.05
C ASP H 246 -12.88 30.47 -26.57
C5 A1B7N I . 43.27 -9.90 3.91
C5 A1B7N I . 43.52 -9.99 3.83
C2 A1B7N I . 43.24 -12.15 3.05
C2 A1B7N I . 43.58 -12.23 2.95
C3 A1B7N I . 43.11 -10.30 1.47
C3 A1B7N I . 44.25 -10.42 1.48
C4 A1B7N I . 44.46 -10.41 0.71
C4 A1B7N I . 43.17 -9.92 0.48
C6 A1B7N I . 43.33 -8.52 3.72
C6 A1B7N I . 43.62 -8.62 3.65
C1 A1B7N I . 43.34 -14.30 2.23
C1 A1B7N I . 43.63 -14.36 2.10
N A1B7N I . 43.29 -14.77 3.52
N A1B7N I . 43.28 -14.83 3.35
C A1B7N I . 43.22 -14.01 4.67
C A1B7N I . 43.08 -14.07 4.49
O A1B7N I . 43.18 -14.55 5.78
O A1B7N I . 42.82 -14.61 5.56
C10 A1B7N I . 43.69 -7.28 7.30
C10 A1B7N I . 43.55 -7.40 7.26
C11 A1B7N I . 43.40 -9.56 6.31
C11 A1B7N I . 43.26 -9.66 6.20
C12 A1B7N I . 43.29 -10.43 5.22
C12 A1B7N I . 43.29 -10.52 5.11
C13 A1B7N I . 43.22 -12.60 4.43
C13 A1B7N I . 43.26 -12.67 4.29
C7 A1B7N I . 43.46 -7.67 4.80
C7 A1B7N I . 43.57 -7.75 4.75
C8 A1B7N I . 43.53 -6.18 4.55
C8 A1B7N I . 43.64 -6.26 4.52
C9 A1B7N I . 43.50 -8.19 6.11
C9 A1B7N I . 43.43 -8.28 6.04
N1 A1B7N I . 43.30 -12.96 2.00
N1 A1B7N I . 43.76 -13.03 1.90
N2 A1B7N I . 43.23 -10.80 2.83
N2 A1B7N I . 43.70 -10.89 2.76
N3 A1B7N I . 43.24 -11.79 5.45
N3 A1B7N I . 43.14 -11.89 5.32
O1 A1B7N I . 44.46 -10.50 -0.48
O1 A1B7N I . 43.50 -9.71 -0.65
O2 A1B7N I . 43.49 -15.11 1.31
O2 A1B7N I . 43.91 -15.17 1.20
C1 GOL J . 28.50 -15.68 12.37
O1 GOL J . 28.58 -17.03 12.02
C2 GOL J . 27.33 -15.02 11.63
O2 GOL J . 27.47 -15.20 10.23
C3 GOL J . 27.22 -13.55 12.01
O3 GOL J . 26.00 -13.06 11.49
C1 GOL K . 51.21 -19.80 -23.51
O1 GOL K . 50.39 -20.95 -23.64
C2 GOL K . 50.33 -18.58 -23.26
O2 GOL K . 51.03 -17.39 -23.59
C3 GOL K . 49.09 -18.72 -24.11
O3 GOL K . 49.46 -19.33 -25.33
C5 A1B7N L . -30.53 5.98 -10.11
C5 A1B7N L . -30.37 5.98 -10.23
C2 A1B7N L . -31.36 8.18 -10.65
C2 A1B7N L . -31.14 8.19 -10.78
C3 A1B7N L . -30.04 7.89 -8.60
C3 A1B7N L . -29.39 7.98 -9.12
C4 A1B7N L . -28.89 8.88 -8.85
C4 A1B7N L . -29.92 8.09 -7.66
C6 A1B7N L . -29.76 5.12 -9.33
C6 A1B7N L . -29.54 5.13 -9.50
C1 A1B7N L . -32.05 10.30 -11.22
C1 A1B7N L . -31.80 10.31 -11.38
N A1B7N L . -32.74 9.77 -12.31
N A1B7N L . -32.68 9.76 -12.31
C A1B7N L . -32.79 8.43 -12.65
C A1B7N L . -32.85 8.41 -12.56
O A1B7N L . -33.44 8.08 -13.64
O A1B7N L . -33.64 8.02 -13.42
C10 A1B7N L . -30.14 1.83 -11.22
C10 A1B7N L . -30.23 1.79 -11.20
C11 A1B7N L . -31.08 4.12 -11.57
C11 A1B7N L . -31.18 4.09 -11.50
C12 A1B7N L . -31.20 5.48 -11.24
C12 A1B7N L . -31.21 5.45 -11.22
C13 A1B7N L . -32.03 7.56 -11.77
C13 A1B7N L . -32.00 7.55 -11.75
C7 A1B7N L . -29.64 3.77 -9.66
C7 A1B7N L . -29.52 3.76 -9.78
C8 A1B7N L . -28.81 2.87 -8.79
C8 A1B7N L . -28.63 2.86 -8.94
C9 A1B7N L . -30.29 3.28 -10.81
C9 A1B7N L . -30.32 3.24 -10.81
N1 A1B7N L . -31.37 9.47 -10.38
N1 A1B7N L . -31.06 9.49 -10.60
N2 A1B7N L . -30.64 7.34 -9.83
N2 A1B7N L . -30.34 7.37 -10.04
N3 A1B7N L . -31.97 6.30 -12.06
N3 A1B7N L . -32.05 6.27 -11.97
O1 A1B7N L . -28.50 9.55 -7.94
O1 A1B7N L . -29.24 8.60 -6.83
O2 A1B7N L . -32.03 11.52 -11.07
O2 A1B7N L . -31.68 11.55 -11.31
C1 GOL M . -22.92 22.18 -40.19
O1 GOL M . -22.17 22.46 -41.36
C2 GOL M . -22.26 22.84 -38.99
O2 GOL M . -20.89 22.44 -38.90
C3 GOL M . -22.45 24.35 -39.01
O3 GOL M . -23.46 24.70 -39.95
C1 GOL N . -26.92 26.35 -42.55
O1 GOL N . -26.84 25.07 -43.12
C2 GOL N . -26.30 26.40 -41.17
O2 GOL N . -26.69 25.32 -40.34
C3 GOL N . -26.60 27.76 -40.54
O3 GOL N . -25.36 28.42 -40.56
NA NA O . -39.50 34.32 -28.36
NA NA P . 19.24 -6.30 14.41
#